data_7KUN
# 
_entry.id   7KUN 
# 
_audit_conform.dict_name       mmcif_pdbx.dic 
_audit_conform.dict_version    5.380 
_audit_conform.dict_location   http://mmcif.pdb.org/dictionaries/ascii/mmcif_pdbx.dic 
# 
loop_
_database_2.database_id 
_database_2.database_code 
_database_2.pdbx_database_accession 
_database_2.pdbx_DOI 
PDB   7KUN         pdb_00007kun 10.2210/pdb7kun/pdb 
WWPDB D_1000253079 ?            ?                   
# 
_pdbx_database_status.status_code                     REL 
_pdbx_database_status.status_code_sf                  REL 
_pdbx_database_status.status_code_mr                  ? 
_pdbx_database_status.entry_id                        7KUN 
_pdbx_database_status.recvd_initial_deposition_date   2020-11-25 
_pdbx_database_status.SG_entry                        N 
_pdbx_database_status.deposit_site                    RCSB 
_pdbx_database_status.process_site                    RCSB 
_pdbx_database_status.status_code_cs                  ? 
_pdbx_database_status.status_code_nmr_data            ? 
_pdbx_database_status.methods_development_category    ? 
_pdbx_database_status.pdb_format_compatible           Y 
# 
loop_
_audit_author.name 
_audit_author.pdbx_ordinal 
_audit_author.identifier_ORCID 
'Fang, Z.'      1 0000-0001-8679-6633 
'Giurgiu, C.'   2 0000-0003-0145-0110 
'Szostak, J.W.' 3 0000-0003-4131-1203 
# 
_citation.abstract                  ? 
_citation.abstract_id_CAS           ? 
_citation.book_id_ISBN              ? 
_citation.book_publisher            ? 
_citation.book_publisher_city       ? 
_citation.book_title                ? 
_citation.coordinate_linkage        ? 
_citation.country                   GE 
_citation.database_id_Medline       ? 
_citation.details                   ? 
_citation.id                        primary 
_citation.journal_abbrev            Angew.Chem.Int.Ed.Engl. 
_citation.journal_id_ASTM           ACIEAY 
_citation.journal_id_CSD            0179 
_citation.journal_id_ISSN           1521-3773 
_citation.journal_full              ? 
_citation.journal_issue             ? 
_citation.journal_volume            60 
_citation.language                  ? 
_citation.page_first                22925 
_citation.page_last                 22932 
_citation.title                     'Structure-Activity Relationships in Nonenzymatic Template-Directed RNA Synthesis.' 
_citation.year                      2021 
_citation.database_id_CSD           ? 
_citation.pdbx_database_id_DOI      10.1002/anie.202109714 
_citation.pdbx_database_id_PubMed   34428345 
_citation.unpublished_flag          ? 
# 
loop_
_citation_author.citation_id 
_citation_author.name 
_citation_author.ordinal 
_citation_author.identifier_ORCID 
primary 'Giurgiu, C.'    1 0000-0003-0145-0110 
primary 'Fang, Z.'       2 ?                   
primary 'Aitken, H.R.M.' 3 ?                   
primary 'Kim, S.C.'      4 ?                   
primary 'Pazienza, L.'   5 ?                   
primary 'Mittal, S.'     6 ?                   
primary 'Szostak, J.W.'  7 0000-0003-4131-1203 
# 
_cell.angle_alpha                  90.000 
_cell.angle_alpha_esd              ? 
_cell.angle_beta                   90.000 
_cell.angle_beta_esd               ? 
_cell.angle_gamma                  120.000 
_cell.angle_gamma_esd              ? 
_cell.entry_id                     7KUN 
_cell.details                      ? 
_cell.formula_units_Z              ? 
_cell.length_a                     48.783 
_cell.length_a_esd                 ? 
_cell.length_b                     48.783 
_cell.length_b_esd                 ? 
_cell.length_c                     82.434 
_cell.length_c_esd                 ? 
_cell.volume                       ? 
_cell.volume_esd                   ? 
_cell.Z_PDB                        12 
_cell.reciprocal_angle_alpha       ? 
_cell.reciprocal_angle_beta        ? 
_cell.reciprocal_angle_gamma       ? 
_cell.reciprocal_angle_alpha_esd   ? 
_cell.reciprocal_angle_beta_esd    ? 
_cell.reciprocal_angle_gamma_esd   ? 
_cell.reciprocal_length_a          ? 
_cell.reciprocal_length_b          ? 
_cell.reciprocal_length_c          ? 
_cell.reciprocal_length_a_esd      ? 
_cell.reciprocal_length_b_esd      ? 
_cell.reciprocal_length_c_esd      ? 
_cell.pdbx_unique_axis             ? 
# 
_symmetry.entry_id                         7KUN 
_symmetry.cell_setting                     ? 
_symmetry.Int_Tables_number                150 
_symmetry.space_group_name_Hall            ? 
_symmetry.space_group_name_H-M             'P 3 2 1' 
_symmetry.pdbx_full_space_group_name_H-M   ? 
# 
loop_
_entity.id 
_entity.type 
_entity.src_method 
_entity.pdbx_description 
_entity.formula_weight 
_entity.pdbx_number_of_molecules 
_entity.pdbx_ec 
_entity.pdbx_mutation 
_entity.pdbx_fragment 
_entity.details 
1 polymer     syn 
;RNA (5'-R(*(LKC)P*(LCC)P*(LCC)P*(LCG)P*AP*CP*UP*UP*AP*AP*GP*UP*C)-D(P*(GF2))-3')
;
4434.815 2   ? ? ? ? 
2 non-polymer syn "DIGUANOSINE-5'-TRIPHOSPHATE"                                                      788.406  2   ? ? ? ? 
3 non-polymer syn 'MAGNESIUM ION'                                                                    24.305   8   ? ? ? ? 
4 water       nat water                                                                              18.015   123 ? ? ? ? 
# 
_entity_poly.entity_id                      1 
_entity_poly.type                           polyribonucleotide 
_entity_poly.nstd_linkage                   no 
_entity_poly.nstd_monomer                   yes 
_entity_poly.pdbx_seq_one_letter_code       '(LKC)(LCC)(LCC)(LCG)ACUUAAGUC(GF2)' 
_entity_poly.pdbx_seq_one_letter_code_can   NNNGACUUAAGUCX 
_entity_poly.pdbx_strand_id                 A,B 
_entity_poly.pdbx_target_identifier         ? 
# 
loop_
_entity_poly_seq.entity_id 
_entity_poly_seq.num 
_entity_poly_seq.mon_id 
_entity_poly_seq.hetero 
1 1  LKC n 
1 2  LCC n 
1 3  LCC n 
1 4  LCG n 
1 5  A   n 
1 6  C   n 
1 7  U   n 
1 8  U   n 
1 9  A   n 
1 10 A   n 
1 11 G   n 
1 12 U   n 
1 13 C   n 
1 14 GF2 n 
# 
_pdbx_entity_src_syn.entity_id              1 
_pdbx_entity_src_syn.pdbx_src_id            1 
_pdbx_entity_src_syn.pdbx_alt_source_flag   sample 
_pdbx_entity_src_syn.pdbx_beg_seq_num       1 
_pdbx_entity_src_syn.pdbx_end_seq_num       14 
_pdbx_entity_src_syn.organism_scientific    'synthetic construct' 
_pdbx_entity_src_syn.organism_common_name   ? 
_pdbx_entity_src_syn.ncbi_taxonomy_id       32630 
_pdbx_entity_src_syn.details                ? 
# 
_struct_ref.id                         1 
_struct_ref.db_name                    PDB 
_struct_ref.db_code                    7KUN 
_struct_ref.pdbx_db_accession          7KUN 
_struct_ref.pdbx_db_isoform            ? 
_struct_ref.entity_id                  1 
_struct_ref.pdbx_seq_one_letter_code   ? 
_struct_ref.pdbx_align_begin           1 
# 
loop_
_struct_ref_seq.align_id 
_struct_ref_seq.ref_id 
_struct_ref_seq.pdbx_PDB_id_code 
_struct_ref_seq.pdbx_strand_id 
_struct_ref_seq.seq_align_beg 
_struct_ref_seq.pdbx_seq_align_beg_ins_code 
_struct_ref_seq.seq_align_end 
_struct_ref_seq.pdbx_seq_align_end_ins_code 
_struct_ref_seq.pdbx_db_accession 
_struct_ref_seq.db_align_beg 
_struct_ref_seq.pdbx_db_align_beg_ins_code 
_struct_ref_seq.db_align_end 
_struct_ref_seq.pdbx_db_align_end_ins_code 
_struct_ref_seq.pdbx_auth_seq_align_beg 
_struct_ref_seq.pdbx_auth_seq_align_end 
1 1 7KUN A 1 ? 14 ? 7KUN 1 ? 14 ? 1 14 
2 1 7KUN B 1 ? 14 ? 7KUN 1 ? 14 ? 1 14 
# 
loop_
_chem_comp.id 
_chem_comp.type 
_chem_comp.mon_nstd_flag 
_chem_comp.name 
_chem_comp.pdbx_synonyms 
_chem_comp.formula 
_chem_comp.formula_weight 
A   'RNA linking' y "ADENOSINE-5'-MONOPHOSPHATE" ? 'C10 H14 N5 O7 P'    347.221 
C   'RNA linking' y "CYTIDINE-5'-MONOPHOSPHATE" ? 'C9 H14 N3 O8 P'     323.197 
G   'RNA linking' y "GUANOSINE-5'-MONOPHOSPHATE" ? 'C10 H14 N5 O8 P'    363.221 
GF2 'DNA linking' n 
;2'-deoxy-2'-fluoroguanosine 5'-(dihydrogen phosphate)
;
? 'C10 H13 F N5 O7 P'  365.212 
GP3 non-polymer   . "DIGUANOSINE-5'-TRIPHOSPHATE" ? 'C20 H27 N10 O18 P3' 788.406 
HOH non-polymer   . WATER ? 'H2 O'               18.015  
LCC 'RNA linking' . 
'[(1R,3R,4R,7S)-7-HYDROXY-3-(5-METHYLCYTOSIN-1-YL)-2,5-DIOXABICYCLO[2.2.1]HEPT-1-YL]METHYL DIHYDROGEN PHOSPHATE'     ? 
'C11 H16 N3 O8 P'    349.234 
LCG 'RNA linking' n '[(1R,3R,4R,7S)-7-HYDROXY-3-(GUANIN-9-YL)-2,5-DIOXABICYCLO[2.2.1]HEPT-1-YL]METHYL DIHYDROGEN PHOSPHATE' ? 
'C11 H14 N5 O8 P'    375.231 
LKC 'RNA linking' . 
'4-AMINO-1-[(1S,3R,4R,7S)-7-HYDROXY-1-(HYDROXYMETHYL)-2,5-DIOXABICYCLO[2.2.1]HEPT-3-YL]-5-METHYLPYRIMIDIN-2(1H)-ONE' ? 
'C11 H15 N3 O5'      269.254 
MG  non-polymer   . 'MAGNESIUM ION' ? 'Mg 2'               24.305  
U   'RNA linking' y "URIDINE-5'-MONOPHOSPHATE" ? 'C9 H13 N2 O9 P'     324.181 
# 
_exptl.absorpt_coefficient_mu     ? 
_exptl.absorpt_correction_T_max   ? 
_exptl.absorpt_correction_T_min   ? 
_exptl.absorpt_correction_type    ? 
_exptl.absorpt_process_details    ? 
_exptl.entry_id                   7KUN 
_exptl.crystals_number            1 
_exptl.details                    ? 
_exptl.method                     'X-RAY DIFFRACTION' 
_exptl.method_details             ? 
# 
_exptl_crystal.colour                      ? 
_exptl_crystal.density_diffrn              ? 
_exptl_crystal.density_Matthews            2.83 
_exptl_crystal.density_method              ? 
_exptl_crystal.density_percent_sol         56.59 
_exptl_crystal.description                 ? 
_exptl_crystal.F_000                       ? 
_exptl_crystal.id                          1 
_exptl_crystal.preparation                 ? 
_exptl_crystal.size_max                    ? 
_exptl_crystal.size_mid                    ? 
_exptl_crystal.size_min                    ? 
_exptl_crystal.size_rad                    ? 
_exptl_crystal.colour_lustre               ? 
_exptl_crystal.colour_modifier             ? 
_exptl_crystal.colour_primary              ? 
_exptl_crystal.density_meas                ? 
_exptl_crystal.density_meas_esd            ? 
_exptl_crystal.density_meas_gt             ? 
_exptl_crystal.density_meas_lt             ? 
_exptl_crystal.density_meas_temp           ? 
_exptl_crystal.density_meas_temp_esd       ? 
_exptl_crystal.density_meas_temp_gt        ? 
_exptl_crystal.density_meas_temp_lt        ? 
_exptl_crystal.pdbx_crystal_image_url      ? 
_exptl_crystal.pdbx_crystal_image_format   ? 
_exptl_crystal.pdbx_mosaicity              ? 
_exptl_crystal.pdbx_mosaicity_esd          ? 
# 
_exptl_crystal_grow.apparatus       ? 
_exptl_crystal_grow.atmosphere      ? 
_exptl_crystal_grow.crystal_id      1 
_exptl_crystal_grow.details         ? 
_exptl_crystal_grow.method          'VAPOR DIFFUSION, HANGING DROP' 
_exptl_crystal_grow.method_ref      ? 
_exptl_crystal_grow.pH              4.6 
_exptl_crystal_grow.pressure        ? 
_exptl_crystal_grow.pressure_esd    ? 
_exptl_crystal_grow.seeding         ? 
_exptl_crystal_grow.seeding_ref     ? 
_exptl_crystal_grow.temp            293 
_exptl_crystal_grow.temp_details    ? 
_exptl_crystal_grow.temp_esd        ? 
_exptl_crystal_grow.time            ? 
_exptl_crystal_grow.pdbx_details    '0.1 M Sodium acetate trihydrate pH 4.6, 2.0 M Sodium formate, 50 mM Magnesium chloride' 
_exptl_crystal_grow.pdbx_pH_range   ? 
# 
_diffrn.ambient_environment              ? 
_diffrn.ambient_temp                     99 
_diffrn.ambient_temp_details             ? 
_diffrn.ambient_temp_esd                 ? 
_diffrn.crystal_id                       1 
_diffrn.crystal_support                  ? 
_diffrn.crystal_treatment                ? 
_diffrn.details                          ? 
_diffrn.id                               1 
_diffrn.ambient_pressure                 ? 
_diffrn.ambient_pressure_esd             ? 
_diffrn.ambient_pressure_gt              ? 
_diffrn.ambient_pressure_lt              ? 
_diffrn.ambient_temp_gt                  ? 
_diffrn.ambient_temp_lt                  ? 
_diffrn.pdbx_serial_crystal_experiment   N 
# 
_diffrn_detector.details                      ? 
_diffrn_detector.detector                     PIXEL 
_diffrn_detector.diffrn_id                    1 
_diffrn_detector.type                         'DECTRIS PILATUS 6M' 
_diffrn_detector.area_resol_mean              ? 
_diffrn_detector.dtime                        ? 
_diffrn_detector.pdbx_frames_total            ? 
_diffrn_detector.pdbx_collection_time_total   ? 
_diffrn_detector.pdbx_collection_date         2020-06-26 
_diffrn_detector.pdbx_frequency               ? 
# 
_diffrn_radiation.collimation                      ? 
_diffrn_radiation.diffrn_id                        1 
_diffrn_radiation.filter_edge                      ? 
_diffrn_radiation.inhomogeneity                    ? 
_diffrn_radiation.monochromator                    ? 
_diffrn_radiation.polarisn_norm                    ? 
_diffrn_radiation.polarisn_ratio                   ? 
_diffrn_radiation.probe                            ? 
_diffrn_radiation.type                             ? 
_diffrn_radiation.xray_symbol                      ? 
_diffrn_radiation.wavelength_id                    1 
_diffrn_radiation.pdbx_monochromatic_or_laue_m_l   M 
_diffrn_radiation.pdbx_wavelength_list             ? 
_diffrn_radiation.pdbx_wavelength                  ? 
_diffrn_radiation.pdbx_diffrn_protocol             'SINGLE WAVELENGTH' 
_diffrn_radiation.pdbx_analyzer                    ? 
_diffrn_radiation.pdbx_scattering_type             x-ray 
# 
_diffrn_radiation_wavelength.id           1 
_diffrn_radiation_wavelength.wavelength   0.977408 
_diffrn_radiation_wavelength.wt           1.0 
# 
_diffrn_source.current                     ? 
_diffrn_source.details                     ? 
_diffrn_source.diffrn_id                   1 
_diffrn_source.power                       ? 
_diffrn_source.size                        ? 
_diffrn_source.source                      SYNCHROTRON 
_diffrn_source.target                      ? 
_diffrn_source.type                        'ALS BEAMLINE 5.0.1' 
_diffrn_source.voltage                     ? 
_diffrn_source.take-off_angle              ? 
_diffrn_source.pdbx_wavelength_list        0.977408 
_diffrn_source.pdbx_wavelength             ? 
_diffrn_source.pdbx_synchrotron_beamline   5.0.1 
_diffrn_source.pdbx_synchrotron_site       ALS 
# 
_reflns.B_iso_Wilson_estimate            ? 
_reflns.entry_id                         7KUN 
_reflns.data_reduction_details           ? 
_reflns.data_reduction_method            ? 
_reflns.d_resolution_high                1.58 
_reflns.d_resolution_low                 50 
_reflns.details                          ? 
_reflns.limit_h_max                      ? 
_reflns.limit_h_min                      ? 
_reflns.limit_k_max                      ? 
_reflns.limit_k_min                      ? 
_reflns.limit_l_max                      ? 
_reflns.limit_l_min                      ? 
_reflns.number_all                       ? 
_reflns.number_obs                       16165 
_reflns.observed_criterion               ? 
_reflns.observed_criterion_F_max         ? 
_reflns.observed_criterion_F_min         ? 
_reflns.observed_criterion_I_max         ? 
_reflns.observed_criterion_I_min         ? 
_reflns.observed_criterion_sigma_F       ? 
_reflns.observed_criterion_sigma_I       ? 
_reflns.percent_possible_obs             100 
_reflns.R_free_details                   ? 
_reflns.Rmerge_F_all                     ? 
_reflns.Rmerge_F_obs                     ? 
_reflns.Friedel_coverage                 ? 
_reflns.number_gt                        ? 
_reflns.threshold_expression             ? 
_reflns.pdbx_redundancy                  18.5 
_reflns.pdbx_Rmerge_I_obs                0.038 
_reflns.pdbx_Rmerge_I_all                ? 
_reflns.pdbx_Rsym_value                  ? 
_reflns.pdbx_netI_over_av_sigmaI         ? 
_reflns.pdbx_netI_over_sigmaI            81.3 
_reflns.pdbx_res_netI_over_av_sigmaI_2   ? 
_reflns.pdbx_res_netI_over_sigmaI_2      ? 
_reflns.pdbx_chi_squared                 0.986 
_reflns.pdbx_scaling_rejects             ? 
_reflns.pdbx_d_res_high_opt              ? 
_reflns.pdbx_d_res_low_opt               ? 
_reflns.pdbx_d_res_opt_method            ? 
_reflns.phase_calculation_details        ? 
_reflns.pdbx_Rrim_I_all                  0.039 
_reflns.pdbx_Rpim_I_all                  0.009 
_reflns.pdbx_d_opt                       ? 
_reflns.pdbx_number_measured_all         ? 
_reflns.pdbx_diffrn_id                   1 
_reflns.pdbx_ordinal                     1 
_reflns.pdbx_CC_half                     0.999 
_reflns.pdbx_CC_star                     1.000 
_reflns.pdbx_R_split                     ? 
# 
_reflns_shell.d_res_high                  1.58 
_reflns_shell.d_res_low                   1.61 
_reflns_shell.meanI_over_sigI_all         ? 
_reflns_shell.meanI_over_sigI_obs         10.6 
_reflns_shell.number_measured_all         ? 
_reflns_shell.number_measured_obs         ? 
_reflns_shell.number_possible             ? 
_reflns_shell.number_unique_all           ? 
_reflns_shell.number_unique_obs           770 
_reflns_shell.percent_possible_all        100 
_reflns_shell.percent_possible_obs        ? 
_reflns_shell.Rmerge_F_all                ? 
_reflns_shell.Rmerge_F_obs                ? 
_reflns_shell.Rmerge_I_all                ? 
_reflns_shell.Rmerge_I_obs                0.330 
_reflns_shell.meanI_over_sigI_gt          ? 
_reflns_shell.meanI_over_uI_all           ? 
_reflns_shell.meanI_over_uI_gt            ? 
_reflns_shell.number_measured_gt          ? 
_reflns_shell.number_unique_gt            ? 
_reflns_shell.percent_possible_gt         ? 
_reflns_shell.Rmerge_F_gt                 ? 
_reflns_shell.Rmerge_I_gt                 ? 
_reflns_shell.pdbx_redundancy             17.2 
_reflns_shell.pdbx_Rsym_value             ? 
_reflns_shell.pdbx_chi_squared            0.950 
_reflns_shell.pdbx_netI_over_sigmaI_all   ? 
_reflns_shell.pdbx_netI_over_sigmaI_obs   ? 
_reflns_shell.pdbx_Rrim_I_all             0.340 
_reflns_shell.pdbx_Rpim_I_all             0.081 
_reflns_shell.pdbx_rejects                ? 
_reflns_shell.pdbx_ordinal                1 
_reflns_shell.pdbx_diffrn_id              1 
_reflns_shell.pdbx_CC_half                0.999 
_reflns_shell.pdbx_CC_star                1.000 
_reflns_shell.pdbx_R_split                ? 
# 
_refine.aniso_B[1][1]                            0.001 
_refine.aniso_B[1][2]                            0.000 
_refine.aniso_B[1][3]                            0.000 
_refine.aniso_B[2][2]                            0.001 
_refine.aniso_B[2][3]                            -0.000 
_refine.aniso_B[3][3]                            -0.002 
_refine.B_iso_max                                ? 
_refine.B_iso_mean                               17.073 
_refine.B_iso_min                                ? 
_refine.correlation_coeff_Fo_to_Fc               0.956 
_refine.correlation_coeff_Fo_to_Fc_free          0.922 
_refine.details                                  'Hydrogens have been added in their riding positions' 
_refine.diff_density_max                         ? 
_refine.diff_density_max_esd                     ? 
_refine.diff_density_min                         ? 
_refine.diff_density_min_esd                     ? 
_refine.diff_density_rms                         ? 
_refine.diff_density_rms_esd                     ? 
_refine.entry_id                                 7KUN 
_refine.pdbx_refine_id                           'X-RAY DIFFRACTION' 
_refine.ls_abs_structure_details                 ? 
_refine.ls_abs_structure_Flack                   ? 
_refine.ls_abs_structure_Flack_esd               ? 
_refine.ls_abs_structure_Rogers                  ? 
_refine.ls_abs_structure_Rogers_esd              ? 
_refine.ls_d_res_high                            1.58 
_refine.ls_d_res_low                             50 
_refine.ls_extinction_coef                       ? 
_refine.ls_extinction_coef_esd                   ? 
_refine.ls_extinction_expression                 ? 
_refine.ls_extinction_method                     ? 
_refine.ls_goodness_of_fit_all                   ? 
_refine.ls_goodness_of_fit_all_esd               ? 
_refine.ls_goodness_of_fit_obs                   ? 
_refine.ls_goodness_of_fit_obs_esd               ? 
_refine.ls_hydrogen_treatment                    ? 
_refine.ls_matrix_type                           ? 
_refine.ls_number_constraints                    ? 
_refine.ls_number_parameters                     ? 
_refine.ls_number_reflns_all                     ? 
_refine.ls_number_reflns_obs                     14745 
_refine.ls_number_reflns_R_free                  721 
_refine.ls_number_reflns_R_work                  14024 
_refine.ls_number_restraints                     ? 
_refine.ls_percent_reflns_obs                    91.165 
_refine.ls_percent_reflns_R_free                 4.890 
_refine.ls_R_factor_all                          0.195 
_refine.ls_R_factor_obs                          ? 
_refine.ls_R_factor_R_free                       0.2302 
_refine.ls_R_factor_R_free_error                 ? 
_refine.ls_R_factor_R_free_error_details         ? 
_refine.ls_R_factor_R_work                       0.1936 
_refine.ls_R_Fsqd_factor_obs                     ? 
_refine.ls_R_I_factor_obs                        ? 
_refine.ls_redundancy_reflns_all                 ? 
_refine.ls_redundancy_reflns_obs                 ? 
_refine.ls_restrained_S_all                      ? 
_refine.ls_restrained_S_obs                      ? 
_refine.ls_shift_over_esd_max                    ? 
_refine.ls_shift_over_esd_mean                   ? 
_refine.ls_structure_factor_coef                 ? 
_refine.ls_weighting_details                     ? 
_refine.ls_weighting_scheme                      ? 
_refine.ls_wR_factor_all                         ? 
_refine.ls_wR_factor_obs                         ? 
_refine.ls_wR_factor_R_free                      ? 
_refine.ls_wR_factor_R_work                      ? 
_refine.occupancy_max                            ? 
_refine.occupancy_min                            ? 
_refine.solvent_model_details                    'MASK BULK SOLVENT' 
_refine.solvent_model_param_bsol                 ? 
_refine.solvent_model_param_ksol                 ? 
_refine.pdbx_R_complete                          ? 
_refine.ls_R_factor_gt                           ? 
_refine.ls_goodness_of_fit_gt                    ? 
_refine.ls_goodness_of_fit_ref                   ? 
_refine.ls_shift_over_su_max                     ? 
_refine.ls_shift_over_su_max_lt                  ? 
_refine.ls_shift_over_su_mean                    ? 
_refine.ls_shift_over_su_mean_lt                 ? 
_refine.pdbx_ls_sigma_I                          ? 
_refine.pdbx_ls_sigma_F                          ? 
_refine.pdbx_ls_sigma_Fsqd                       ? 
_refine.pdbx_data_cutoff_high_absF               ? 
_refine.pdbx_data_cutoff_high_rms_absF           ? 
_refine.pdbx_data_cutoff_low_absF                ? 
_refine.pdbx_isotropic_thermal_model             ? 
_refine.pdbx_ls_cross_valid_method               THROUGHOUT 
_refine.pdbx_method_to_determine_struct          'MOLECULAR REPLACEMENT' 
_refine.pdbx_starting_model                      5UEE 
_refine.pdbx_stereochemistry_target_values       ? 
_refine.pdbx_R_Free_selection_details            ? 
_refine.pdbx_stereochem_target_val_spec_case     ? 
_refine.pdbx_overall_ESU_R                       0.089 
_refine.pdbx_overall_ESU_R_Free                  0.093 
_refine.pdbx_solvent_vdw_probe_radii             1.200 
_refine.pdbx_solvent_ion_probe_radii             0.800 
_refine.pdbx_solvent_shrinkage_radii             0.800 
_refine.pdbx_real_space_R                        ? 
_refine.pdbx_density_correlation                 ? 
_refine.pdbx_pd_number_of_powder_patterns        ? 
_refine.pdbx_pd_number_of_points                 ? 
_refine.pdbx_pd_meas_number_of_points            ? 
_refine.pdbx_pd_proc_ls_prof_R_factor            ? 
_refine.pdbx_pd_proc_ls_prof_wR_factor           ? 
_refine.pdbx_pd_Marquardt_correlation_coeff      ? 
_refine.pdbx_pd_Fsqrd_R_factor                   ? 
_refine.pdbx_pd_ls_matrix_band_width             ? 
_refine.pdbx_overall_phase_error                 ? 
_refine.pdbx_overall_SU_R_free_Cruickshank_DPI   ? 
_refine.pdbx_overall_SU_R_free_Blow_DPI          ? 
_refine.pdbx_overall_SU_R_Blow_DPI               ? 
_refine.pdbx_TLS_residual_ADP_flag               ? 
_refine.pdbx_diffrn_id                           1 
_refine.overall_SU_B                             1.480 
_refine.overall_SU_ML                            0.052 
_refine.overall_SU_R_Cruickshank_DPI             ? 
_refine.overall_SU_R_free                        ? 
_refine.overall_FOM_free_R_set                   ? 
_refine.overall_FOM_work_R_set                   ? 
_refine.pdbx_average_fsc_overall                 ? 
_refine.pdbx_average_fsc_work                    ? 
_refine.pdbx_average_fsc_free                    ? 
# 
_refine_hist.pdbx_refine_id                   'X-RAY DIFFRACTION' 
_refine_hist.cycle_id                         LAST 
_refine_hist.pdbx_number_atoms_protein        0 
_refine_hist.pdbx_number_atoms_nucleic_acid   488 
_refine_hist.pdbx_number_atoms_ligand         220 
_refine_hist.number_atoms_solvent             123 
_refine_hist.number_atoms_total               831 
_refine_hist.d_res_high                       1.58 
_refine_hist.d_res_low                        50 
# 
loop_
_refine_ls_restr.pdbx_refine_id 
_refine_ls_restr.criterion 
_refine_ls_restr.dev_ideal 
_refine_ls_restr.dev_ideal_target 
_refine_ls_restr.number 
_refine_ls_restr.rejects 
_refine_ls_restr.type 
_refine_ls_restr.weight 
_refine_ls_restr.pdbx_restraint_function 
'X-RAY DIFFRACTION' ? 0.030 0.018  792  ? r_bond_refined_d               ? ? 
'X-RAY DIFFRACTION' ? 0.031 0.025  350  ? r_bond_other_d                 ? ? 
'X-RAY DIFFRACTION' ? 3.483 2.144  1196 ? r_angle_refined_deg            ? ? 
'X-RAY DIFFRACTION' ? 3.744 3.208  822  ? r_angle_other_deg              ? ? 
'X-RAY DIFFRACTION' ? 0.149 0.200  142  ? r_chiral_restr                 ? ? 
'X-RAY DIFFRACTION' ? 1.769 0.200  22   ? r_chiral_restr_other           ? ? 
'X-RAY DIFFRACTION' ? 0.023 0.021  400  ? r_gen_planes_refined           ? ? 
'X-RAY DIFFRACTION' ? 0.002 0.023  148  ? r_gen_planes_other             ? ? 
'X-RAY DIFFRACTION' ? 0.109 0.200  74   ? r_nbd_refined                  ? ? 
'X-RAY DIFFRACTION' ? 0.210 0.200  503  ? r_symmetry_nbd_other           ? ? 
'X-RAY DIFFRACTION' ? 0.252 0.200  309  ? r_nbtor_refined                ? ? 
'X-RAY DIFFRACTION' ? 0.292 0.200  161  ? r_symmetry_nbtor_other         ? ? 
'X-RAY DIFFRACTION' ? 0.254 0.200  110  ? r_xyhbond_nbd_refined          ? ? 
'X-RAY DIFFRACTION' ? 0.159 0.200  1    ? r_metal_ion_refined            ? ? 
'X-RAY DIFFRACTION' ? 0.096 0.200  13   ? r_symmetry_nbd_refined         ? ? 
'X-RAY DIFFRACTION' ? 0.159 0.200  44   ? r_nbd_other                    ? ? 
'X-RAY DIFFRACTION' ? 0.263 0.200  16   ? r_symmetry_xyhbond_nbd_refined ? ? 
'X-RAY DIFFRACTION' ? 2.624 1.722  790  ? r_scbond_it                    ? ? 
'X-RAY DIFFRACTION' ? 2.623 1.721  791  ? r_scbond_other                 ? ? 
'X-RAY DIFFRACTION' ? 3.880 2.625  1196 ? r_scangle_it                   ? ? 
'X-RAY DIFFRACTION' ? 3.879 2.624  1197 ? r_scangle_other                ? ? 
'X-RAY DIFFRACTION' ? 5.619 15.517 1134 ? r_lrange_it                    ? ? 
'X-RAY DIFFRACTION' ? 5.445 14.949 1103 ? r_lrange_other                 ? ? 
# 
loop_
_refine_ls_shell.pdbx_refine_id 
_refine_ls_shell.d_res_high 
_refine_ls_shell.d_res_low 
_refine_ls_shell.number_reflns_all 
_refine_ls_shell.number_reflns_obs 
_refine_ls_shell.number_reflns_R_free 
_refine_ls_shell.number_reflns_R_work 
_refine_ls_shell.percent_reflns_obs 
_refine_ls_shell.percent_reflns_R_free 
_refine_ls_shell.R_factor_all 
_refine_ls_shell.R_factor_obs 
_refine_ls_shell.R_factor_R_free 
_refine_ls_shell.R_factor_R_free_error 
_refine_ls_shell.R_factor_R_work 
_refine_ls_shell.redundancy_reflns_all 
_refine_ls_shell.redundancy_reflns_obs 
_refine_ls_shell.wR_factor_all 
_refine_ls_shell.wR_factor_obs 
_refine_ls_shell.wR_factor_R_free 
_refine_ls_shell.wR_factor_R_work 
_refine_ls_shell.pdbx_R_complete 
_refine_ls_shell.pdbx_total_number_of_bins_used 
_refine_ls_shell.pdbx_phase_error 
_refine_ls_shell.pdbx_fsc_work 
_refine_ls_shell.pdbx_fsc_free 
'X-RAY DIFFRACTION' 1.58  1.620 . . 29 547 48.8550  . . . 0.355 . 0.212 . . . . . . . . . . . 
'X-RAY DIFFRACTION' 1.620 1.665 . . 30 646 60.0355  . . . 0.158 . .     . . . . . . . . . . . 
'X-RAY DIFFRACTION' 1.665 1.713 . . 25 798 74.8182  . . . 0.217 . 0.199 . . . . . . . . . . . 
'X-RAY DIFFRACTION' 1.713 1.766 . . 47 960 92.4702  . . . 0.256 . 0.202 . . . . . . . . . . . 
'X-RAY DIFFRACTION' 1.766 1.824 . . 66 981 99.4302  . . . 0.215 . 0.205 . . . . . . . . . . . 
'X-RAY DIFFRACTION' 1.824 1.888 . . 52 960 99.9013  . . . 0.295 . 0.235 . . . . . . . . . . . 
'X-RAY DIFFRACTION' 1.888 1.959 . . 35 954 100.0000 . . . 0.207 . .     . . . . . . . . . . . 
'X-RAY DIFFRACTION' 1.959 2.039 . . 37 912 100.0000 . . . 0.255 . 0.212 . . . . . . . . . . . 
'X-RAY DIFFRACTION' 2.039 2.129 . . 60 858 100.0000 . . . 0.209 . 0.200 . . . . . . . . . . . 
'X-RAY DIFFRACTION' 2.129 2.233 . . 48 829 100.0000 . . . 0.268 . 0.206 . . . . . . . . . . . 
'X-RAY DIFFRACTION' 2.233 2.354 . . 31 795 100.0000 . . . 0.263 . 0.170 . . . . . . . . . . . 
'X-RAY DIFFRACTION' 2.354 2.497 . . 40 739 100.0000 . . . 0.232 . 0.189 . . . . . . . . . . . 
'X-RAY DIFFRACTION' 2.497 2.669 . . 41 711 100.0000 . . . 0.250 . 0.209 . . . . . . . . . . . 
'X-RAY DIFFRACTION' 2.669 2.882 . . 30 675 100.0000 . . . 0.199 . 0.194 . . . . . . . . . . . 
'X-RAY DIFFRACTION' 2.882 3.157 . . 28 604 99.8420  . . . 0.200 . 0.181 . . . . . . . . . . . 
'X-RAY DIFFRACTION' 3.157 3.529 . . 39 557 99.6656  . . . 0.227 . 0.172 . . . . . . . . . . . 
'X-RAY DIFFRACTION' 3.529 4.074 . . 28 508 100.0000 . . . 0.195 . 0.164 . . . . . . . . . . . 
'X-RAY DIFFRACTION' 4.074 4.986 . . 22 430 100.0000 . . . 0.130 . .     . . . . . . . . . . . 
'X-RAY DIFFRACTION' 4.986 7.039 . . 14 353 100.0000 . . . 0.305 . 0.205 . . . . . . . . . . . 
'X-RAY DIFFRACTION' 7.039 50    . . 19 207 99.1228  . . . 0.302 . 0.232 . . . . . . . . . . . 
# 
_struct.entry_id                     7KUN 
_struct.title                        
;2'-F modification at 3' end of RNA primer complex with guanosine dinucleotide ligand G(5')ppp(5')G
;
_struct.pdbx_model_details           ? 
_struct.pdbx_formula_weight          ? 
_struct.pdbx_formula_weight_method   ? 
_struct.pdbx_model_type_details      ? 
_struct.pdbx_CASP_flag               N 
# 
_struct_keywords.entry_id        7KUN 
_struct_keywords.text            'RNA, nonenzymatic RNA extension' 
_struct_keywords.pdbx_keywords   RNA 
# 
loop_
_struct_asym.id 
_struct_asym.pdbx_blank_PDB_chainid_flag 
_struct_asym.pdbx_modified 
_struct_asym.entity_id 
_struct_asym.details 
A N N 1 ? 
B N N 1 ? 
C N N 2 ? 
D N N 3 ? 
E N N 3 ? 
F N N 3 ? 
G N N 3 ? 
H N N 2 ? 
I N N 3 ? 
J N N 3 ? 
K N N 3 ? 
L N N 3 ? 
M N N 4 ? 
N N N 4 ? 
# 
loop_
_struct_conn.id 
_struct_conn.conn_type_id 
_struct_conn.pdbx_leaving_atom_flag 
_struct_conn.pdbx_PDB_id 
_struct_conn.ptnr1_label_asym_id 
_struct_conn.ptnr1_label_comp_id 
_struct_conn.ptnr1_label_seq_id 
_struct_conn.ptnr1_label_atom_id 
_struct_conn.pdbx_ptnr1_label_alt_id 
_struct_conn.pdbx_ptnr1_PDB_ins_code 
_struct_conn.pdbx_ptnr1_standard_comp_id 
_struct_conn.ptnr1_symmetry 
_struct_conn.ptnr2_label_asym_id 
_struct_conn.ptnr2_label_comp_id 
_struct_conn.ptnr2_label_seq_id 
_struct_conn.ptnr2_label_atom_id 
_struct_conn.pdbx_ptnr2_label_alt_id 
_struct_conn.pdbx_ptnr2_PDB_ins_code 
_struct_conn.ptnr1_auth_asym_id 
_struct_conn.ptnr1_auth_comp_id 
_struct_conn.ptnr1_auth_seq_id 
_struct_conn.ptnr2_auth_asym_id 
_struct_conn.ptnr2_auth_comp_id 
_struct_conn.ptnr2_auth_seq_id 
_struct_conn.ptnr2_symmetry 
_struct_conn.pdbx_ptnr3_label_atom_id 
_struct_conn.pdbx_ptnr3_label_seq_id 
_struct_conn.pdbx_ptnr3_label_comp_id 
_struct_conn.pdbx_ptnr3_label_asym_id 
_struct_conn.pdbx_ptnr3_label_alt_id 
_struct_conn.pdbx_ptnr3_PDB_ins_code 
_struct_conn.details 
_struct_conn.pdbx_dist_value 
_struct_conn.pdbx_value_order 
_struct_conn.pdbx_role 
covale1  covale both ? A LKC 1  "O3'" ? ? ? 1_555 A LCC 2  P   ? ? A LKC 1   A LCC 2   1_555 ? ? ? ? ? ? ?            1.630 ? ? 
covale2  covale both ? A LCC 2  "O3'" ? ? ? 1_555 A LCC 3  P   ? ? A LCC 2   A LCC 3   1_555 ? ? ? ? ? ? ?            1.596 ? ? 
covale3  covale both ? A LCC 3  "O3'" ? ? ? 1_555 A LCG 4  P   ? ? A LCC 3   A LCG 4   1_555 ? ? ? ? ? ? ?            1.616 ? ? 
covale4  covale both ? A LCG 4  "O3'" ? ? ? 1_555 A A   5  P   ? ? A LCG 4   A A   5   1_555 ? ? ? ? ? ? ?            1.590 ? ? 
covale5  covale both ? A C   13 "O3'" ? ? ? 1_555 A GF2 14 P   ? ? A C   13  A GF2 14  1_555 ? ? ? ? ? ? ?            1.595 ? ? 
covale6  covale both ? B LKC 1  "O3'" ? ? ? 1_555 B LCC 2  P   ? ? B LKC 1   B LCC 2   1_555 ? ? ? ? ? ? ?            1.626 ? ? 
covale7  covale both ? B LCC 2  "O3'" ? ? ? 1_555 B LCC 3  P   ? ? B LCC 2   B LCC 3   1_555 ? ? ? ? ? ? ?            1.584 ? ? 
covale8  covale both ? B LCC 3  "O3'" ? ? ? 1_555 B LCG 4  P   ? ? B LCC 3   B LCG 4   1_555 ? ? ? ? ? ? ?            1.611 ? ? 
covale9  covale both ? B LCG 4  "O3'" ? ? ? 1_555 B A   5  P   ? ? B LCG 4   B A   5   1_555 ? ? ? ? ? ? ?            1.585 ? ? 
covale10 covale both ? B C   13 "O3'" ? ? ? 1_555 B GF2 14 P   ? ? B C   13  B GF2 14  1_555 ? ? ? ? ? ? ?            1.597 ? ? 
metalc1  metalc ?    ? C GP3 .  O3D   ? ? ? 1_555 I MG  .  MG  ? ? A GP3 101 B MG  102 1_555 ? ? ? ? ? ? ?            2.103 ? ? 
metalc2  metalc ?    ? C GP3 .  O2D   ? ? ? 1_555 I MG  .  MG  ? ? A GP3 101 B MG  102 1_555 ? ? ? ? ? ? ?            2.101 ? ? 
metalc3  metalc ?    ? C GP3 .  O3D   ? ? ? 1_555 I MG  .  MG  ? ? A GP3 101 B MG  102 2_785 ? ? ? ? ? ? ?            2.454 ? ? 
metalc4  metalc ?    ? C GP3 .  O2D   ? ? ? 1_555 I MG  .  MG  ? ? A GP3 101 B MG  102 3_475 ? ? ? ? ? ? ?            2.396 ? ? 
metalc5  metalc ?    ? C GP3 .  O2A   ? ? ? 1_555 K MG  .  MG  ? ? A GP3 101 B MG  104 1_555 ? ? ? ? ? ? ?            1.979 ? ? 
metalc6  metalc ?    ? C GP3 .  O2G   ? ? ? 1_555 K MG  .  MG  ? ? A GP3 101 B MG  104 1_555 ? ? ? ? ? ? ?            1.959 ? ? 
metalc7  metalc ?    ? D MG  .  MG    ? ? ? 1_555 H GP3 .  O3D ? ? A MG  102 B GP3 101 1_555 ? ? ? ? ? ? ?            2.107 ? ? 
metalc8  metalc ?    ? D MG  .  MG    ? ? ? 1_555 H GP3 .  O2D ? ? A MG  102 B GP3 101 1_555 ? ? ? ? ? ? ?            2.096 ? ? 
metalc9  metalc ?    ? D MG  .  MG    ? ? ? 1_555 H GP3 .  O3D ? ? A MG  102 B GP3 101 2_785 ? ? ? ? ? ? ?            2.464 ? ? 
metalc10 metalc ?    ? D MG  .  MG    ? ? ? 1_555 H GP3 .  O2D ? ? A MG  102 B GP3 101 3_475 ? ? ? ? ? ? ?            2.390 ? ? 
metalc11 metalc ?    ? E MG  .  MG    ? ? ? 1_555 M HOH .  O   ? ? A MG  103 A HOH 211 1_555 ? ? ? ? ? ? ?            2.170 ? ? 
metalc12 metalc ?    ? E MG  .  MG    ? ? ? 1_555 M HOH .  O   ? ? A MG  103 A HOH 222 1_555 ? ? ? ? ? ? ?            2.169 ? ? 
metalc13 metalc ?    ? E MG  .  MG    ? ? ? 1_555 M HOH .  O   ? ? A MG  103 A HOH 232 1_555 ? ? ? ? ? ? ?            2.058 ? ? 
metalc14 metalc ?    ? E MG  .  MG    ? ? ? 1_555 N HOH .  O   ? ? A MG  103 B HOH 240 1_555 ? ? ? ? ? ? ?            2.163 ? ? 
metalc15 metalc ?    ? E MG  .  MG    ? ? ? 1_555 N HOH .  O   ? ? A MG  103 B HOH 248 1_555 ? ? ? ? ? ? ?            2.008 ? ? 
metalc16 metalc ?    ? E MG  .  MG    ? ? ? 1_555 N HOH .  O   ? ? A MG  103 B HOH 258 1_555 ? ? ? ? ? ? ?            2.077 ? ? 
metalc17 metalc ?    ? F MG  .  MG    ? ? ? 1_555 H GP3 .  O2A ? ? A MG  104 B GP3 101 1_555 ? ? ? ? ? ? ?            1.986 ? ? 
metalc18 metalc ?    ? F MG  .  MG    ? ? ? 1_555 H GP3 .  O2G ? ? A MG  104 B GP3 101 1_555 ? ? ? ? ? ? ?            1.956 ? ? 
metalc19 metalc ?    ? F MG  .  MG    ? ? ? 1_555 N HOH .  O   ? ? A MG  104 B HOH 201 3_475 ? ? ? ? ? ? ?            2.182 ? ? 
metalc20 metalc ?    ? F MG  .  MG    ? ? ? 1_555 N HOH .  O   ? ? A MG  104 B HOH 202 1_555 ? ? ? ? ? ? ?            2.243 ? ? 
metalc21 metalc ?    ? F MG  .  MG    ? ? ? 1_555 N HOH .  O   ? ? A MG  104 B HOH 226 1_555 ? ? ? ? ? ? ?            2.767 ? ? 
metalc22 metalc ?    ? G MG  .  MG    ? ? ? 1_555 M HOH .  O   ? ? A MG  105 A HOH 218 1_555 ? ? ? ? ? ? ?            2.260 ? ? 
metalc23 metalc ?    ? G MG  .  MG    ? ? ? 1_555 M HOH .  O   ? ? A MG  105 A HOH 241 1_555 ? ? ? ? ? ? ?            2.424 ? ? 
metalc24 metalc ?    ? G MG  .  MG    ? ? ? 1_555 M HOH .  O   ? ? A MG  105 A HOH 264 1_555 ? ? ? ? ? ? ?            2.187 ? ? 
metalc25 metalc ?    ? G MG  .  MG    ? ? ? 1_555 M HOH .  O   ? ? A MG  105 A HOH 264 2_785 ? ? ? ? ? ? ?            2.187 ? ? 
metalc26 metalc ?    ? G MG  .  MG    ? ? ? 1_555 N HOH .  O   ? ? A MG  105 B HOH 223 1_555 ? ? ? ? ? ? ?            2.340 ? ? 
metalc27 metalc ?    ? G MG  .  MG    ? ? ? 1_555 N HOH .  O   ? ? A MG  105 B HOH 245 1_555 ? ? ? ? ? ? ?            2.517 ? ? 
metalc28 metalc ?    ? M HOH .  O     ? ? ? 2_785 K MG  .  MG  ? ? A HOH 201 B MG  104 1_555 ? ? ? ? ? ? ?            2.201 ? ? 
metalc29 metalc ?    ? M HOH .  O     ? ? ? 1_555 K MG  .  MG  ? ? A HOH 202 B MG  104 1_555 ? ? ? ? ? ? ?            2.155 ? ? 
metalc30 metalc ?    ? M HOH .  O     ? ? ? 1_555 L MG  .  MG  ? ? A HOH 210 B MG  105 1_555 ? ? ? ? ? ? ?            1.831 ? ? 
metalc31 metalc ?    ? M HOH .  O     ? ? ? 1_555 K MG  .  MG  ? ? A HOH 225 B MG  104 1_555 ? ? ? ? ? ? ?            2.847 ? ? 
metalc32 metalc ?    ? M HOH .  O     ? ? ? 1_555 J MG  .  MG  ? ? A HOH 237 B MG  103 1_555 ? ? ? ? ? ? ?            2.134 ? ? 
metalc33 metalc ?    ? M HOH .  O     ? ? ? 1_555 J MG  .  MG  ? ? A HOH 248 B MG  103 1_555 ? ? ? ? ? ? ?            2.030 ? ? 
metalc34 metalc ?    ? M HOH .  O     ? ? ? 1_555 J MG  .  MG  ? ? A HOH 259 B MG  103 1_555 ? ? ? ? ? ? ?            2.074 ? ? 
metalc35 metalc ?    ? M HOH .  O     ? ? ? 1_555 L MG  .  MG  ? ? A HOH 263 B MG  105 1_555 ? ? ? ? ? ? ?            2.872 ? ? 
metalc36 metalc ?    ? B GF2 14 O6    ? ? ? 1_555 L MG  .  MG  ? ? B GF2 14  B MG  105 1_555 ? ? ? ? ? ? ?            2.742 ? ? 
metalc37 metalc ?    ? J MG  .  MG    ? ? ? 1_555 N HOH .  O   ? ? B MG  103 B HOH 212 1_555 ? ? ? ? ? ? ?            2.151 ? ? 
metalc38 metalc ?    ? J MG  .  MG    ? ? ? 1_555 N HOH .  O   ? ? B MG  103 B HOH 222 1_555 ? ? ? ? ? ? ?            2.163 ? ? 
metalc39 metalc ?    ? J MG  .  MG    ? ? ? 1_555 N HOH .  O   ? ? B MG  103 B HOH 237 1_555 ? ? ? ? ? ? ?            2.069 ? ? 
metalc40 metalc ?    ? L MG  .  MG    ? ? ? 1_555 N HOH .  O   ? ? B MG  105 B HOH 225 1_555 ? ? ? ? ? ? ?            2.523 ? ? 
hydrog1  hydrog ?    ? A LCG 4  N1    ? ? ? 1_555 B C   13 N3  ? ? A LCG 4   B C   13  1_555 ? ? ? ? ? ? WATSON-CRICK ?     ? ? 
hydrog2  hydrog ?    ? A LCG 4  N2    ? ? ? 1_555 B C   13 O2  ? ? A LCG 4   B C   13  1_555 ? ? ? ? ? ? WATSON-CRICK ?     ? ? 
hydrog3  hydrog ?    ? A LCG 4  O6    ? ? ? 1_555 B C   13 N4  ? ? A LCG 4   B C   13  1_555 ? ? ? ? ? ? WATSON-CRICK ?     ? ? 
hydrog4  hydrog ?    ? A A   5  N1    ? ? ? 1_555 B U   12 N3  ? ? A A   5   B U   12  1_555 ? ? ? ? ? ? WATSON-CRICK ?     ? ? 
hydrog5  hydrog ?    ? A A   5  N6    ? ? ? 1_555 B U   12 O4  ? ? A A   5   B U   12  1_555 ? ? ? ? ? ? WATSON-CRICK ?     ? ? 
hydrog6  hydrog ?    ? A C   6  N3    ? ? ? 1_555 B G   11 N1  ? ? A C   6   B G   11  1_555 ? ? ? ? ? ? WATSON-CRICK ?     ? ? 
hydrog7  hydrog ?    ? A C   6  N4    ? ? ? 1_555 B G   11 O6  ? ? A C   6   B G   11  1_555 ? ? ? ? ? ? WATSON-CRICK ?     ? ? 
hydrog8  hydrog ?    ? A C   6  O2    ? ? ? 1_555 B G   11 N2  ? ? A C   6   B G   11  1_555 ? ? ? ? ? ? WATSON-CRICK ?     ? ? 
hydrog9  hydrog ?    ? A U   7  N3    ? ? ? 1_555 B A   10 N1  ? ? A U   7   B A   10  1_555 ? ? ? ? ? ? WATSON-CRICK ?     ? ? 
hydrog10 hydrog ?    ? A U   7  O4    ? ? ? 1_555 B A   10 N6  ? ? A U   7   B A   10  1_555 ? ? ? ? ? ? WATSON-CRICK ?     ? ? 
hydrog11 hydrog ?    ? A U   8  N3    ? ? ? 1_555 B A   9  N1  ? ? A U   8   B A   9   1_555 ? ? ? ? ? ? WATSON-CRICK ?     ? ? 
hydrog12 hydrog ?    ? A U   8  O4    ? ? ? 1_555 B A   9  N6  ? ? A U   8   B A   9   1_555 ? ? ? ? ? ? WATSON-CRICK ?     ? ? 
hydrog13 hydrog ?    ? A A   9  N1    ? ? ? 1_555 B U   8  N3  ? ? A A   9   B U   8   1_555 ? ? ? ? ? ? WATSON-CRICK ?     ? ? 
hydrog14 hydrog ?    ? A A   9  N6    ? ? ? 1_555 B U   8  O4  ? ? A A   9   B U   8   1_555 ? ? ? ? ? ? WATSON-CRICK ?     ? ? 
hydrog15 hydrog ?    ? A A   10 N1    ? ? ? 1_555 B U   7  N3  ? ? A A   10  B U   7   1_555 ? ? ? ? ? ? WATSON-CRICK ?     ? ? 
hydrog16 hydrog ?    ? A A   10 N6    ? ? ? 1_555 B U   7  O4  ? ? A A   10  B U   7   1_555 ? ? ? ? ? ? WATSON-CRICK ?     ? ? 
hydrog17 hydrog ?    ? A G   11 N1    ? ? ? 1_555 B C   6  N3  ? ? A G   11  B C   6   1_555 ? ? ? ? ? ? WATSON-CRICK ?     ? ? 
hydrog18 hydrog ?    ? A G   11 N2    ? ? ? 1_555 B C   6  O2  ? ? A G   11  B C   6   1_555 ? ? ? ? ? ? WATSON-CRICK ?     ? ? 
hydrog19 hydrog ?    ? A G   11 O6    ? ? ? 1_555 B C   6  N4  ? ? A G   11  B C   6   1_555 ? ? ? ? ? ? WATSON-CRICK ?     ? ? 
hydrog20 hydrog ?    ? A U   12 N3    ? ? ? 1_555 B A   5  N1  ? ? A U   12  B A   5   1_555 ? ? ? ? ? ? WATSON-CRICK ?     ? ? 
hydrog21 hydrog ?    ? A U   12 O4    ? ? ? 1_555 B A   5  N6  ? ? A U   12  B A   5   1_555 ? ? ? ? ? ? WATSON-CRICK ?     ? ? 
hydrog22 hydrog ?    ? A C   13 N3    ? ? ? 1_555 B LCG 4  N1  ? ? A C   13  B LCG 4   1_555 ? ? ? ? ? ? WATSON-CRICK ?     ? ? 
hydrog23 hydrog ?    ? A C   13 N4    ? ? ? 1_555 B LCG 4  O6  ? ? A C   13  B LCG 4   1_555 ? ? ? ? ? ? WATSON-CRICK ?     ? ? 
hydrog24 hydrog ?    ? A C   13 O2    ? ? ? 1_555 B LCG 4  N2  ? ? A C   13  B LCG 4   1_555 ? ? ? ? ? ? WATSON-CRICK ?     ? ? 
# 
loop_
_struct_conn_type.id 
_struct_conn_type.criteria 
_struct_conn_type.reference 
covale ? ? 
metalc ? ? 
hydrog ? ? 
# 
_atom_sites.entry_id                    7KUN 
_atom_sites.Cartn_transf_matrix[1][1]   ? 
_atom_sites.Cartn_transf_matrix[1][2]   ? 
_atom_sites.Cartn_transf_matrix[1][3]   ? 
_atom_sites.Cartn_transf_matrix[2][1]   ? 
_atom_sites.Cartn_transf_matrix[2][2]   ? 
_atom_sites.Cartn_transf_matrix[2][3]   ? 
_atom_sites.Cartn_transf_matrix[3][1]   ? 
_atom_sites.Cartn_transf_matrix[3][2]   ? 
_atom_sites.Cartn_transf_matrix[3][3]   ? 
_atom_sites.Cartn_transf_vector[1]      ? 
_atom_sites.Cartn_transf_vector[2]      ? 
_atom_sites.Cartn_transf_vector[3]      ? 
_atom_sites.fract_transf_matrix[1][1]   -0.00802451 
_atom_sites.fract_transf_matrix[1][2]   -0.00015138 
_atom_sites.fract_transf_matrix[1][3]   0.02226792 
_atom_sites.fract_transf_matrix[2][1]   -0.02158370 
_atom_sites.fract_transf_matrix[2][2]   -0.00847949 
_atom_sites.fract_transf_matrix[2][3]   0.00474459 
_atom_sites.fract_transf_matrix[3][1]   0.00470284 
_atom_sites.fract_transf_matrix[3][2]   -0.01106443 
_atom_sites.fract_transf_matrix[3][3]   0.00161951 
_atom_sites.fract_transf_vector[1]      0.206406 
_atom_sites.fract_transf_vector[2]      1.414863 
_atom_sites.fract_transf_vector[3]      1.251567 
_atom_sites.solution_primary            ? 
_atom_sites.solution_secondary          ? 
_atom_sites.solution_hydrogens          ? 
_atom_sites.special_details             ? 
# 
loop_
_atom_type.symbol 
_atom_type.pdbx_scat_Z 
_atom_type.pdbx_N_electrons 
_atom_type.scat_Cromer_Mann_a1 
_atom_type.scat_Cromer_Mann_b1 
_atom_type.scat_Cromer_Mann_a2 
_atom_type.scat_Cromer_Mann_b2 
_atom_type.scat_Cromer_Mann_a3 
_atom_type.scat_Cromer_Mann_b3 
_atom_type.scat_Cromer_Mann_a4 
_atom_type.scat_Cromer_Mann_b4 
_atom_type.scat_Cromer_Mann_c 
C  6  6  2.310  20.844 1.020 10.208 1.589 0.569  0.865 51.651 0.216   
F  9  9  3.539  10.282 2.641 4.294  1.517 0.262  1.024 26.148 0.278   
H  1  1  0.493  10.511 0.323 26.126 0.140 3.142  0.041 57.800 0.003   
MG 12 12 5.427  2.828  2.176 79.261 1.228 0.381  2.310 7.194  0.859   
N  7  7  12.222 0.006  3.135 9.893  2.014 28.997 1.167 0.583  -11.538 
O  8  8  3.049  13.277 2.287 5.701  1.546 0.324  0.867 32.909 0.251   
P  15 15 6.435  1.907  4.179 27.157 1.780 0.526  1.491 68.164 1.115   
# 
loop_
_atom_site.group_PDB 
_atom_site.id 
_atom_site.type_symbol 
_atom_site.label_atom_id 
_atom_site.label_alt_id 
_atom_site.label_comp_id 
_atom_site.label_asym_id 
_atom_site.label_entity_id 
_atom_site.label_seq_id 
_atom_site.pdbx_PDB_ins_code 
_atom_site.Cartn_x 
_atom_site.Cartn_y 
_atom_site.Cartn_z 
_atom_site.occupancy 
_atom_site.B_iso_or_equiv 
_atom_site.pdbx_formal_charge 
_atom_site.auth_seq_id 
_atom_site.auth_comp_id 
_atom_site.auth_asym_id 
_atom_site.auth_atom_id 
_atom_site.pdbx_PDB_model_num 
_atom_site.calc_flag 
HETATM 1   N  N1    . LKC A 1 1  ? 7.315   -18.422 -7.987  1.000 8.272  0 1   LKC A N1    1 ? 
HETATM 2   C  C2    . LKC A 1 1  ? 6.681   -18.786 -6.817  1.000 7.009  0 1   LKC A C2    1 ? 
HETATM 3   N  N3    . LKC A 1 1  ? 7.302   -18.513 -5.685  1.000 7.195  0 1   LKC A N3    1 ? 
HETATM 4   C  C4    . LKC A 1 1  ? 8.473   -17.974 -5.573  1.000 8.298  0 1   LKC A C4    1 ? 
HETATM 5   C  C5    . LKC A 1 1  ? 9.180   -17.512 -6.731  1.000 9.444  0 1   LKC A C5    1 ? 
HETATM 6   C  C6    . LKC A 1 1  ? 8.542   -17.825 -7.876  1.000 8.475  0 1   LKC A C6    1 ? 
HETATM 7   O  O2    . LKC A 1 1  ? 5.581   -19.317 -6.952  1.000 6.931  0 1   LKC A O2    1 ? 
HETATM 8   N  N4    . LKC A 1 1  ? 9.004   -17.700 -4.456  1.000 9.295  0 1   LKC A N4    1 ? 
HETATM 9   C  "C1'" . LKC A 1 1  ? 6.672   -18.803 -9.269  1.000 8.732  0 1   LKC A "C1'" 1 ? 
HETATM 10  C  "C2'" . LKC A 1 1  ? 5.578   -17.848 -9.732  1.000 8.651  0 1   LKC A "C2'" 1 ? 
HETATM 11  C  "C3'" . LKC A 1 1  ? 6.400   -16.689 -10.356 1.000 9.480  0 1   LKC A "C3'" 1 ? 
HETATM 12  C  "C4'" . LKC A 1 1  ? 7.073   -17.705 -11.312 1.000 9.588  0 1   LKC A "C4'" 1 ? 
HETATM 13  O  "O4'" . LKC A 1 1  ? 7.663   -18.628 -10.391 1.000 10.200 0 1   LKC A "O4'" 1 ? 
HETATM 14  O  "O3'" . LKC A 1 1  ? 5.464   -15.876 -11.063 1.000 9.882  0 1   LKC A "O3'" 1 ? 
HETATM 15  C  "C5'" . LKC A 1 1  ? 8.017   -17.133 -12.366 1.000 10.908 0 1   LKC A "C5'" 1 ? 
HETATM 16  O  "O5'" . LKC A 1 1  ? 9.015   -16.501 -11.610 1.000 12.583 0 1   LKC A "O5'" 1 ? 
HETATM 17  C  C5A   . LKC A 1 1  ? 10.468  -16.864 -6.710  1.000 11.868 0 1   LKC A C5A   1 ? 
HETATM 18  O  "O2'" . LKC A 1 1  ? 4.858   -18.526 -10.767 1.000 9.369  0 1   LKC A "O2'" 1 ? 
HETATM 19  C  "C6'" . LKC A 1 1  ? 5.911   -18.407 -11.911 1.000 9.632  0 1   LKC A "C6'" 1 ? 
HETATM 20  O  "O5'" . LCC A 1 2  ? 3.687   -15.202 -9.407  1.000 8.655  0 2   LCC A "O5'" 1 ? 
HETATM 21  C  "C5'" . LCC A 1 2  ? 2.545   -15.807 -9.976  1.000 8.134  0 2   LCC A "C5'" 1 ? 
HETATM 22  C  "C4'" . LCC A 1 2  ? 1.827   -16.318 -8.729  1.000 7.609  0 2   LCC A "C4'" 1 ? 
HETATM 23  O  "O4'" . LCC A 1 2  ? 2.659   -17.186 -7.918  1.000 6.910  0 2   LCC A "O4'" 1 ? 
HETATM 24  C  "C1'" . LCC A 1 2  ? 2.032   -17.242 -6.558  1.000 6.579  0 2   LCC A "C1'" 1 ? 
HETATM 25  N  N1    . LCC A 1 2  ? 3.070   -16.807 -5.627  1.000 5.510  0 2   LCC A N1    1 ? 
HETATM 26  C  C6    . LCC A 1 2  ? 4.257   -16.184 -5.969  1.000 5.658  0 2   LCC A C6    1 ? 
HETATM 27  C  C5    . LCC A 1 2  ? 5.149   -15.886 -5.027  1.000 5.748  0 2   LCC A C5    1 ? 
HETATM 28  C  C5M   . LCC A 1 2  ? 6.365   -15.239 -5.390  1.000 6.443  0 2   LCC A C5M   1 ? 
HETATM 29  C  C4    . LCC A 1 2  ? 4.819   -16.191 -3.645  1.000 5.769  0 2   LCC A C4    1 ? 
HETATM 30  N  N4    . LCC A 1 2  ? 5.735   -15.899 -2.763  1.000 5.852  0 2   LCC A N4    1 ? 
HETATM 31  N  N3    . LCC A 1 2  ? 3.675   -16.783 -3.341  1.000 6.156  0 2   LCC A N3    1 ? 
HETATM 32  C  C2    . LCC A 1 2  ? 2.794   -17.068 -4.282  1.000 5.545  0 2   LCC A C2    1 ? 
HETATM 33  O  O2    . LCC A 1 2  ? 1.696   -17.607 -4.026  1.000 5.669  0 2   LCC A O2    1 ? 
HETATM 34  C  "C3'" . LCC A 1 2  ? 1.546   -15.209 -7.711  1.000 7.469  0 2   LCC A "C3'" 1 ? 
HETATM 35  C  "C2'" . LCC A 1 2  ? 0.904   -16.258 -6.722  1.000 6.463  0 2   LCC A "C2'" 1 ? 
HETATM 36  O  "O2'" . LCC A 1 2  ? -0.068  -16.918 -7.461  1.000 7.942  0 2   LCC A "O2'" 1 ? 
HETATM 37  O  "O3'" . LCC A 1 2  ? 0.596   -14.248 -8.180  1.000 9.089  0 2   LCC A "O3'" 1 ? 
HETATM 38  C  "C6'" . LCC A 1 2  ? 0.447   -16.969 -8.903  1.000 7.651  0 2   LCC A "C6'" 1 ? 
HETATM 39  P  P     . LCC A 1 2  ? 4.794   -14.537 -10.417 1.000 10.191 0 2   LCC A P     1 ? 
HETATM 40  O  O1P   . LCC A 1 2  ? 5.766   -13.897 -9.574  1.000 8.406  0 2   LCC A O1P   1 ? 
HETATM 41  O  O2P   . LCC A 1 2  ? 4.212   -13.821 -11.541 1.000 11.646 0 2   LCC A O2P   1 ? 
HETATM 42  O  "O5'" . LCC A 1 3  ? -0.389  -13.235 -6.123  1.000 8.011  0 3   LCC A "O5'" 1 ? 
HETATM 43  C  "C5'" . LCC A 1 3  ? -1.662  -13.793 -6.243  1.000 5.834  0 3   LCC A "C5'" 1 ? 
HETATM 44  C  "C4'" . LCC A 1 3  ? -2.043  -14.102 -4.777  1.000 5.461  0 3   LCC A "C4'" 1 ? 
HETATM 45  O  "O4'" . LCC A 1 3  ? -1.122  -15.054 -4.192  1.000 5.366  0 3   LCC A "O4'" 1 ? 
HETATM 46  C  "C1'" . LCC A 1 3  ? -1.102  -14.831 -2.734  1.000 5.187  0 3   LCC A "C1'" 1 ? 
HETATM 47  N  N1    . LCC A 1 3  ? 0.176   -14.364 -2.256  1.000 4.870  0 3   LCC A N1    1 ? 
HETATM 48  C  C6    . LCC A 1 3  ? 1.180   -13.925 -3.148  1.000 5.181  0 3   LCC A C6    1 ? 
HETATM 49  C  C5    . LCC A 1 3  ? 2.388   -13.576 -2.654  1.000 5.442  0 3   LCC A C5    1 ? 
HETATM 50  C  C5M   . LCC A 1 3  ? 3.332   -13.052 -3.621  1.000 5.633  0 3   LCC A C5M   1 ? 
HETATM 51  C  C4    . LCC A 1 3  ? 2.578   -13.718 -1.243  1.000 5.006  0 3   LCC A C4    1 ? 
HETATM 52  N  N4    . LCC A 1 3  ? 3.758   -13.474 -0.703  1.000 5.948  0 3   LCC A N4    1 ? 
HETATM 53  N  N3    . LCC A 1 3  ? 1.568   -14.211 -0.442  1.000 5.381  0 3   LCC A N3    1 ? 
HETATM 54  C  C2    . LCC A 1 3  ? 0.391   -14.500 -0.948  1.000 5.228  0 3   LCC A C2    1 ? 
HETATM 55  O  O2    . LCC A 1 3  ? -0.549  -14.891 -0.185  1.000 5.153  0 3   LCC A O2    1 ? 
HETATM 56  C  "C3'" . LCC A 1 3  ? -1.961  -12.957 -3.753  1.000 5.152  0 3   LCC A "C3'" 1 ? 
HETATM 57  C  "C2'" . LCC A 1 3  ? -2.238  -13.869 -2.642  1.000 4.923  0 3   LCC A "C2'" 1 ? 
HETATM 58  O  "O2'" . LCC A 1 3  ? -3.479  -14.553 -3.040  1.000 6.092  0 3   LCC A "O2'" 1 ? 
HETATM 59  O  "O3'" . LCC A 1 3  ? -2.985  -12.024 -4.099  1.000 5.750  0 3   LCC A "O3'" 1 ? 
HETATM 60  C  "C6'" . LCC A 1 3  ? -3.392  -14.705 -4.582  1.000 5.536  0 3   LCC A "C6'" 1 ? 
HETATM 61  P  P     . LCC A 1 3  ? 0.459   -12.817 -7.488  1.000 8.584  0 3   LCC A P     1 ? 
HETATM 62  O  O1P   . LCC A 1 3  ? 1.662   -12.240 -7.021  1.000 8.296  0 3   LCC A O1P   1 ? 
HETATM 63  O  O2P   . LCC A 1 3  ? -0.439  -12.074 -8.368  1.000 10.404 0 3   LCC A O2P   1 ? 
HETATM 64  P  P     . LCG A 1 4  ? -2.869  -10.459 -3.715  1.000 6.971  0 4   LCG A P     1 ? 
HETATM 65  O  OP1   . LCG A 1 4  ? -4.041  -9.864  -4.382  1.000 8.000  0 4   LCG A OP1   1 ? 
HETATM 66  O  "O5'" . LCG A 1 4  ? -2.988  -10.463 -2.093  1.000 6.198  0 4   LCG A "O5'" 1 ? 
HETATM 67  C  "C5'" . LCG A 1 4  ? -4.249  -10.881 -1.573  1.000 5.520  0 4   LCG A "C5'" 1 ? 
HETATM 68  C  "C3'" . LCG A 1 4  ? -3.390  -9.599  0.563   1.000 5.522  0 4   LCG A "C3'" 1 ? 
HETATM 69  C  "C6'" . LCG A 1 4  ? -5.178  -11.126 0.813   1.000 5.900  0 4   LCG A "C6'" 1 ? 
HETATM 70  N  N9    . LCG A 1 4  ? -0.998  -11.220 1.359   1.000 5.427  0 4   LCG A N9    1 ? 
HETATM 71  C  C8    . LCG A 1 4  ? -0.347  -11.156 0.151   1.000 5.728  0 4   LCG A C8    1 ? 
HETATM 72  C  C4    . LCG A 1 4  ? -0.100  -11.151 2.325   1.000 5.666  0 4   LCG A C4    1 ? 
HETATM 73  N  N7    . LCG A 1 4  ? 0.948   -11.010 0.367   1.000 6.261  0 4   LCG A N7    1 ? 
HETATM 74  C  C5    . LCG A 1 4  ? 1.129   -11.008 1.729   1.000 6.058  0 4   LCG A C5    1 ? 
HETATM 75  C  C6    . LCG A 1 4  ? 2.229   -10.917 2.506   1.000 7.040  0 4   LCG A C6    1 ? 
HETATM 76  C  "C2'" . LCG A 1 4  ? -3.308  -10.252 1.911   1.000 5.479  0 4   LCG A "C2'" 1 ? 
HETATM 77  O  O6    . LCG A 1 4  ? 3.384   -10.818 2.051   1.000 8.371  0 4   LCG A O6    1 ? 
HETATM 78  C  "C4'" . LCG A 1 4  ? -3.962  -10.875 0.002   1.000 5.892  0 4   LCG A "C4'" 1 ? 
HETATM 79  C  "C1'" . LCG A 1 4  ? -2.438  -11.477 1.592   1.000 5.690  0 4   LCG A "C1'" 1 ? 
HETATM 80  C  C2    . LCG A 1 4  ? 0.781   -10.981 4.450   1.000 5.642  0 4   LCG A C2    1 ? 
HETATM 81  N  N1    . LCG A 1 4  ? 2.029   -10.896 3.866   1.000 6.381  0 4   LCG A N1    1 ? 
HETATM 82  O  "O4'" . LCG A 1 4  ? -2.956  -11.891 0.357   1.000 5.855  0 4   LCG A "O4'" 1 ? 
HETATM 83  O  OP2   . LCG A 1 4  ? -1.478  -9.948  -3.930  1.000 7.560  0 4   LCG A OP2   1 ? 
HETATM 84  N  N2    . LCG A 1 4  ? 0.688   -10.954 5.811   1.000 5.495  0 4   LCG A N2    1 ? 
HETATM 85  N  N3    . LCG A 1 4  ? -0.343  -11.115 3.637   1.000 5.714  0 4   LCG A N3    1 ? 
HETATM 86  O  "O2'" . LCG A 1 4  ? -4.644  -10.724 2.157   1.000 5.869  0 4   LCG A "O2'" 1 ? 
HETATM 87  O  "O3'" . LCG A 1 4  ? -4.322  -8.523  0.488   1.000 5.546  0 4   LCG A "O3'" 1 ? 
ATOM   88  P  P     . A   A 1 5  ? -3.837  -7.009  0.477   1.000 6.754  0 5   A   A P     1 ? 
ATOM   89  O  OP1   . A   A 1 5  ? -5.057  -6.210  0.037   1.000 6.707  0 5   A   A OP1   1 ? 
ATOM   90  O  OP2   . A   A 1 5  ? -2.572  -6.782  -0.215  1.000 7.803  0 5   A   A OP2   1 ? 
ATOM   91  O  "O5'" . A   A 1 5  ? -3.556  -6.755  2.023   1.000 6.152  0 5   A   A "O5'" 1 ? 
ATOM   92  C  "C5'" . A   A 1 5  ? -4.580  -6.919  3.009   1.000 5.896  0 5   A   A "C5'" 1 ? 
ATOM   93  C  "C4'" . A   A 1 5  ? -3.948  -6.816  4.390   1.000 5.869  0 5   A   A "C4'" 1 ? 
ATOM   94  O  "O4'" . A   A 1 5  ? -3.050  -7.944  4.583   1.000 5.837  0 5   A   A "O4'" 1 ? 
ATOM   95  C  "C3'" . A   A 1 5  ? -3.084  -5.593  4.674   1.000 6.086  0 5   A   A "C3'" 1 ? 
ATOM   96  O  "O3'" . A   A 1 5  ? -3.903  -4.478  4.973   1.000 6.455  0 5   A   A "O3'" 1 ? 
ATOM   97  C  "C2'" . A   A 1 5  ? -2.279  -6.092  5.877   1.000 6.795  0 5   A   A "C2'" 1 ? 
ATOM   98  O  "O2'" . A   A 1 5  ? -3.171  -6.084  6.969   1.000 7.045  0 5   A   A "O2'" 1 ? 
ATOM   99  C  "C1'" . A   A 1 5  ? -1.912  -7.490  5.363   1.000 6.806  0 5   A   A "C1'" 1 ? 
ATOM   100 N  N9    . A   A 1 5  ? -0.756  -7.503  4.497   1.000 7.214  0 5   A   A N9    1 ? 
ATOM   101 C  C8    . A   A 1 5  ? -0.714  -7.613  3.124   1.000 7.120  0 5   A   A C8    1 ? 
ATOM   102 N  N7    . A   A 1 5  ? 0.501   -7.666  2.640   1.000 8.509  0 5   A   A N7    1 ? 
ATOM   103 C  C5    . A   A 1 5  ? 1.309   -7.591  3.760   1.000 8.230  0 5   A   A C5    1 ? 
ATOM   104 C  C6    . A   A 1 5  ? 2.705   -7.608  3.914   1.000 10.479 0 5   A   A C6    1 ? 
ATOM   105 N  N6    . A   A 1 5  ? 3.547   -7.711  2.896   1.000 10.573 0 5   A   A N6    1 ? 
ATOM   106 N  N1    . A   A 1 5  ? 3.199   -7.504  5.158   1.000 10.396 0 5   A   A N1    1 ? 
ATOM   107 C  C2    . A   A 1 5  ? 2.348   -7.458  6.184   1.000 9.774  0 5   A   A C2    1 ? 
ATOM   108 N  N3    . A   A 1 5  ? 1.011   -7.405  6.169   1.000 10.377 0 5   A   A N3    1 ? 
ATOM   109 C  C4    . A   A 1 5  ? 0.556   -7.468  4.906   1.000 8.146  0 5   A   A C4    1 ? 
ATOM   110 P  P     . C   A 1 6  ? -3.416  -2.980  4.645   1.000 7.654  0 6   C   A P     1 ? 
ATOM   111 O  OP1   . C   A 1 6  ? -4.610  -2.097  4.879   1.000 7.333  0 6   C   A OP1   1 ? 
ATOM   112 O  OP2   . C   A 1 6  ? -2.734  -2.974  3.372   1.000 7.858  0 6   C   A OP2   1 ? 
ATOM   113 O  "O5'" . C   A 1 6  ? -2.228  -2.748  5.683   1.000 7.073  0 6   C   A "O5'" 1 ? 
ATOM   114 C  "C5'" . C   A 1 6  ? -2.501  -2.759  7.088   1.000 9.197  0 6   C   A "C5'" 1 ? 
ATOM   115 C  "C4'" . C   A 1 6  ? -1.190  -2.846  7.840   1.000 10.084 0 6   C   A "C4'" 1 ? 
ATOM   116 O  "O4'" . C   A 1 6  ? -0.457  -4.026  7.394   1.000 11.519 0 6   C   A "O4'" 1 ? 
ATOM   117 C  "C3'" . C   A 1 6  ? -0.224  -1.707  7.518   1.000 12.118 0 6   C   A "C3'" 1 ? 
ATOM   118 O  "O3'" . C   A 1 6  ? -0.522  -0.615  8.370   1.000 13.907 0 6   C   A "O3'" 1 ? 
ATOM   119 C  "C2'" . C   A 1 6  ? 1.099   -2.337  7.892   1.000 11.293 0 6   C   A "C2'" 1 ? 
ATOM   120 O  "O2'" . C   A 1 6  ? 1.204   -2.379  9.291   1.000 13.206 0 6   C   A "O2'" 1 ? 
ATOM   121 C  "C1'" . C   A 1 6  ? 0.928   -3.744  7.331   1.000 10.893 0 6   C   A "C1'" 1 ? 
ATOM   122 N  N1    . C   A 1 6  ? 1.423   -3.881  5.953   1.000 12.318 0 6   C   A N1    1 ? 
ATOM   123 C  C2    . C   A 1 6  ? 2.807   -4.041  5.790   1.000 12.640 0 6   C   A C2    1 ? 
ATOM   124 O  O2    . C   A 1 6  ? 3.530   -4.027  6.799   1.000 16.202 0 6   C   A O2    1 ? 
ATOM   125 N  N3    . C   A 1 6  ? 3.312   -4.184  4.555   1.000 12.287 0 6   C   A N3    1 ? 
ATOM   126 C  C4    . C   A 1 6  ? 2.497   -4.232  3.504   1.000 11.976 0 6   C   A C4    1 ? 
ATOM   127 N  N4    . C   A 1 6  ? 3.037   -4.401  2.301   1.000 12.307 0 6   C   A N4    1 ? 
ATOM   128 C  C5    . C   A 1 6  ? 1.086   -4.038  3.631   1.000 11.264 0 6   C   A C5    1 ? 
ATOM   129 C  C6    . C   A 1 6  ? 0.594   -3.908  4.865   1.000 11.771 0 6   C   A C6    1 ? 
ATOM   130 P  P     . U   A 1 7  ? -0.149  0.901   7.954   1.000 15.839 0 7   U   A P     1 ? 
ATOM   131 O  OP1   . U   A 1 7  ? -0.757  1.770   8.986   1.000 16.454 0 7   U   A OP1   1 ? 
ATOM   132 O  OP2   . U   A 1 7  ? -0.323  1.115   6.497   1.000 13.499 0 7   U   A OP2   1 ? 
ATOM   133 O  "O5'" . U   A 1 7  ? 1.438   0.951   8.031   1.000 16.685 0 7   U   A "O5'" 1 ? 
ATOM   134 C  "C5'" . U   A 1 7  ? 2.118   0.930   9.300   1.000 19.267 0 7   U   A "C5'" 1 ? 
ATOM   135 C  "C4'" . U   A 1 7  ? 3.595   1.001   9.047   1.000 20.568 0 7   U   A "C4'" 1 ? 
ATOM   136 O  "O4'" . U   A 1 7  ? 4.031   -0.174  8.330   1.000 21.806 0 7   U   A "O4'" 1 ? 
ATOM   137 C  "C3'" . U   A 1 7  ? 4.051   2.126   8.130   1.000 22.247 0 7   U   A "C3'" 1 ? 
ATOM   138 O  "O3'" . U   A 1 7  ? 4.105   3.329   8.859   1.000 28.431 0 7   U   A "O3'" 1 ? 
ATOM   139 C  "C2'" . U   A 1 7  ? 5.424   1.622   7.736   1.000 23.796 0 7   U   A "C2'" 1 ? 
ATOM   140 O  "O2'" . U   A 1 7  ? 6.328   1.724   8.826   1.000 28.036 0 7   U   A "O2'" 1 ? 
ATOM   141 C  "C1'" . U   A 1 7  ? 5.112   0.144   7.501   1.000 21.342 0 7   U   A "C1'" 1 ? 
ATOM   142 N  N1    . U   A 1 7  ? 4.777   -0.215  6.129   1.000 20.174 0 7   U   A N1    1 ? 
ATOM   143 C  C2    . U   A 1 7  ? 5.830   -0.337  5.258   1.000 19.919 0 7   U   A C2    1 ? 
ATOM   144 O  O2    . U   A 1 7  ? 6.987   -0.170  5.596   1.000 25.013 0 7   U   A O2    1 ? 
ATOM   145 N  N3    . U   A 1 7  ? 5.493   -0.744  4.000   1.000 20.300 0 7   U   A N3    1 ? 
ATOM   146 C  C4    . U   A 1 7  ? 4.238   -0.985  3.512   1.000 17.009 0 7   U   A C4    1 ? 
ATOM   147 O  O4    . U   A 1 7  ? 4.107   -1.341  2.344   1.000 19.556 0 7   U   A O4    1 ? 
ATOM   148 C  C5    . U   A 1 7  ? 3.188   -0.762  4.449   1.000 16.463 0 7   U   A C5    1 ? 
ATOM   149 C  C6    . U   A 1 7  ? 3.480   -0.392  5.693   1.000 17.425 0 7   U   A C6    1 ? 
ATOM   150 P  P     . U   A 1 8  ? 3.775   4.710   8.151   1.000 29.940 0 8   U   A P     1 ? 
ATOM   151 O  OP1   . U   A 1 8  ? 3.509   5.671   9.247   1.000 33.206 0 8   U   A OP1   1 ? 
ATOM   152 O  OP2   . U   A 1 8  ? 2.745   4.521   7.079   1.000 31.340 0 8   U   A OP2   1 ? 
ATOM   153 O  "O5'" . U   A 1 8  ? 5.068   4.977   7.261   1.000 29.611 0 8   U   A "O5'" 1 ? 
ATOM   154 C  "C5'" . U   A 1 8  ? 6.352   5.090   7.909   1.000 31.823 0 8   U   A "C5'" 1 ? 
ATOM   155 C  "C4'" . U   A 1 8  ? 7.460   5.074   6.904   1.000 30.862 0 8   U   A "C4'" 1 ? 
ATOM   156 O  "O4'" . U   A 1 8  ? 7.596   3.757   6.328   1.000 29.162 0 8   U   A "O4'" 1 ? 
ATOM   157 C  "C3'" . U   A 1 8  ? 7.317   5.979   5.689   1.000 34.278 0 8   U   A "C3'" 1 ? 
ATOM   158 O  "O3'" . U   A 1 8  ? 7.617   7.335   5.997   1.000 39.396 0 8   U   A "O3'" 1 ? 
ATOM   159 C  "C2'" . U   A 1 8  ? 8.309   5.336   4.733   1.000 31.827 0 8   U   A "C2'" 1 ? 
ATOM   160 O  "O2'" . U   A 1 8  ? 9.677   5.605   5.023   1.000 35.813 0 8   U   A "O2'" 1 ? 
ATOM   161 C  "C1'" . U   A 1 8  ? 8.026   3.858   4.988   1.000 28.399 0 8   U   A "C1'" 1 ? 
ATOM   162 N  N1    . U   A 1 8  ? 6.990   3.291   4.105   1.000 26.380 0 8   U   A N1    1 ? 
ATOM   163 C  C2    . U   A 1 8  ? 7.412   2.849   2.867   1.000 28.228 0 8   U   A C2    1 ? 
ATOM   164 O  O2    . U   A 1 8  ? 8.575   2.915   2.497   1.000 32.061 0 8   U   A O2    1 ? 
ATOM   165 N  N3    . U   A 1 8  ? 6.427   2.325   2.076   1.000 27.411 0 8   U   A N3    1 ? 
ATOM   166 C  C4    . U   A 1 8  ? 5.088   2.197   2.381   1.000 24.122 0 8   U   A C4    1 ? 
ATOM   167 O  O4    . U   A 1 8  ? 4.334   1.699   1.551   1.000 25.327 0 8   U   A O4    1 ? 
ATOM   168 C  C5    . U   A 1 8  ? 4.720   2.683   3.671   1.000 23.367 0 8   U   A C5    1 ? 
ATOM   169 C  C6    . U   A 1 8  ? 5.663   3.203   4.475   1.000 27.354 0 8   U   A C6    1 ? 
ATOM   170 P  P     . A   A 1 9  ? 6.969   8.539   5.150   1.000 38.645 0 9   A   A P     1 ? 
ATOM   171 O  OP1   . A   A 1 9  ? 7.458   9.784   5.797   1.000 43.021 0 9   A   A OP1   1 ? 
ATOM   172 O  OP2   . A   A 1 9  ? 5.513   8.356   5.030   1.000 41.595 0 9   A   A OP2   1 ? 
ATOM   173 O  "O5'" . A   A 1 9  ? 7.610   8.350   3.707   1.000 37.172 0 9   A   A "O5'" 1 ? 
ATOM   174 C  "C5'" . A   A 1 9  ? 8.947   8.819   3.485   1.000 37.829 0 9   A   A "C5'" 1 ? 
ATOM   175 C  "C4'" . A   A 1 9  ? 9.389   8.527   2.086   1.000 38.506 0 9   A   A "C4'" 1 ? 
ATOM   176 O  "O4'" . A   A 1 9  ? 9.314   7.098   1.845   1.000 38.582 0 9   A   A "O4'" 1 ? 
ATOM   177 C  "C3'" . A   A 1 9  ? 8.544   9.117   0.965   1.000 42.189 0 9   A   A "C3'" 1 ? 
ATOM   178 O  "O3'" . A   A 1 9  ? 8.736   10.522  0.792   1.000 46.254 0 9   A   A "O3'" 1 ? 
ATOM   179 C  "C2'" . A   A 1 9  ? 8.979   8.235   -0.196  1.000 40.398 0 9   A   A "C2'" 1 ? 
ATOM   180 O  "O2'" . A   A 1 9  ? 10.260  8.508   -0.713  1.000 43.236 0 9   A   A "O2'" 1 ? 
ATOM   181 C  "C1'" . A   A 1 9  ? 9.008   6.865   0.482   1.000 39.774 0 9   A   A "C1'" 1 ? 
ATOM   182 N  N9    . A   A 1 9  ? 7.720   6.174   0.409   1.000 34.048 0 9   A   A N9    1 ? 
ATOM   183 C  C8    . A   A 1 9  ? 6.708   6.105   1.334   1.000 30.708 0 9   A   A C8    1 ? 
ATOM   184 N  N7    . A   A 1 9  ? 5.674   5.407   0.935   1.000 29.477 0 9   A   A N7    1 ? 
ATOM   185 C  C5    . A   A 1 9  ? 6.027   4.989   -0.341  1.000 27.537 0 9   A   A C5    1 ? 
ATOM   186 C  C6    . A   A 1 9  ? 5.364   4.205   -1.299  1.000 27.297 0 9   A   A C6    1 ? 
ATOM   187 N  N6    . A   A 1 9  ? 4.154   3.675   -1.112  1.000 27.479 0 9   A   A N6    1 ? 
ATOM   188 N  N1    . A   A 1 9  ? 5.992   3.978   -2.473  1.000 31.299 0 9   A   A N1    1 ? 
ATOM   189 C  C2    . A   A 1 9  ? 7.201   4.530   -2.671  1.000 29.796 0 9   A   A C2    1 ? 
ATOM   190 N  N3    . A   A 1 9  ? 7.933   5.264   -1.840  1.000 30.463 0 9   A   A N3    1 ? 
ATOM   191 C  C4    . A   A 1 9  ? 7.290   5.445   -0.673  1.000 31.896 0 9   A   A C4    1 ? 
ATOM   192 P  P     . A   A 1 10 ? 7.467   11.513  0.626   1.000 49.668 0 10  A   A P     1 ? 
ATOM   193 O  OP1   . A   A 1 10 ? 7.886   12.866  1.055   1.000 61.751 0 10  A   A OP1   1 ? 
ATOM   194 O  OP2   . A   A 1 10 ? 6.296   10.902  1.285   1.000 59.508 0 10  A   A OP2   1 ? 
ATOM   195 O  "O5'" . A   A 1 10 ? 7.271   11.531  -0.949  1.000 43.453 0 10  A   A "O5'" 1 ? 
ATOM   196 C  "C5'" . A   A 1 10 ? 8.451   11.650  -1.741  1.000 41.496 0 10  A   A "C5'" 1 ? 
ATOM   197 C  "C4'" . A   A 1 10 ? 8.275   10.996  -3.074  1.000 43.601 0 10  A   A "C4'" 1 ? 
ATOM   198 O  "O4'" . A   A 1 10 ? 8.264   9.554   -2.928  1.000 41.856 0 10  A   A "O4'" 1 ? 
ATOM   199 C  "C3'" . A   A 1 10 ? 6.994   11.310  -3.837  1.000 46.038 0 10  A   A "C3'" 1 ? 
ATOM   200 O  "O3'" . A   A 1 10 ? 6.990   12.625  -4.418  1.000 50.226 0 10  A   A "O3'" 1 ? 
ATOM   201 C  "C2'" . A   A 1 10 ? 6.982   10.154  -4.834  1.000 43.425 0 10  A   A "C2'" 1 ? 
ATOM   202 O  "O2'" . A   A 1 10 ? 7.828   10.324  -5.947  1.000 40.134 0 10  A   A "O2'" 1 ? 
ATOM   203 C  "C1'" . A   A 1 10 ? 7.438   8.990   -3.941  1.000 43.475 0 10  A   A "C1'" 1 ? 
ATOM   204 N  N9    . A   A 1 10 ? 6.289   8.351   -3.295  1.000 34.771 0 10  A   A N9    1 ? 
ATOM   205 C  C8    . A   A 1 10 ? 5.795   8.591   -2.033  1.000 37.029 0 10  A   A C8    1 ? 
ATOM   206 N  N7    . A   A 1 10 ? 4.730   7.887   -1.740  1.000 33.515 0 10  A   A N7    1 ? 
ATOM   207 C  C5    . A   A 1 10 ? 4.471   7.177   -2.907  1.000 32.605 0 10  A   A C5    1 ? 
ATOM   208 C  C6    . A   A 1 10 ? 3.472   6.246   -3.244  1.000 30.841 0 10  A   A C6    1 ? 
ATOM   209 N  N6    . A   A 1 10 ? 2.493   5.885   -2.417  1.000 31.465 0 10  A   A N6    1 ? 
ATOM   210 N  N1    . A   A 1 10 ? 3.512   5.698   -4.477  1.000 32.347 0 10  A   A N1    1 ? 
ATOM   211 C  C2    . A   A 1 10 ? 4.503   6.059   -5.309  1.000 38.032 0 10  A   A C2    1 ? 
ATOM   212 N  N3    . A   A 1 10 ? 5.499   6.923   -5.107  1.000 32.973 0 10  A   A N3    1 ? 
ATOM   213 C  C4    . A   A 1 10 ? 5.434   7.439   -3.864  1.000 32.431 0 10  A   A C4    1 ? 
ATOM   214 P  P     . G   A 1 11 ? 5.595   13.483  -4.589  1.000 51.688 0 11  G   A P     1 ? 
ATOM   215 O  OP1   . G   A 1 11 ? 5.917   14.852  -5.176  1.000 56.707 0 11  G   A OP1   1 ? 
ATOM   216 O  OP2   . G   A 1 11 ? 4.852   13.526  -3.266  1.000 49.356 0 11  G   A OP2   1 ? 
ATOM   217 O  "O5'" . G   A 1 11 ? 4.768   12.668  -5.693  1.000 39.826 0 11  G   A "O5'" 1 ? 
ATOM   218 C  "C5'" . G   A 1 11 ? 5.398   12.482  -6.973  1.000 37.857 0 11  G   A "C5'" 1 ? 
ATOM   219 C  "C4'" . G   A 1 11 ? 4.582   11.540  -7.818  1.000 35.327 0 11  G   A "C4'" 1 ? 
ATOM   220 O  "O4'" . G   A 1 11 ? 4.612   10.236  -7.194  1.000 31.807 0 11  G   A "O4'" 1 ? 
ATOM   221 C  "C3'" . G   A 1 11 ? 3.080   11.807  -7.986  1.000 35.526 0 11  G   A "C3'" 1 ? 
ATOM   222 O  "O3'" . G   A 1 11 ? 2.721   12.716  -9.024  1.000 33.126 0 11  G   A "O3'" 1 ? 
ATOM   223 C  "C2'" . G   A 1 11 ? 2.630   10.421  -8.450  1.000 31.195 0 11  G   A "C2'" 1 ? 
ATOM   224 O  "O2'" . G   A 1 11 ? 2.980   10.139  -9.787  1.000 32.369 0 11  G   A "O2'" 1 ? 
ATOM   225 C  "C1'" . G   A 1 11 ? 3.429   9.526   -7.511  1.000 31.429 0 11  G   A "C1'" 1 ? 
ATOM   226 N  N9    . G   A 1 11 ? 2.707   9.209   -6.279  1.000 24.810 0 11  G   A N9    1 ? 
ATOM   227 C  C8    . G   A 1 11 ? 2.871   9.784   -5.045  1.000 24.866 0 11  G   A C8    1 ? 
ATOM   228 N  N7    . G   A 1 11 ? 2.070   9.312   -4.127  1.000 23.088 0 11  G   A N7    1 ? 
ATOM   229 C  C5    . G   A 1 11 ? 1.288   8.405   -4.835  1.000 22.317 0 11  G   A C5    1 ? 
ATOM   230 C  C6    . G   A 1 11 ? 0.254   7.546   -4.378  1.000 18.114 0 11  G   A C6    1 ? 
ATOM   231 O  O6    . G   A 1 11 ? -0.198  7.456   -3.240  1.000 17.511 0 11  G   A O6    1 ? 
ATOM   232 N  N1    . G   A 1 11 ? -0.267  6.799   -5.415  1.000 19.516 0 11  G   A N1    1 ? 
ATOM   233 C  C2    . G   A 1 11 ? 0.168   6.787   -6.710  1.000 18.353 0 11  G   A C2    1 ? 
ATOM   234 N  N2    . G   A 1 11 ? -0.470  5.986   -7.559  1.000 19.307 0 11  G   A N2    1 ? 
ATOM   235 N  N3    . G   A 1 11 ? 1.172   7.564   -7.143  1.000 21.081 0 11  G   A N3    1 ? 
ATOM   236 C  C4    . G   A 1 11 ? 1.684   8.317   -6.148  1.000 21.477 0 11  G   A C4    1 ? 
ATOM   237 P  P     . U   A 1 12 ? 1.334   13.497  -8.976  1.000 31.469 0 12  U   A P     1 ? 
ATOM   238 O  OP1   . U   A 1 12 ? 1.368   14.545  -10.039 1.000 37.058 0 12  U   A OP1   1 ? 
ATOM   239 O  OP2   . U   A 1 12 ? 1.069   13.910  -7.554  1.000 34.043 0 12  U   A OP2   1 ? 
ATOM   240 O  "O5'" . U   A 1 12 ? 0.289   12.434  -9.509  1.000 30.616 0 12  U   A "O5'" 1 ? 
ATOM   241 C  "C5'" . U   A 1 12 ? 0.426   11.830  -10.790 1.000 29.049 0 12  U   A "C5'" 1 ? 
ATOM   242 C  "C4'" . U   A 1 12 ? -0.718  10.888  -11.004 1.000 30.602 0 12  U   A "C4'" 1 ? 
ATOM   243 O  "O4'" . U   A 1 12 ? -0.515  9.743   -10.126 1.000 29.287 0 12  U   A "O4'" 1 ? 
ATOM   244 C  "C3'" . U   A 1 12 ? -2.090  11.395  -10.581 1.000 26.905 0 12  U   A "C3'" 1 ? 
ATOM   245 O  "O3'" . U   A 1 12 ? -2.769  12.258  -11.501 1.000 25.744 0 12  U   A "O3'" 1 ? 
ATOM   246 C  "C2'" . U   A 1 12 ? -2.840  10.079  -10.406 1.000 24.378 0 12  U   A "C2'" 1 ? 
ATOM   247 O  "O2'" . U   A 1 12 ? -3.213  9.379   -11.574 1.000 22.852 0 12  U   A "O2'" 1 ? 
ATOM   248 C  "C1'" . U   A 1 12 ? -1.787  9.237   -9.708  1.000 24.672 0 12  U   A "C1'" 1 ? 
ATOM   249 N  N1    . U   A 1 12 ? -1.878  9.379   -8.261  1.000 22.744 0 12  U   A N1    1 ? 
ATOM   250 C  C2    . U   A 1 12 ? -2.831  8.601   -7.616  1.000 18.002 0 12  U   A C2    1 ? 
ATOM   251 O  O2    . U   A 1 12 ? -3.548  7.826   -8.206  1.000 16.931 0 12  U   A O2    1 ? 
ATOM   252 N  N3    . U   A 1 12 ? -2.868  8.753   -6.257  1.000 18.155 0 12  U   A N3    1 ? 
ATOM   253 C  C4    . U   A 1 12 ? -2.128  9.619   -5.495  1.000 17.348 0 12  U   A C4    1 ? 
ATOM   254 O  O4    . U   A 1 12 ? -2.328  9.680   -4.295  1.000 18.916 0 12  U   A O4    1 ? 
ATOM   255 C  C5    . U   A 1 12 ? -1.232  10.456  -6.241  1.000 19.319 0 12  U   A C5    1 ? 
ATOM   256 C  C6    . U   A 1 12 ? -1.123  10.291  -7.563  1.000 19.103 0 12  U   A C6    1 ? 
ATOM   257 P  P     . C   A 1 13 ? -3.800  13.345  -10.981 1.000 25.961 0 13  C   A P     1 ? 
ATOM   258 O  OP1   . C   A 1 13 ? -4.282  14.105  -12.172 1.000 32.689 0 13  C   A OP1   1 ? 
ATOM   259 O  OP2   . C   A 1 13 ? -3.321  14.007  -9.770  1.000 23.010 0 13  C   A OP2   1 ? 
ATOM   260 O  "O5'" . C   A 1 13 ? -5.114  12.520  -10.574 1.000 19.209 0 13  C   A "O5'" 1 ? 
ATOM   261 C  "C5'" . C   A 1 13 ? -5.768  11.673  -11.463 1.000 15.944 0 13  C   A "C5'" 1 ? 
ATOM   262 C  "C4'" . C   A 1 13 ? -6.780  10.830  -10.671 1.000 14.325 0 13  C   A "C4'" 1 ? 
ATOM   263 O  "O4'" . C   A 1 13 ? -6.023  10.025  -9.731  1.000 13.173 0 13  C   A "O4'" 1 ? 
ATOM   264 C  "C3'" . C   A 1 13 ? -7.799  11.501  -9.772  1.000 13.391 0 13  C   A "C3'" 1 ? 
ATOM   265 O  "O3'" . C   A 1 13 ? -8.891  11.945  -10.563 1.000 14.894 0 13  C   A "O3'" 1 ? 
ATOM   266 C  "C2'" . C   A 1 13 ? -8.208  10.318  -8.877  1.000 11.070 0 13  C   A "C2'" 1 ? 
ATOM   267 O  "O2'" . C   A 1 13 ? -8.949  9.360   -9.592  1.000 10.365 0 13  C   A "O2'" 1 ? 
ATOM   268 C  "C1'" . C   A 1 13 ? -6.843  9.680   -8.616  1.000 11.228 0 13  C   A "C1'" 1 ? 
ATOM   269 N  N1    . C   A 1 13 ? -6.236  10.243  -7.414  1.000 11.229 0 13  C   A N1    1 ? 
ATOM   270 C  C2    . C   A 1 13 ? -6.693  9.731   -6.198  1.000 10.404 0 13  C   A C2    1 ? 
ATOM   271 O  O2    . C   A 1 13 ? -7.571  8.868   -6.231  1.000 9.914  0 13  C   A O2    1 ? 
ATOM   272 N  N3    . C   A 1 13 ? -6.211  10.227  -5.044  1.000 10.471 0 13  C   A N3    1 ? 
ATOM   273 C  C4    . C   A 1 13 ? -5.272  11.181  -5.068  1.000 13.138 0 13  C   A C4    1 ? 
ATOM   274 N  N4    . C   A 1 13 ? -4.846  11.668  -3.902  1.000 12.532 0 13  C   A N4    1 ? 
ATOM   275 C  C5    . C   A 1 13 ? -4.796  11.737  -6.299  1.000 12.241 0 13  C   A C5    1 ? 
ATOM   276 C  C6    . C   A 1 13 ? -5.337  11.275  -7.433  1.000 12.533 0 13  C   A C6    1 ? 
HETATM 277 F  F     . GF2 A 1 14 ? -13.333 10.569  -5.057  1.000 11.171 0 14  GF2 A F     1 ? 
HETATM 278 P  P     . GF2 A 1 14 ? -9.750  13.193  -10.062 1.000 16.134 0 14  GF2 A P     1 ? 
HETATM 279 N  N1    . GF2 A 1 14 ? -8.918  11.867  -0.814  1.000 6.216  0 14  GF2 A N1    1 ? 
HETATM 280 C  C2    . GF2 A 1 14 ? -10.030 11.089  -1.131  1.000 6.174  0 14  GF2 A C2    1 ? 
HETATM 281 N  N2    . GF2 A 1 14 ? -10.734 10.515  -0.160  1.000 5.748  0 14  GF2 A N2    1 ? 
HETATM 282 N  N3    . GF2 A 1 14 ? -10.416 10.927  -2.382  1.000 5.880  0 14  GF2 A N3    1 ? 
HETATM 283 C  C4    . GF2 A 1 14 ? -9.665  11.529  -3.333  1.000 6.245  0 14  GF2 A C4    1 ? 
HETATM 284 C  C5    . GF2 A 1 14 ? -8.563  12.321  -3.075  1.000 6.607  0 14  GF2 A C5    1 ? 
HETATM 285 C  C6    . GF2 A 1 14 ? -8.153  12.453  -1.798  1.000 7.013  0 14  GF2 A C6    1 ? 
HETATM 286 O  O6    . GF2 A 1 14 ? -7.141  13.138  -1.446  1.000 7.626  0 14  GF2 A O6    1 ? 
HETATM 287 N  N7    . GF2 A 1 14 ? -8.103  12.871  -4.314  1.000 7.153  0 14  GF2 A N7    1 ? 
HETATM 288 C  C8    . GF2 A 1 14 ? -8.934  12.353  -5.224  1.000 7.239  0 14  GF2 A C8    1 ? 
HETATM 289 N  N9    . GF2 A 1 14 ? -9.914  11.559  -4.647  1.000 7.071  0 14  GF2 A N9    1 ? 
HETATM 290 C  "C1'" . GF2 A 1 14 ? -11.035 10.832  -5.299  1.000 7.886  0 14  GF2 A "C1'" 1 ? 
HETATM 291 O  OP2   . GF2 A 1 14 ? -8.848  14.250  -9.613  1.000 15.044 0 14  GF2 A OP2   1 ? 
HETATM 292 C  "C2'" . GF2 A 1 14 ? -12.367 11.567  -5.137  1.000 9.110  0 14  GF2 A "C2'" 1 ? 
HETATM 293 O  OP1   . GF2 A 1 14 ? -10.810 13.285  -11.092 1.000 16.637 0 14  GF2 A OP1   1 ? 
HETATM 294 C  "C3'" . GF2 A 1 14 ? -12.433 12.358  -6.388  1.000 9.560  0 14  GF2 A "C3'" 1 ? 
HETATM 295 O  "O3'" . GF2 A 1 14 ? -13.831 12.638  -6.670  1.000 11.282 0 14  GF2 A "O3'" 1 ? 
HETATM 296 C  "C4'" . GF2 A 1 14 ? -11.928 11.329  -7.379  1.000 9.354  0 14  GF2 A "C4'" 1 ? 
HETATM 297 O  "O4'" . GF2 A 1 14 ? -10.717 10.832  -6.744  1.000 7.917  0 14  GF2 A "O4'" 1 ? 
HETATM 298 C  "C5'" . GF2 A 1 14 ? -11.480 11.774  -8.770  1.000 10.393 0 14  GF2 A "C5'" 1 ? 
HETATM 299 O  "O5'" . GF2 A 1 14 ? -10.501 12.707  -8.623  1.000 12.108 0 14  GF2 A "O5'" 1 ? 
HETATM 300 N  N1    . LKC B 1 1  ? -4.347  19.872  7.366   1.000 8.100  0 1   LKC B N1    1 ? 
HETATM 301 C  C2    . LKC B 1 1  ? -5.435  19.574  6.572   1.000 7.541  0 1   LKC B C2    1 ? 
HETATM 302 N  N3    . LKC B 1 1  ? -5.257  19.593  5.267   1.000 7.500  0 1   LKC B N3    1 ? 
HETATM 303 C  C4    . LKC B 1 1  ? -4.182  19.942  4.656   1.000 8.889  0 1   LKC B C4    1 ? 
HETATM 304 C  C5    . LKC B 1 1  ? -2.965  20.234  5.371   1.000 10.123 0 1   LKC B C5    1 ? 
HETATM 305 C  C6    . LKC B 1 1  ? -3.163  20.212  6.719   1.000 8.941  0 1   LKC B C6    1 ? 
HETATM 306 O  O2    . LKC B 1 1  ? -6.463  19.264  7.182   1.000 7.002  0 1   LKC B O2    1 ? 
HETATM 307 N  N4    . LKC B 1 1  ? -4.077  19.905  3.390   1.000 9.863  0 1   LKC B N4    1 ? 
HETATM 308 C  "C1'" . LKC B 1 1  ? -4.565  19.917  8.837   1.000 8.836  0 1   LKC B "C1'" 1 ? 
HETATM 309 C  "C2'" . LKC B 1 1  ? -4.483  18.560  9.544   1.000 8.493  0 1   LKC B "C2'" 1 ? 
HETATM 310 C  "C3'" . LKC B 1 1  ? -2.964  18.323  9.662   1.000 9.206  0 1   LKC B "C3'" 1 ? 
HETATM 311 C  "C4'" . LKC B 1 1  ? -2.841  19.679  10.424  1.000 9.495  0 1   LKC B "C4'" 1 ? 
HETATM 312 O  "O4'" . LKC B 1 1  ? -3.389  20.602  9.476   1.000 10.060 0 1   LKC B "O4'" 1 ? 
HETATM 313 O  "O3'" . LKC B 1 1  ? -2.781  17.209  10.535  1.000 9.597  0 1   LKC B "O3'" 1 ? 
HETATM 314 C  "C5'" . LKC B 1 1  ? -1.438  20.003  10.959  1.000 10.330 0 1   LKC B "C5'" 1 ? 
HETATM 315 O  "O5'" . LKC B 1 1  ? -0.627  20.026  9.806   1.000 12.258 0 1   LKC B "O5'" 1 ? 
HETATM 316 C  C5A   . LKC B 1 1  ? -1.708  20.592  4.758   1.000 12.501 0 1   LKC B C5A   1 ? 
HETATM 317 O  "O2'" . LKC B 1 1  ? -5.030  18.746  10.842  1.000 8.985  0 1   LKC B "O2'" 1 ? 
HETATM 318 C  "C6'" . LKC B 1 1  ? -3.837  19.539  11.493  1.000 9.673  0 1   LKC B "C6'" 1 ? 
HETATM 319 O  "O5'" . LCC B 1 2  ? -4.113  15.337  9.523   1.000 8.773  0 2   LCC B "O5'" 1 ? 
HETATM 320 C  "C5'" . LCC B 1 2  ? -5.047  15.127  10.539  1.000 8.410  0 2   LCC B "C5'" 1 ? 
HETATM 321 C  "C4'" . LCC B 1 2  ? -6.339  14.826  9.762   1.000 7.537  0 2   LCC B "C4'" 1 ? 
HETATM 322 O  "O4'" . LCC B 1 2  ? -6.659  15.898  8.840   1.000 6.891  0 2   LCC B "O4'" 1 ? 
HETATM 323 C  "C1'" . LCC B 1 2  ? -7.596  15.351  7.815   1.000 6.519  0 2   LCC B "C1'" 1 ? 
HETATM 324 N  N1    . LCC B 1 2  ? -6.980  15.573  6.536   1.000 5.299  0 2   LCC B N1    1 ? 
HETATM 325 C  C6    . LCC B 1 2  ? -5.640  15.940  6.326   1.000 5.465  0 2   LCC B C6    1 ? 
HETATM 326 C  C5    . LCC B 1 2  ? -5.220  16.150  5.080   1.000 5.435  0 2   LCC B C5    1 ? 
HETATM 327 C  C5M   . LCC B 1 2  ? -3.852  16.509  4.906   1.000 5.928  0 2   LCC B C5M   1 ? 
HETATM 328 C  C4    . LCC B 1 2  ? -6.121  15.959  3.977   1.000 5.425  0 2   LCC B C4    1 ? 
HETATM 329 N  N4    . LCC B 1 2  ? -5.673  16.222  2.782   1.000 5.525  0 2   LCC B N4    1 ? 
HETATM 330 N  N3    . LCC B 1 2  ? -7.380  15.620  4.188   1.000 5.615  0 2   LCC B N3    1 ? 
HETATM 331 C  C2    . LCC B 1 2  ? -7.796  15.378  5.425   1.000 5.388  0 2   LCC B C2    1 ? 
HETATM 332 O  O2    . LCC B 1 2  ? -8.979  15.031  5.673   1.000 5.552  0 2   LCC B O2    1 ? 
HETATM 333 C  "C3'" . LCC B 1 2  ? -6.168  13.671  8.764   1.000 7.399  0 2   LCC B "C3'" 1 ? 
HETATM 334 C  "C2'" . LCC B 1 2  ? -7.648  13.913  8.258   1.000 6.412  0 2   LCC B "C2'" 1 ? 
HETATM 335 O  "O2'" . LCC B 1 2  ? -8.454  13.855  9.429   1.000 7.889  0 2   LCC B "O2'" 1 ? 
HETATM 336 O  "O3'" . LCC B 1 2  ? -5.996  12.402  9.413   1.000 9.200  0 2   LCC B "O3'" 1 ? 
HETATM 337 C  "C6'" . LCC B 1 2  ? -7.599  14.454  10.549  1.000 7.513  0 2   LCC B "C6'" 1 ? 
HETATM 338 P  P     . LCC B 1 2  ? -2.595  15.688  9.992   1.000 10.117 0 2   LCC B P     1 ? 
HETATM 339 O  O1P   . LCC B 1 2  ? -2.130  14.917  11.136  1.000 11.649 0 2   LCC B O1P   1 ? 
HETATM 340 O  O2P   . LCC B 1 2  ? -1.855  15.718  8.771   1.000 8.377  0 2   LCC B O2P   1 ? 
HETATM 341 O  "O5'" . LCC B 1 3  ? -6.755  10.726  7.741   1.000 8.234  0 3   LCC B "O5'" 1 ? 
HETATM 342 C  "C5'" . LCC B 1 3  ? -7.916  10.314  8.389   1.000 5.904  0 3   LCC B "C5'" 1 ? 
HETATM 343 C  "C4'" . LCC B 1 3  ? -8.909  10.103  7.233   1.000 5.611  0 3   LCC B "C4'" 1 ? 
HETATM 344 O  "O4'" . LCC B 1 3  ? -9.131  11.319  6.476   1.000 5.468  0 3   LCC B "O4'" 1 ? 
HETATM 345 C  "C1'" . LCC B 1 3  ? -9.511  10.957  5.125   1.000 5.278  0 3   LCC B "C1'" 1 ? 
HETATM 346 N  N1    . LCC B 1 3  ? -8.547  11.374  4.142   1.000 5.122  0 3   LCC B N1    1 ? 
HETATM 347 C  C6    . LCC B 1 3  ? -7.280  11.831  4.521   1.000 5.442  0 3   LCC B C6    1 ? 
HETATM 348 C  C5    . LCC B 1 3  ? -6.416  12.286  3.583   1.000 5.614  0 3   LCC B C5    1 ? 
HETATM 349 C  C5M   . LCC B 1 3  ? -5.095  12.650  4.030   1.000 6.175  0 3   LCC B C5M   1 ? 
HETATM 350 C  C4    . LCC B 1 3  ? -6.892  12.310  2.242   1.000 5.359  0 3   LCC B C4    1 ? 
HETATM 351 N  N4    . LCC B 1 3  ? -6.148  12.827  1.309   1.000 5.916  0 3   LCC B N4    1 ? 
HETATM 352 N  N3    . LCC B 1 3  ? -8.176  11.916  1.932   1.000 5.487  0 3   LCC B N3    1 ? 
HETATM 353 C  C2    . LCC B 1 3  ? -8.954  11.414  2.858   1.000 5.430  0 3   LCC B C2    1 ? 
HETATM 354 O  O2    . LCC B 1 3  ? -10.101 10.990  2.567   1.000 5.428  0 3   LCC B O2    1 ? 
HETATM 355 C  "C3'" . LCC B 1 3  ? -8.472  9.141   6.095   1.000 5.307  0 3   LCC B "C3'" 1 ? 
HETATM 356 C  "C2'" . LCC B 1 3  ? -9.685  9.480   5.310   1.000 5.035  0 3   LCC B "C2'" 1 ? 
HETATM 357 O  "O2'" . LCC B 1 3  ? -10.810 9.228   6.229   1.000 6.303  0 3   LCC B "O2'" 1 ? 
HETATM 358 O  "O3'" . LCC B 1 3  ? -8.408  7.831   6.648   1.000 6.089  0 3   LCC B "O3'" 1 ? 
HETATM 359 C  "C6'" . LCC B 1 3  ? -10.263 9.621   7.607   1.000 5.618  0 3   LCC B "C6'" 1 ? 
HETATM 360 P  P     . LCC B 1 3  ? -5.427  11.149  8.628   1.000 8.560  0 3   LCC B P     1 ? 
HETATM 361 O  O1P   . LCC B 1 3  ? -5.232  10.164  9.673   1.000 10.360 0 3   LCC B O1P   1 ? 
HETATM 362 O  O2P   . LCC B 1 3  ? -4.427  11.438  7.689   1.000 8.401  0 3   LCC B O2P   1 ? 
HETATM 363 P  P     . LCG B 1 4  ? -7.458  6.692   6.022   1.000 7.038  0 4   LCG B P     1 ? 
HETATM 364 O  OP1   . LCG B 1 4  ? -7.610  5.597   6.999   1.000 8.431  0 4   LCG B OP1   1 ? 
HETATM 365 O  "O5'" . LCG B 1 4  ? -8.127  6.380   4.589   1.000 6.144  0 4   LCG B "O5'" 1 ? 
HETATM 366 C  "C5'" . LCG B 1 4  ? -9.429  5.789   4.624   1.000 5.441  0 4   LCG B "C5'" 1 ? 
HETATM 367 C  "C3'" . LCG B 1 4  ? -8.802  5.087   2.150   1.000 5.465  0 4   LCG B "C3'" 1 ? 
HETATM 368 C  "C6'" . LCG B 1 4  ? -11.101 5.020   2.799   1.000 5.499  0 4   LCG B "C6'" 1 ? 
HETATM 369 N  N9    . LCG B 1 4  ? -8.583  7.751   0.801   1.000 5.437  0 4   LCG B N9    1 ? 
HETATM 370 C  C8    . LCG B 1 4  ? -7.667  8.295   1.680   1.000 5.721  0 4   LCG B C8    1 ? 
HETATM 371 C  C4    . LCG B 1 4  ? -8.267  8.147   -0.418  1.000 5.544  0 4   LCG B C4    1 ? 
HETATM 372 N  N7    . LCG B 1 4  ? -6.777  8.981   0.984   1.000 6.181  0 4   LCG B N7    1 ? 
HETATM 373 C  C5    . LCG B 1 4  ? -7.150  8.927   -0.329  1.000 5.948  0 4   LCG B C5    1 ? 
HETATM 374 C  C6    . LCG B 1 4  ? -6.648  9.465   -1.467  1.000 7.042  0 4   LCG B C6    1 ? 
HETATM 375 C  "C2'" . LCG B 1 4  ? -9.671  5.450   0.976   1.000 5.286  0 4   LCG B "C2'" 1 ? 
HETATM 376 O  O6    . LCG B 1 4  ? -5.638  10.210  -1.532  1.000 8.224  0 4   LCG B O6    1 ? 
HETATM 377 C  "C4'" . LCG B 1 4  ? -9.811  5.741   3.062   1.000 5.678  0 4   LCG B "C4'" 1 ? 
HETATM 378 C  "C1'" . LCG B 1 4  ? -9.772  6.963   1.104   1.000 5.548  0 4   LCG B "C1'" 1 ? 
HETATM 379 C  C2    . LCG B 1 4  ? -8.359  8.299   -2.708  1.000 5.734  0 4   LCG B C2    1 ? 
HETATM 380 N  N1    . LCG B 1 4  ? -7.279  9.124   -2.646  1.000 6.188  0 4   LCG B N1    1 ? 
HETATM 381 O  "O4'" . LCG B 1 4  ? -9.949  7.109   2.522   1.000 5.592  0 4   LCG B "O4'" 1 ? 
HETATM 382 O  OP2   . LCG B 1 4  ? -6.130  7.246   5.662   1.000 7.963  0 4   LCG B OP2   1 ? 
HETATM 383 N  N2    . LCG B 1 4  ? -8.886  8.030   -3.936  1.000 5.619  0 4   LCG B N2    1 ? 
HETATM 384 N  N3    . LCG B 1 4  ? -8.894  7.770   -1.548  1.000 5.583  0 4   LCG B N3    1 ? 
HETATM 385 O  "O2'" . LCG B 1 4  ? -10.960 4.893   1.320   1.000 5.539  0 4   LCG B "O2'" 1 ? 
HETATM 386 O  "O3'" . LCG B 1 4  ? -8.696  3.687   2.404   1.000 5.399  0 4   LCG B "O3'" 1 ? 
ATOM   387 P  P     . A   B 1 5  ? -7.374  2.897   2.025   1.000 6.588  0 5   A   B P     1 ? 
ATOM   388 O  OP1   . A   B 1 5  ? -7.523  1.578   2.773   1.000 6.817  0 5   A   B OP1   1 ? 
ATOM   389 O  OP2   . A   B 1 5  ? -6.132  3.660   2.198   1.000 7.954  0 5   A   B OP2   1 ? 
ATOM   390 O  "O5'" . A   B 1 5  ? -7.604  2.662   0.464   1.000 6.162  0 5   A   B "O5'" 1 ? 
ATOM   391 C  "C5'" . A   B 1 5  ? -8.733  1.957   -0.047  1.000 5.903  0 5   A   B "C5'" 1 ? 
ATOM   392 C  "C4'" . A   B 1 5  ? -8.760  2.104   -1.554  1.000 5.814  0 5   A   B "C4'" 1 ? 
ATOM   393 O  "O4'" . A   B 1 5  ? -8.970  3.502   -1.889  1.000 5.824  0 5   A   B "O4'" 1 ? 
ATOM   394 C  "C3'" . A   B 1 5  ? -7.502  1.728   -2.326  1.000 6.016  0 5   A   B "C3'" 1 ? 
ATOM   395 O  "O3'" . A   B 1 5  ? -7.422  0.319   -2.444  1.000 6.358  0 5   A   B "O3'" 1 ? 
ATOM   396 C  "C2'" . A   B 1 5  ? -7.755  2.455   -3.653  1.000 6.639  0 5   A   B "C2'" 1 ? 
ATOM   397 O  "O2'" . A   B 1 5  ? -8.719  1.696   -4.313  1.000 6.832  0 5   A   B "O2'" 1 ? 
ATOM   398 C  "C1'" . A   B 1 5  ? -8.229  3.809   -3.103  1.000 6.845  0 5   A   B "C1'" 1 ? 
ATOM   399 N  N9    . A   B 1 5  ? -7.146  4.695   -2.728  1.000 6.968  0 5   A   B N9    1 ? 
ATOM   400 C  C8    . A   B 1 5  ? -6.693  5.005   -1.458  1.000 7.328  0 5   A   B C8    1 ? 
ATOM   401 N  N7    . A   B 1 5  ? -5.732  5.897   -1.449  1.000 8.242  0 5   A   B N7    1 ? 
ATOM   402 C  C5    . A   B 1 5  ? -5.554  6.210   -2.786  1.000 8.148  0 5   A   B C5    1 ? 
ATOM   403 C  C6    . A   B 1 5  ? -4.691  7.109   -3.436  1.000 10.308 0 5   A   B C6    1 ? 
ATOM   404 N  N6    . A   B 1 5  ? -3.825  7.883   -2.798  1.000 10.579 0 5   A   B N6    1 ? 
ATOM   405 N  N1    . A   B 1 5  ? -4.743  7.164   -4.778  1.000 10.629 0 5   A   B N1    1 ? 
ATOM   406 C  C2    . A   B 1 5  ? -5.656  6.437   -5.414  1.000 9.747  0 5   A   B C2    1 ? 
ATOM   407 N  N3    . A   B 1 5  ? -6.522  5.546   -4.919  1.000 9.780  0 5   A   B N3    1 ? 
ATOM   408 C  C4    . A   B 1 5  ? -6.394  5.464   -3.587  1.000 7.991  0 5   A   B C4    1 ? 
ATOM   409 P  P     . C   B 1 6  ? -6.002  -0.435  -2.527  1.000 7.621  0 6   C   B P     1 ? 
ATOM   410 O  OP1   . C   B 1 6  ? -6.288  -1.909  -2.462  1.000 6.956  0 6   C   B OP1   1 ? 
ATOM   411 O  OP2   . C   B 1 6  ? -5.081  0.202   -1.627  1.000 7.714  0 6   C   B OP2   1 ? 
ATOM   412 O  "O5'" . C   B 1 6  ? -5.441  0.024   -3.949  1.000 6.973  0 6   C   B "O5'" 1 ? 
ATOM   413 C  "C5'" . C   B 1 6  ? -6.144  -0.344  -5.143  1.000 9.641  0 6   C   B "C5'" 1 ? 
ATOM   414 C  "C4'" . C   B 1 6  ? -5.596  0.469   -6.298  1.000 10.767 0 6   C   B "C4'" 1 ? 
ATOM   415 O  "O4'" . C   B 1 6  ? -5.732  1.889   -6.004  1.000 12.047 0 6   C   B "O4'" 1 ? 
ATOM   416 C  "C3'" . C   B 1 6  ? -4.100  0.305   -6.524  1.000 12.582 0 6   C   B "C3'" 1 ? 
ATOM   417 O  "O3'" . C   B 1 6  ? -3.898  -0.839  -7.329  1.000 14.287 0 6   C   B "O3'" 1 ? 
ATOM   418 C  "C2'" . C   B 1 6  ? -3.776  1.583   -7.267  1.000 11.612 0 6   C   B "C2'" 1 ? 
ATOM   419 O  "O2'" . C   B 1 6  ? -4.205  1.469   -8.599  1.000 13.634 0 6   C   B "O2'" 1 ? 
ATOM   420 C  "C1'" . C   B 1 6  ? -4.609  2.596   -6.501  1.000 11.432 0 6   C   B "C1'" 1 ? 
ATOM   421 N  N1    . C   B 1 6  ? -3.862  3.218   -5.399  1.000 12.557 0 6   C   B N1    1 ? 
ATOM   422 C  C2    . C   B 1 6  ? -2.975  4.262   -5.727  1.000 12.683 0 6   C   B C2    1 ? 
ATOM   423 O  O2    . C   B 1 6  ? -2.852  4.588   -6.916  1.000 15.793 0 6   C   B O2    1 ? 
ATOM   424 N  N3    . C   B 1 6  ? -2.285  4.868   -4.750  1.000 12.367 0 6   C   B N3    1 ? 
ATOM   425 C  C4    . C   B 1 6  ? -2.486  4.525   -3.480  1.000 11.802 0 6   C   B C4    1 ? 
ATOM   426 N  N4    . C   B 1 6  ? -1.813  5.185   -2.542  1.000 12.534 0 6   C   B N4    1 ? 
ATOM   427 C  C5    . C   B 1 6  ? -3.338  3.432   -3.116  1.000 11.341 0 6   C   B C5    1 ? 
ATOM   428 C  C6    . C   B 1 6  ? -4.029  2.842   -4.094  1.000 11.510 0 6   C   B C6    1 ? 
ATOM   429 P  P     . U   B 1 7  ? -2.493  -1.647  -7.319  1.000 15.999 0 7   U   B P     1 ? 
ATOM   430 O  OP1   . U   B 1 7  ? -2.693  -2.831  -8.197  1.000 15.842 0 7   U   B OP1   1 ? 
ATOM   431 O  OP2   . U   B 1 7  ? -1.943  -1.719  -5.939  1.000 14.070 0 7   U   B OP2   1 ? 
ATOM   432 O  "O5'" . U   B 1 7  ? -1.452  -0.634  -7.964  1.000 17.251 0 7   U   B "O5'" 1 ? 
ATOM   433 C  "C5'" . U   B 1 7  ? -1.436  -0.416  -9.390  1.000 20.144 0 7   U   B "C5'" 1 ? 
ATOM   434 C  "C4'" . U   B 1 7  ? -0.336  0.562   -9.712  1.000 20.750 0 7   U   B "C4'" 1 ? 
ATOM   435 O  "O4'" . U   B 1 7  ? -0.563  1.822   -9.047  1.000 20.984 0 7   U   B "O4'" 1 ? 
ATOM   436 C  "C3'" . U   B 1 7  ? 1.037   0.173   -9.201  1.000 22.586 0 7   U   B "C3'" 1 ? 
ATOM   437 O  "O3'" . U   B 1 7  ? 1.571   -0.786  -10.075 1.000 27.652 0 7   U   B "O3'" 1 ? 
ATOM   438 C  "C2'" . U   B 1 7  ? 1.756   1.508   -9.260  1.000 24.984 0 7   U   B "C2'" 1 ? 
ATOM   439 O  "O2'" . U   B 1 7  ? 2.078   1.892   -10.586 1.000 29.035 0 7   U   B "O2'" 1 ? 
ATOM   440 C  "C1'" . U   B 1 7  ? 0.656   2.424   -8.723  1.000 22.132 0 7   U   B "C1'" 1 ? 
ATOM   441 N  N1    . U   B 1 7  ? 0.699   2.660   -7.284  1.000 19.936 0 7   U   B N1    1 ? 
ATOM   442 C  C2    . U   B 1 7  ? 1.632   3.562   -6.856  1.000 20.326 0 7   U   B C2    1 ? 
ATOM   443 O  O2    . U   B 1 7  ? 2.373   4.143   -7.617  1.000 25.415 0 7   U   B O2    1 ? 
ATOM   444 N  N3    . U   B 1 7  ? 1.610   3.825   -5.515  1.000 21.238 0 7   U   B N3    1 ? 
ATOM   445 C  C4    . U   B 1 7  ? 0.806   3.247   -4.568  1.000 17.423 0 7   U   B C4    1 ? 
ATOM   446 O  O4    . U   B 1 7  ? 0.918   3.587   -3.398  1.000 19.939 0 7   U   B O4    1 ? 
ATOM   447 C  C5    . U   B 1 7  ? -0.083  2.255   -5.076  1.000 16.828 0 7   U   B C5    1 ? 
ATOM   448 C  C6    . U   B 1 7  ? -0.105  1.997   -6.382  1.000 17.954 0 7   U   B C6    1 ? 
ATOM   449 P  P     . U   B 1 8  ? 2.489   -1.949  -9.515  1.000 29.810 0 8   U   B P     1 ? 
ATOM   450 O  OP1   . U   B 1 8  ? 2.510   -2.993  -10.563 1.000 32.200 0 8   U   B OP1   1 ? 
ATOM   451 O  OP2   . U   B 1 8  ? 2.068   -2.325  -8.130  1.000 30.787 0 8   U   B OP2   1 ? 
ATOM   452 O  "O5'" . U   B 1 8  ? 3.862   -1.205  -9.194  1.000 29.809 0 8   U   B "O5'" 1 ? 
ATOM   453 C  "C5'" . U   B 1 8  ? 4.522   -0.496  -10.262 1.000 31.036 0 8   U   B "C5'" 1 ? 
ATOM   454 C  "C4'" . U   B 1 8  ? 5.631   0.359   -9.738  1.000 30.232 0 8   U   B "C4'" 1 ? 
ATOM   455 O  "O4'" . U   B 1 8  ? 5.096   1.524   -9.068  1.000 29.002 0 8   U   B "O4'" 1 ? 
ATOM   456 C  "C3'" . U   B 1 8  ? 6.557   -0.254  -8.701  1.000 33.720 0 8   U   B "C3'" 1 ? 
ATOM   457 O  "O3'" . U   B 1 8  ? 7.538   -1.111  -9.284  1.000 39.035 0 8   U   B "O3'" 1 ? 
ATOM   458 C  "C2'" . U   B 1 8  ? 7.169   0.999   -8.091  1.000 31.188 0 8   U   B "C2'" 1 ? 
ATOM   459 O  "O2'" . U   B 1 8  ? 8.142   1.623   -8.919  1.000 36.654 0 8   U   B "O2'" 1 ? 
ATOM   460 C  "C1'" . U   B 1 8  ? 5.946   1.906   -8.006  1.000 27.895 0 8   U   B "C1'" 1 ? 
ATOM   461 N  N1    . U   B 1 8  ? 5.214   1.792   -6.730  1.000 26.599 0 8   U   B N1    1 ? 
ATOM   462 C  C2    . U   B 1 8  ? 5.662   2.575   -5.684  1.000 28.027 0 8   U   B C2    1 ? 
ATOM   463 O  O2    . U   B 1 8  ? 6.615   3.334   -5.778  1.000 31.184 0 8   U   B O2    1 ? 
ATOM   464 N  N3    . U   B 1 8  ? 4.963   2.433   -4.517  1.000 28.480 0 8   U   B N3    1 ? 
ATOM   465 C  C4    . U   B 1 8  ? 3.871   1.623   -4.289  1.000 24.919 0 8   U   B C4    1 ? 
ATOM   466 O  O4    . U   B 1 8  ? 3.351   1.620   -3.180  1.000 25.909 0 8   U   B O4    1 ? 
ATOM   467 C  C5    . U   B 1 8  ? 3.470   0.832   -5.408  1.000 23.860 0 8   U   B C5    1 ? 
ATOM   468 C  C6    . U   B 1 8  ? 4.135   0.947   -6.570  1.000 27.919 0 8   U   B C6    1 ? 
ATOM   469 P  P     . A   B 1 9  ? 8.207   -2.307  -8.425  1.000 38.848 0 9   A   B P     1 ? 
ATOM   470 O  OP1   . A   B 1 9  ? 9.118   -3.010  -9.364  1.000 43.714 0 9   A   B OP1   1 ? 
ATOM   471 O  OP2   . A   B 1 9  ? 7.153   -3.108  -7.778  1.000 42.444 0 9   A   B OP2   1 ? 
ATOM   472 O  "O5'" . A   B 1 9  ? 9.043   -1.532  -7.318  1.000 36.888 0 9   A   B "O5'" 1 ? 
ATOM   473 C  "C5'" . A   B 1 9  ? 10.278  -0.922  -7.708  1.000 38.047 0 9   A   B "C5'" 1 ? 
ATOM   474 C  "C4'" . A   B 1 9  ? 10.935  -0.258  -6.541  1.000 39.494 0 9   A   B "C4'" 1 ? 
ATOM   475 O  "O4'" . A   B 1 9  ? 10.087  0.818   -6.059  1.000 40.225 0 9   A   B "O4'" 1 ? 
ATOM   476 C  "C3'" . A   B 1 9  ? 11.154  -1.122  -5.309  1.000 44.305 0 9   A   B "C3'" 1 ? 
ATOM   477 O  "O3'" . A   B 1 9  ? 12.237  -2.041  -5.473  1.000 48.155 0 9   A   B "O3'" 1 ? 
ATOM   478 C  "C2'" . A   B 1 9  ? 11.328  -0.045  -4.245  1.000 42.559 0 9   A   B "C2'" 1 ? 
ATOM   479 O  "O2'" . A   B 1 9  ? 12.568  0.623   -4.264  1.000 45.817 0 9   A   B "O2'" 1 ? 
ATOM   480 C  "C1'" . A   B 1 9  ? 10.233  0.940   -4.653  1.000 40.963 0 9   A   B "C1'" 1 ? 
ATOM   481 N  N9    . A   B 1 9  ? 8.944   0.642   -4.026  1.000 33.852 0 9   A   B N9    1 ? 
ATOM   482 C  C8    . A   B 1 9  ? 7.897   -0.103  -4.511  1.000 30.698 0 9   A   B C8    1 ? 
ATOM   483 N  N7    . A   B 1 9  ? 6.890   -0.202  -3.679  1.000 28.707 0 9   A   B N7    1 ? 
ATOM   484 C  C5    . A   B 1 9  ? 7.296   0.534   -2.575  1.000 27.468 0 9   A   B C5    1 ? 
ATOM   485 C  C6    . A   B 1 9  ? 6.676   0.822   -1.351  1.000 27.423 0 9   A   B C6    1 ? 
ATOM   486 N  N6    . A   B 1 9  ? 5.450   0.407   -1.034  1.000 25.951 0 9   A   B N6    1 ? 
ATOM   487 N  N1    . A   B 1 9  ? 7.356   1.578   -0.461  1.000 30.777 0 9   A   B N1    1 ? 
ATOM   488 C  C2    . A   B 1 9  ? 8.595   1.986   -0.781  1.000 30.220 0 9   A   B C2    1 ? 
ATOM   489 N  N3    . A   B 1 9  ? 9.277   1.795   -1.905  1.000 30.569 0 9   A   B N3    1 ? 
ATOM   490 C  C4    . A   B 1 9  ? 8.558   1.065   -2.777  1.000 32.134 0 9   A   B C4    1 ? 
ATOM   491 P  P     . A   B 1 10 ? 12.111  -3.567  -4.937  1.000 50.774 0 10  A   B P     1 ? 
ATOM   492 O  OP1   . A   B 1 10 ? 13.139  -4.381  -5.623  1.000 63.288 0 10  A   B OP1   1 ? 
ATOM   493 O  OP2   . A   B 1 10 ? 10.704  -3.989  -5.045  1.000 62.884 0 10  A   B OP2   1 ? 
ATOM   494 O  "O5'" . A   B 1 10 ? 12.548  -3.421  -3.421  1.000 43.397 0 10  A   B "O5'" 1 ? 
ATOM   495 C  "C5'" . A   B 1 10 ? 13.713  -2.645  -3.146  1.000 41.569 0 10  A   B "C5'" 1 ? 
ATOM   496 C  "C4'" . A   B 1 10 ? 13.681  -2.096  -1.754  1.000 43.307 0 10  A   B "C4'" 1 ? 
ATOM   497 O  "O4'" . A   B 1 10 ? 12.677  -1.052  -1.658  1.000 43.386 0 10  A   B "O4'" 1 ? 
ATOM   498 C  "C3'" . A   B 1 10 ? 13.333  -3.057  -0.623  1.000 46.067 0 10  A   B "C3'" 1 ? 
ATOM   499 O  "O3'" . A   B 1 10 ? 14.398  -3.953  -0.255  1.000 49.753 0 10  A   B "O3'" 1 ? 
ATOM   500 C  "C2'" . A   B 1 10 ? 12.938  -2.067  0.470   1.000 43.865 0 10  A   B "C2'" 1 ? 
ATOM   501 O  "O2'" . A   B 1 10 ? 13.997  -1.475  1.180   1.000 39.197 0 10  A   B "O2'" 1 ? 
ATOM   502 C  "C1'" . A   B 1 10 ? 12.150  -1.027  -0.338  1.000 43.808 0 10  A   B "C1'" 1 ? 
ATOM   503 N  N9    . A   B 1 10 ? 10.733  -1.382  -0.411  1.000 35.634 0 10  A   B N9    1 ? 
ATOM   504 C  C8    . A   B 1 10 ? 10.107  -2.061  -1.430  1.000 37.780 0 10  A   B C8    1 ? 
ATOM   505 N  N7    . A   B 1 10 ? 8.831   -2.271  -1.218  1.000 33.313 0 10  A   B N7    1 ? 
ATOM   506 C  C5    . A   B 1 10 ? 8.617   -1.749  0.052   1.000 32.448 0 10  A   B C5    1 ? 
ATOM   507 C  C6    . A   B 1 10 ? 7.467   -1.666  0.855   1.000 31.532 0 10  A   B C6    1 ? 
ATOM   508 N  N6    . A   B 1 10 ? 6.280   -2.153  0.493   1.000 31.838 0 10  A   B N6    1 ? 
ATOM   509 N  N1    . A   B 1 10 ? 7.581   -1.065  2.058   1.000 33.070 0 10  A   B N1    1 ? 
ATOM   510 C  C2    . A   B 1 10 ? 8.774   -0.565  2.416   1.000 38.144 0 10  A   B C2    1 ? 
ATOM   511 N  N3    . A   B 1 10 ? 9.930   -0.589  1.751   1.000 33.201 0 10  A   B N3    1 ? 
ATOM   512 C  C4    . A   B 1 10 ? 9.777   -1.187  0.555   1.000 33.184 0 10  A   B C4    1 ? 
ATOM   513 P  P     . G   B 1 11 ? 14.081  -5.476  0.290   1.000 50.840 0 11  G   B P     1 ? 
ATOM   514 O  OP1   . G   B 1 11 ? 15.391  -6.223  0.504   1.000 55.213 0 11  G   B OP1   1 ? 
ATOM   515 O  OP2   . G   B 1 11 ? 13.113  -6.170  -0.655  1.000 48.668 0 11  G   B OP2   1 ? 
ATOM   516 O  "O5'" . G   B 1 11 ? 13.420  -5.245  1.730   1.000 38.287 0 11  G   B "O5'" 1 ? 
ATOM   517 C  "C5'" . G   B 1 11 ? 14.182  -4.491  2.689   1.000 37.218 0 11  G   B "C5'" 1 ? 
ATOM   518 C  "C4'" . G   B 1 11 ? 13.353  -4.218  3.914   1.000 34.720 0 11  G   B "C4'" 1 ? 
ATOM   519 O  "O4'" . G   B 1 11 ? 12.301  -3.298  3.545   1.000 33.862 0 11  G   B "O4'" 1 ? 
ATOM   520 C  "C3'" . G   B 1 11 ? 12.587  -5.372  4.575   1.000 35.872 0 11  G   B "C3'" 1 ? 
ATOM   521 O  "O3'" . G   B 1 11 ? 13.333  -6.144  5.516   1.000 34.165 0 11  G   B "O3'" 1 ? 
ATOM   522 C  "C2'" . G   B 1 11 ? 11.565  -4.564  5.379   1.000 31.804 0 11  G   B "C2'" 1 ? 
ATOM   523 O  "O2'" . G   B 1 11 ? 12.102  -3.922  6.516   1.000 32.264 0 11  G   B "O2'" 1 ? 
ATOM   524 C  "C1'" . G   B 1 11 ? 11.165  -3.502  4.366   1.000 31.499 0 11  G   B "C1'" 1 ? 
ATOM   525 N  N9    . G   B 1 11 ? 10.028  -3.902  3.540   1.000 24.847 0 11  G   B N9    1 ? 
ATOM   526 C  C8    . G   B 1 11 ? 10.061  -4.400  2.263   1.000 24.526 0 11  G   B C8    1 ? 
ATOM   527 N  N7    . G   B 1 11 ? 8.886   -4.698  1.778   1.000 23.153 0 11  G   B N7    1 ? 
ATOM   528 C  C5    . G   B 1 11 ? 8.036   -4.456  2.849   1.000 21.843 0 11  G   B C5    1 ? 
ATOM   529 C  C6    . G   B 1 11 ? 6.621   -4.547  2.921   1.000 18.121 0 11  G   B C6    1 ? 
ATOM   530 O  O6    . G   B 1 11 ? 5.844   -4.947  2.057   1.000 17.259 0 11  G   B O6    1 ? 
ATOM   531 N  N1    . G   B 1 11 ? 6.167   -4.183  4.168   1.000 18.387 0 11  G   B N1    1 ? 
ATOM   532 C  C2    . G   B 1 11 ? 6.916   -3.715  5.207   1.000 18.252 0 11  G   B C2    1 ? 
ATOM   533 N  N2    . G   B 1 11 ? 6.264   -3.412  6.327   1.000 19.078 0 11  G   B N2    1 ? 
ATOM   534 N  N3    . G   B 1 11 ? 8.246   -3.560  5.130   1.000 20.873 0 11  G   B N3    1 ? 
ATOM   535 C  C4    . G   B 1 11 ? 8.717   -3.927  3.919   1.000 21.805 0 11  G   B C4    1 ? 
ATOM   536 P  P     . U   B 1 12 ? 12.905  -7.631  5.888   1.000 31.384 0 12  U   B P     1 ? 
ATOM   537 O  OP1   . U   B 1 12 ? 14.018  -8.222  6.691   1.000 38.868 0 12  U   B OP1   1 ? 
ATOM   538 O  OP2   . U   B 1 12 ? 12.454  -8.328  4.637   1.000 33.940 0 12  U   B OP2   1 ? 
ATOM   539 O  "O5'" . U   B 1 12 ? 11.728  -7.447  6.935   1.000 30.940 0 12  U   B "O5'" 1 ? 
ATOM   540 C  "C5'" . U   B 1 12 ? 11.882  -6.708  8.140   1.000 29.805 0 12  U   B "C5'" 1 ? 
ATOM   541 C  "C4'" . U   B 1 12 ? 10.580  -6.728  8.878   1.000 30.183 0 12  U   B "C4'" 1 ? 
ATOM   542 O  "O4'" . U   B 1 12 ? 9.648   -5.890  8.137   1.000 29.770 0 12  U   B "O4'" 1 ? 
ATOM   543 C  "C3'" . U   B 1 12 ? 9.853   -8.064  8.926   1.000 27.484 0 12  U   B "C3'" 1 ? 
ATOM   544 O  "O3'" . U   B 1 12 ? 10.284  -9.021  9.910   1.000 25.159 0 12  U   B "O3'" 1 ? 
ATOM   545 C  "C2'" . U   B 1 12 ? 8.429   -7.606  9.217   1.000 25.037 0 12  U   B "C2'" 1 ? 
ATOM   546 O  "O2'" . U   B 1 12 ? 8.169   -7.150  10.528  1.000 23.665 0 12  U   B "O2'" 1 ? 
ATOM   547 C  "C1'" . U   B 1 12 ? 8.318   -6.403  8.295   1.000 24.894 0 12  U   B "C1'" 1 ? 
ATOM   548 N  N1    . U   B 1 12 ? 7.813   -6.783  6.978   1.000 23.178 0 12  U   B N1    1 ? 
ATOM   549 C  C2    . U   B 1 12 ? 6.434   -6.888  6.844   1.000 17.100 0 12  U   B C2    1 ? 
ATOM   550 O  O2    . U   B 1 12 ? 5.672   -6.666  7.760   1.000 16.792 0 12  U   B O2    1 ? 
ATOM   551 N  N3    . U   B 1 12 ? 6.006   -7.226  5.589   1.000 18.283 0 12  U   B N3    1 ? 
ATOM   552 C  C4    . U   B 1 12 ? 6.781   -7.518  4.496   1.000 16.855 0 12  U   B C4    1 ? 
ATOM   553 O  O4    . U   B 1 12 ? 6.248   -7.861  3.451   1.000 18.988 0 12  U   B O4    1 ? 
ATOM   554 C  C5    . U   B 1 12 ? 8.196   -7.477  4.738   1.000 18.359 0 12  U   B C5    1 ? 
ATOM   555 C  C6    . U   B 1 12 ? 8.648   -7.095  5.934   1.000 18.891 0 12  U   B C6    1 ? 
ATOM   556 P  P     . C   B 1 13 ? 10.121  -10.570 9.648   1.000 25.780 0 13  C   B P     1 ? 
ATOM   557 O  OP1   . C   B 1 13 ? 10.725  -11.295 10.802  1.000 32.904 0 13  C   B OP1   1 ? 
ATOM   558 O  OP2   . C   B 1 13 ? 10.392  -10.933 8.266   1.000 22.609 0 13  C   B OP2   1 ? 
ATOM   559 O  "O5'" . C   B 1 13 ? 8.557   -10.866 9.859   1.000 18.990 0 13  C   B "O5'" 1 ? 
ATOM   560 C  "C5'" . C   B 1 13 ? 7.900   -10.566 11.054  1.000 15.309 0 13  C   B "C5'" 1 ? 
ATOM   561 C  "C4'" . C   B 1 13 ? 6.390   -10.691 10.822  1.000 14.178 0 13  C   B "C4'" 1 ? 
ATOM   562 O  "O4'" . C   B 1 13 ? 6.021   -9.721  9.802   1.000 13.263 0 13  C   B "O4'" 1 ? 
ATOM   563 C  "C3'" . C   B 1 13 ? 5.824   -11.986 10.263  1.000 13.322 0 13  C   B "C3'" 1 ? 
ATOM   564 O  "O3'" . C   B 1 13 ? 5.684   -12.928 11.321  1.000 14.525 0 13  C   B "O3'" 1 ? 
ATOM   565 C  "C2'" . C   B 1 13 ? 4.452   -11.502 9.752   1.000 11.277 0 13  C   B "C2'" 1 ? 
ATOM   566 O  "O2'" . C   B 1 13 ? 3.596   -11.152 10.811  1.000 10.702 0 13  C   B "O2'" 1 ? 
ATOM   567 C  "C1'" . C   B 1 13 ? 4.846   -10.170 9.110   1.000 11.371 0 13  C   B "C1'" 1 ? 
ATOM   568 N  N1    . C   B 1 13 ? 5.177   -10.367 7.699   1.000 11.274 0 13  C   B N1    1 ? 
ATOM   569 C  C2    . C   B 1 13 ? 4.094   -10.458 6.817   1.000 10.492 0 13  C   B C2    1 ? 
ATOM   570 O  O2    . C   B 1 13 ? 2.956   -10.379 7.283   1.000 9.808  0 13  C   B O2    1 ? 
ATOM   571 N  N3    . C   B 1 13 ? 4.319   -10.668 5.510   1.000 10.303 0 13  C   B N3    1 ? 
ATOM   572 C  C4    . C   B 1 13 ? 5.574   -10.764 5.055   1.000 13.154 0 13  C   B C4    1 ? 
ATOM   573 N  N4    . C   B 1 13 ? 5.750   -11.000 3.754   1.000 11.734 0 13  C   B N4    1 ? 
ATOM   574 C  C5    . C   B 1 13 ? 6.703   -10.665 5.931   1.000 11.989 0 13  C   B C5    1 ? 
ATOM   575 C  C6    . C   B 1 13 ? 6.454   -10.546 7.239   1.000 12.477 0 13  C   B C6    1 ? 
HETATM 576 F  F     . GF2 B 1 14 ? -0.170  -15.573 8.085   1.000 11.421 0 14  GF2 B F     1 ? 
HETATM 577 P  P     . GF2 B 1 14 ? 5.748   -14.485 10.969  1.000 15.841 0 14  GF2 B P     1 ? 
HETATM 578 N  N1    . GF2 B 1 14 ? 2.055   -14.280 2.363   1.000 6.146  0 14  GF2 B N1    1 ? 
HETATM 579 C  C2    . GF2 B 1 14 ? 0.922   -14.393 3.165   1.000 5.941  0 14  GF2 B C2    1 ? 
HETATM 580 N  N2    . GF2 B 1 14 ? -0.259  -14.550 2.618   1.000 5.694  0 14  GF2 B N2    1 ? 
HETATM 581 N  N3    . GF2 B 1 14 ? 1.018   -14.330 4.490   1.000 6.073  0 14  GF2 B N3    1 ? 
HETATM 582 C  C4    . GF2 B 1 14 ? 2.265   -14.156 5.006   1.000 6.212  0 14  GF2 B C4    1 ? 
HETATM 583 C  C5    . GF2 B 1 14 ? 3.425   -14.052 4.262   1.000 6.477  0 14  GF2 B C5    1 ? 
HETATM 584 C  C6    . GF2 B 1 14 ? 3.309   -14.066 2.915   1.000 6.634  0 14  GF2 B C6    1 ? 
HETATM 585 O  O6    . GF2 B 1 14 ? 4.274   -13.975 2.107   1.000 6.994  0 14  GF2 B O6    1 ? 
HETATM 586 N  N7    . GF2 B 1 14 ? 4.534   -13.984 5.160   1.000 6.991  0 14  GF2 B N7    1 ? 
HETATM 587 C  C8    . GF2 B 1 14 ? 3.968   -14.027 6.380   1.000 7.178  0 14  GF2 B C8    1 ? 
HETATM 588 N  N9    . GF2 B 1 14 ? 2.586   -14.148 6.313   1.000 7.094  0 14  GF2 B N9    1 ? 
HETATM 589 C  "C1'" . GF2 B 1 14 ? 1.629   -14.261 7.425   1.000 7.911  0 14  GF2 B "C1'" 1 ? 
HETATM 590 O  OP2   . GF2 B 1 14 ? 6.904   -14.741 10.094  1.000 15.024 0 14  GF2 B OP2   1 ? 
HETATM 591 C  "C2'" . GF2 B 1 14 ? 1.153   -15.709 7.684   1.000 9.226  0 14  GF2 B "C2'" 1 ? 
HETATM 592 O  OP1   . GF2 B 1 14 ? 5.505   -15.077 12.307  1.000 16.934 0 14  GF2 B OP1   1 ? 
HETATM 593 C  "C3'" . GF2 B 1 14 ? 2.085   -16.133 8.726   1.000 9.519  0 14  GF2 B "C3'" 1 ? 
HETATM 594 O  "O3'" . GF2 B 1 14 ? 1.467   -17.220 9.414   1.000 11.455 0 14  GF2 B "O3'" 1 ? 
HETATM 595 C  "C4'" . GF2 B 1 14 ? 2.116   -14.897 9.616   1.000 9.231  0 14  GF2 B "C4'" 1 ? 
HETATM 596 O  "O4'" . GF2 B 1 14 ? 2.333   -13.826 8.628   1.000 8.095  0 14  GF2 B "O4'" 1 ? 
HETATM 597 C  "C5'" . GF2 B 1 14 ? 3.208   -14.737 10.650  1.000 10.355 0 14  GF2 B "C5'" 1 ? 
HETATM 598 O  "O5'" . GF2 B 1 14 ? 4.391   -14.820 10.021  1.000 12.165 0 14  GF2 B "O5'" 1 ? 
HETATM 599 N  N9A   . GP3 C 2 .  ? 2.050   -17.757 3.232   1.000 6.658  0 101 GP3 A N9A   1 ? 
HETATM 600 C  C8A   . GP3 C 2 .  ? 3.262   -17.528 3.819   1.000 6.705  0 101 GP3 A C8A   1 ? 
HETATM 601 N  N7A   . GP3 C 2 .  ? 4.177   -17.235 2.919   1.000 6.539  0 101 GP3 A N7A   1 ? 
HETATM 602 C  C5A   . GP3 C 2 .  ? 3.538   -17.278 1.681   1.000 5.767  0 101 GP3 A C5A   1 ? 
HETATM 603 C  C6A   . GP3 C 2 .  ? 3.947   -17.067 0.399   1.000 5.910  0 101 GP3 A C6A   1 ? 
HETATM 604 O  O6A   . GP3 C 2 .  ? 5.113   -16.692 0.023   1.000 6.828  0 101 GP3 A O6A   1 ? 
HETATM 605 N  N1A   . GP3 C 2 .  ? 3.036   -17.231 -0.542  1.000 5.846  0 101 GP3 A N1A   1 ? 
HETATM 606 C  C2A   . GP3 C 2 .  ? 1.726   -17.546 -0.333  1.000 5.602  0 101 GP3 A C2A   1 ? 
HETATM 607 N  N2A   . GP3 C 2 .  ? 0.906   -17.728 -1.348  1.000 5.594  0 101 GP3 A N2A   1 ? 
HETATM 608 N  N3A   . GP3 C 2 .  ? 1.319   -17.755 0.967   1.000 5.120  0 101 GP3 A N3A   1 ? 
HETATM 609 C  C4A   . GP3 C 2 .  ? 2.201   -17.640 1.922   1.000 5.941  0 101 GP3 A C4A   1 ? 
HETATM 610 O  O5D   . GP3 C 2 .  ? 3.033   -19.582 6.299   1.000 11.527 0 101 GP3 A O5D   1 ? 
HETATM 611 C  C5D   . GP3 C 2 .  ? 1.845   -19.456 6.986   1.000 9.395  0 101 GP3 A C5D   1 ? 
HETATM 612 C  C4D   . GP3 C 2 .  ? 0.839   -19.255 5.803   1.000 8.226  0 101 GP3 A C4D   1 ? 
HETATM 613 O  O4D   . GP3 C 2 .  ? 0.975   -17.953 5.257   1.000 7.037  0 101 GP3 A O4D   1 ? 
HETATM 614 C  C3D   . GP3 C 2 .  ? 0.880   -20.251 4.705   1.000 7.349  0 101 GP3 A C3D   1 ? 
HETATM 615 O  O3D   . GP3 C 2 .  ? 0.068   -21.426 4.985   1.000 8.322  0 101 GP3 A O3D   1 ? 
HETATM 616 C  C2D   . GP3 C 2 .  ? 0.175   -19.431 3.578   1.000 7.096  0 101 GP3 A C2D   1 ? 
HETATM 617 O  O2D   . GP3 C 2 .  ? -1.212  -19.455 3.738   1.000 6.756  0 101 GP3 A O2D   1 ? 
HETATM 618 C  C1D   . GP3 C 2 .  ? 0.749   -18.039 3.848   1.000 7.036  0 101 GP3 A C1D   1 ? 
HETATM 619 P  PA    . GP3 C 2 .  ? 4.431   -19.748 7.206   1.000 14.215 0 101 GP3 A PA    1 ? 
HETATM 620 O  O1A   . GP3 C 2 .  ? 4.476   -18.551 8.020   1.000 18.199 0 101 GP3 A O1A   1 ? 
HETATM 621 O  O2A   . GP3 C 2 .  ? 4.428   -21.066 7.898   1.000 16.421 0 101 GP3 A O2A   1 ? 
HETATM 622 O  O3A   . GP3 C 2 .  ? 5.395   -19.459 6.035   1.000 18.563 0 101 GP3 A O3A   1 ? 
HETATM 623 P  PB    . GP3 C 2 .  ? 6.450   -20.469 5.272   1.000 33.395 0 101 GP3 A PB    1 ? 
HETATM 624 O  O1B   . GP3 C 2 .  ? 7.144   -19.632 4.275   1.000 29.671 0 101 GP3 A O1B   1 ? 
HETATM 625 O  O2B   . GP3 C 2 .  ? 7.163   -21.289 6.300   1.000 35.918 0 101 GP3 A O2B   1 ? 
HETATM 626 O  O3B   . GP3 C 2 .  ? 5.389   -21.401 4.385   1.000 35.404 0 101 GP3 A O3B   1 ? 
HETATM 627 P  PG    . GP3 C 2 .  ? 5.228   -22.990 4.207   1.000 33.296 0 101 GP3 A PG    1 ? 
HETATM 628 O  O1G   . GP3 C 2 .  ? 6.678   -22.959 3.894   1.000 26.972 0 101 GP3 A O1G   1 ? 
HETATM 629 O  O2G   . GP3 C 2 .  ? 4.597   -23.445 5.456   1.000 40.770 0 101 GP3 A O2G   1 ? 
HETATM 630 O  O5E   . GP3 C 2 .  ? 4.132   -22.759 3.004   1.000 22.750 0 101 GP3 A O5E   1 ? 
HETATM 631 C  C5E   . GP3 C 2 .  ? 2.731   -23.090 3.123   1.000 20.021 0 101 GP3 A C5E   1 ? 
HETATM 632 C  C4E   . GP3 C 2 .  ? 2.098   -22.827 1.809   1.000 17.448 0 101 GP3 A C4E   1 ? 
HETATM 633 O  O4E   . GP3 C 2 .  ? 2.383   -21.368 1.661   1.000 16.624 0 101 GP3 A O4E   1 ? 
HETATM 634 C  C3E   . GP3 C 2 .  ? 2.877   -23.473 0.724   1.000 17.099 0 101 GP3 A C3E   1 ? 
HETATM 635 O  O3E   . GP3 C 2 .  ? 2.369   -24.815 0.547   1.000 16.370 0 101 GP3 A O3E   1 ? 
HETATM 636 C  C2E   . GP3 C 2 .  ? 2.477   -22.595 -0.450  1.000 15.174 0 101 GP3 A C2E   1 ? 
HETATM 637 O  O2E   . GP3 C 2 .  ? 1.139   -22.969 -0.942  1.000 16.094 0 101 GP3 A O2E   1 ? 
HETATM 638 C  C1E   . GP3 C 2 .  ? 2.591   -21.199 0.163   1.000 13.916 0 101 GP3 A C1E   1 ? 
HETATM 639 N  N9B   . GP3 C 2 .  ? 3.896   -20.612 -0.020  1.000 10.780 0 101 GP3 A N9B   1 ? 
HETATM 640 C  C8B   . GP3 C 2 .  ? 4.877   -20.344 0.824   1.000 10.304 0 101 GP3 A C8B   1 ? 
HETATM 641 N  N7B   . GP3 C 2 .  ? 5.882   -19.829 0.268   1.000 10.567 0 101 GP3 A N7B   1 ? 
HETATM 642 C  C5B   . GP3 C 2 .  ? 5.670   -19.749 -1.064  1.000 9.312  0 101 GP3 A C5B   1 ? 
HETATM 643 C  C6B   . GP3 C 2 .  ? 6.451   -19.258 -2.107  1.000 8.617  0 101 GP3 A C6B   1 ? 
HETATM 644 O  O6B   . GP3 C 2 .  ? 7.634   -18.797 -2.122  1.000 9.284  0 101 GP3 A O6B   1 ? 
HETATM 645 N  N1B   . GP3 C 2 .  ? 5.792   -19.379 -3.263  1.000 8.139  0 101 GP3 A N1B   1 ? 
HETATM 646 C  C2B   . GP3 C 2 .  ? 4.568   -19.856 -3.443  1.000 7.385  0 101 GP3 A C2B   1 ? 
HETATM 647 N  N2B   . GP3 C 2 .  ? 4.029   -19.943 -4.661  1.000 7.372  0 101 GP3 A N2B   1 ? 
HETATM 648 N  N3B   . GP3 C 2 .  ? 3.817   -20.302 -2.410  1.000 9.117  0 101 GP3 A N3B   1 ? 
HETATM 649 C  C4B   . GP3 C 2 .  ? 4.440   -20.211 -1.238  1.000 9.617  0 101 GP3 A C4B   1 ? 
HETATM 650 MG MG    . MG  D 3 .  ? -16.945 14.001  -0.485  0.330 6.570  0 102 MG  A MG    1 ? 
HETATM 651 MG MG    . MG  E 3 .  ? -3.873  -5.409  -3.896  1.000 17.984 0 103 MG  A MG    1 ? 
HETATM 652 MG MG    . MG  F 3 .  ? -15.054 18.945  -4.853  1.000 34.127 0 104 MG  A MG    1 ? 
HETATM 653 MG MG    . MG  G 3 .  ? -7.721  -2.956  1.754   1.000 69.248 0 105 MG  A MG    1 ? 
HETATM 654 N  N9A   . GP3 H 2 .  ? -11.509 14.336  -1.108  1.000 6.871  0 101 GP3 B N9A   1 ? 
HETATM 655 C  C8A   . GP3 H 2 .  ? -10.765 14.863  -2.130  1.000 7.041  0 101 GP3 B C8A   1 ? 
HETATM 656 N  N7A   . GP3 H 2 .  ? -9.670  15.375  -1.661  1.000 6.919  0 101 GP3 B N7A   1 ? 
HETATM 657 C  C5A   . GP3 H 2 .  ? -9.641  15.180  -0.288  1.000 6.023  0 101 GP3 B C5A   1 ? 
HETATM 658 C  C6A   . GP3 H 2 .  ? -8.765  15.461  0.693   1.000 6.309  0 101 GP3 B C6A   1 ? 
HETATM 659 O  O6A   . GP3 H 2 .  ? -7.614  16.014  0.566   1.000 6.859  0 101 GP3 B O6A   1 ? 
HETATM 660 N  N1A   . GP3 H 2 .  ? -9.138  15.142  1.917   1.000 5.996  0 101 GP3 B N1A   1 ? 
HETATM 661 C  C2A   . GP3 H 2 .  ? -10.289 14.461  2.271   1.000 5.725  0 101 GP3 B C2A   1 ? 
HETATM 662 N  N2A   . GP3 H 2 .  ? -10.593 14.203  3.518   1.000 5.835  0 101 GP3 B N2A   1 ? 
HETATM 663 N  N3A   . GP3 H 2 .  ? -11.165 14.186  1.269   1.000 5.405  0 101 GP3 B N3A   1 ? 
HETATM 664 C  C4A   . GP3 H 2 .  ? -10.848 14.520  0.034   1.000 6.083  0 101 GP3 B C4A   1 ? 
HETATM 665 O  O5D   . GP3 H 2 .  ? -13.150 15.891  -4.010  1.000 11.501 0 101 GP3 B O5D   1 ? 
HETATM 666 C  C5D   . GP3 H 2 .  ? -14.103 14.903  -4.243  1.000 9.342  0 101 GP3 B C5D   1 ? 
HETATM 667 C  C4D   . GP3 H 2 .  ? -14.248 14.268  -2.811  1.000 8.255  0 101 GP3 B C4D   1 ? 
HETATM 668 O  O4D   . GP3 H 2 .  ? -13.113 13.488  -2.542  1.000 7.123  0 101 GP3 B O4D   1 ? 
HETATM 669 C  C3D   . GP3 H 2 .  ? -14.440 15.185  -1.687  1.000 7.416  0 101 GP3 B C3D   1 ? 
HETATM 670 O  O3D   . GP3 H 2 .  ? -15.860 15.518  -1.465  1.000 8.098  0 101 GP3 B O3D   1 ? 
HETATM 671 C  C2D   . GP3 H 2 .  ? -13.949 14.296  -0.508  1.000 7.167  0 101 GP3 B C2D   1 ? 
HETATM 672 O  O2D   . GP3 H 2 .  ? -14.964 13.415  -0.129  1.000 6.757  0 101 GP3 B O2D   1 ? 
HETATM 673 C  C1D   . GP3 H 2 .  ? -12.793 13.603  -1.158  1.000 7.331  0 101 GP3 B C1D   1 ? 
HETATM 674 P  PA    . GP3 H 2 .  ? -12.687 16.798  -5.317  1.000 14.016 0 101 GP3 B PA    1 ? 
HETATM 675 O  O1A   . GP3 H 2 .  ? -12.214 15.836  -6.293  1.000 18.506 0 101 GP3 B O1A   1 ? 
HETATM 676 O  O2A   . GP3 H 2 .  ? -13.836 17.654  -5.746  1.000 16.145 0 101 GP3 B O2A   1 ? 
HETATM 677 O  O3A   . GP3 H 2 .  ? -11.422 17.364  -4.676  1.000 19.380 0 101 GP3 B O3A   1 ? 
HETATM 678 P  PB    . GP3 H 2 .  ? -11.097 18.929  -4.198  1.000 33.150 0 101 GP3 B PB    1 ? 
HETATM 679 O  O1B   . GP3 H 2 .  ? -9.734  18.885  -3.646  1.000 30.725 0 101 GP3 B O1B   1 ? 
HETATM 680 O  O2B   . GP3 H 2 .  ? -11.500 19.856  -5.284  1.000 37.725 0 101 GP3 B O2B   1 ? 
HETATM 681 O  O3B   . GP3 H 2 .  ? -12.154 19.026  -2.889  1.000 36.682 0 101 GP3 B O3B   1 ? 
HETATM 682 P  PG    . GP3 H 2 .  ? -13.196 20.157  -2.418  1.000 32.799 0 101 GP3 B PG    1 ? 
HETATM 683 O  O1G   . GP3 H 2 .  ? -12.055 21.094  -2.619  1.000 25.641 0 101 GP3 B O1G   1 ? 
HETATM 684 O  O2G   . GP3 H 2 .  ? -14.337 19.930  -3.324  1.000 40.438 0 101 GP3 B O2G   1 ? 
HETATM 685 O  O5E   . GP3 H 2 .  ? -13.354 19.432  -0.946  1.000 23.357 0 101 GP3 B O5E   1 ? 
HETATM 686 C  C5E   . GP3 H 2 .  ? -14.520 18.728  -0.485  1.000 20.172 0 101 GP3 B C5E   1 ? 
HETATM 687 C  C4E   . GP3 H 2 .  ? -14.302 18.321  0.944   1.000 17.961 0 101 GP3 B C4E   1 ? 
HETATM 688 O  O4E   . GP3 H 2 .  ? -13.087 17.432  0.766   1.000 17.538 0 101 GP3 B O4E   1 ? 
HETATM 689 C  C3E   . GP3 H 2 .  ? -13.796 19.474  1.731   1.000 17.379 0 101 GP3 B C3E   1 ? 
HETATM 690 O  O3E   . GP3 H 2 .  ? -14.946 20.168  2.260   1.000 16.504 0 101 GP3 B O3E   1 ? 
HETATM 691 C  C2E   . GP3 H 2 .  ? -13.031 18.735  2.811   1.000 15.135 0 101 GP3 B C2E   1 ? 
HETATM 692 O  O2E   . GP3 H 2 .  ? -13.987 18.214  3.809   1.000 15.688 0 101 GP3 B O2E   1 ? 
HETATM 693 C  C1E   . GP3 H 2 .  ? -12.252 17.690  2.027   1.000 14.158 0 101 GP3 B C1E   1 ? 
HETATM 694 N  N9B   . GP3 H 2 .  ? -10.935 18.130  1.604   1.000 11.039 0 101 GP3 B N9B   1 ? 
HETATM 695 C  C8B   . GP3 H 2 .  ? -10.435 18.446  0.427   1.000 10.495 0 101 GP3 B C8B   1 ? 
HETATM 696 N  N7B   . GP3 H 2 .  ? -9.229  18.822  0.477   1.000 10.729 0 101 GP3 B N7B   1 ? 
HETATM 697 C  C5B   . GP3 H 2 .  ? -8.823  18.809  1.772   1.000 9.186  0 101 GP3 B C5B   1 ? 
HETATM 698 C  C6B   . GP3 H 2 .  ? -7.610  19.086  2.377   1.000 8.467  0 101 GP3 B C6B   1 ? 
HETATM 699 O  O6B   . GP3 H 2 .  ? -6.522  19.534  1.927   1.000 9.254  0 101 GP3 B O6B   1 ? 
HETATM 700 N  N1B   . GP3 H 2 .  ? -7.693  18.932  3.696   1.000 7.912  0 101 GP3 B N1B   1 ? 
HETATM 701 C  C2B   . GP3 H 2 .  ? -8.761  18.479  4.383   1.000 7.194  0 101 GP3 B C2B   1 ? 
HETATM 702 N  N2B   . GP3 H 2 .  ? -8.729  18.372  5.705   1.000 7.098  0 101 GP3 B N2B   1 ? 
HETATM 703 N  N3B   . GP3 H 2 .  ? -9.929  18.193  3.776   1.000 8.864  0 101 GP3 B N3B   1 ? 
HETATM 704 C  C4B   . GP3 H 2 .  ? -9.873  18.373  2.456   1.000 9.652  0 101 GP3 B C4B   1 ? 
HETATM 705 MG MG    . MG  I 3 .  ? -1.996  -21.157 4.689   0.330 6.432  0 102 MG  B MG    1 ? 
HETATM 706 MG MG    . MG  J 3 .  ? -4.772  2.301   5.830   1.000 17.089 0 103 MG  B MG    1 ? 
HETATM 707 MG MG    . MG  K 3 .  ? 4.130   -22.925 7.287   1.000 35.297 0 104 MG  B MG    1 ? 
HETATM 708 MG MG    . MG  L 3 .  ? 7.000   -13.720 1.950   1.000 42.420 0 105 MG  B MG    1 ? 
HETATM 709 O  O     . HOH M 4 .  ? 0.706   -25.170 -0.731  1.000 30.969 0 201 HOH A O     1 ? 
HETATM 710 O  O     . HOH M 4 .  ? 6.246   -22.722 7.639   1.000 42.013 0 202 HOH A O     1 ? 
HETATM 711 O  O     . HOH M 4 .  ? -4.094  5.854   -9.112  1.000 23.324 0 203 HOH A O     1 ? 
HETATM 712 O  O     . HOH M 4 .  ? -0.197  8.434   -1.122  1.000 29.228 0 204 HOH A O     1 ? 
HETATM 713 O  O     . HOH M 4 .  ? -1.437  10.750  -2.382  1.000 34.211 0 205 HOH A O     1 ? 
HETATM 714 O  O     . HOH M 4 .  ? 7.614   -19.079 1.718   1.000 34.725 0 206 HOH A O     1 ? 
HETATM 715 O  O     . HOH M 4 .  ? -7.580  14.338  -7.569  1.000 31.780 0 207 HOH A O     1 ? 
HETATM 716 O  O     . HOH M 4 .  ? 3.905   -20.706 -8.115  1.000 26.462 0 208 HOH A O     1 ? 
HETATM 717 O  O     . HOH M 4 .  ? 1.087   -21.359 -2.828  1.000 22.167 0 209 HOH A O     1 ? 
HETATM 718 O  O     . HOH M 4 .  ? 6.614   -15.471 1.580   1.000 33.936 0 210 HOH A O     1 ? 
HETATM 719 O  O     . HOH M 4 .  ? -2.249  -5.917  -2.549  1.000 17.269 0 211 HOH A O     1 ? 
HETATM 720 O  O     . HOH M 4 .  ? 6.583   -17.069 3.714   1.000 13.645 0 212 HOH A O     1 ? 
HETATM 721 O  O     . HOH M 4 .  ? -1.139  -1.202  2.314   1.000 28.917 0 213 HOH A O     1 ? 
HETATM 722 O  O     . HOH M 4 .  ? -7.519  -6.643  0.807   1.000 23.930 0 214 HOH A O     1 ? 
HETATM 723 O  O     . HOH M 4 .  ? 9.322   -20.297 -0.752  1.000 24.971 0 215 HOH A O     1 ? 
HETATM 724 O  O     . HOH M 4 .  ? -1.467  -18.085 1.458   1.000 18.099 0 216 HOH A O     1 ? 
HETATM 725 O  O     . HOH M 4 .  ? 1.531   2.794   5.419   1.000 23.865 0 217 HOH A O     1 ? 
HETATM 726 O  O     . HOH M 4 .  ? -6.879  -3.105  3.846   1.000 21.839 0 218 HOH A O     1 ? 
HETATM 727 O  O     . HOH M 4 .  ? 1.055   -10.595 -4.564  1.000 13.705 0 219 HOH A O     1 ? 
HETATM 728 O  O     . HOH M 4 .  ? -3.344  1.426   9.673   1.000 19.209 0 220 HOH A O     1 ? 
HETATM 729 O  O     . HOH M 4 .  ? -13.397 14.055  -11.033 1.000 19.814 0 221 HOH A O     1 ? 
HETATM 730 O  O     . HOH M 4 .  ? -5.353  -6.392  -2.650  1.000 9.883  0 222 HOH A O     1 ? 
HETATM 731 O  O     . HOH M 4 .  ? 4.738   -26.096 0.207   1.000 25.627 0 223 HOH A O     1 ? 
HETATM 732 O  O     . HOH M 4 .  ? -5.081  14.632  -2.400  1.000 31.498 0 224 HOH A O     1 ? 
HETATM 733 O  O     . HOH M 4 .  ? 1.403   -23.227 6.525   1.000 25.463 0 225 HOH A O     1 ? 
HETATM 734 O  O     . HOH M 4 .  ? -4.665  7.080   -11.327 1.000 31.896 0 226 HOH A O     1 ? 
HETATM 735 O  O     . HOH M 4 .  ? 4.753   -10.091 -0.207  1.000 27.299 0 227 HOH A O     1 ? 
HETATM 736 O  O     . HOH M 4 .  ? -0.331  -7.608  -3.067  1.000 27.489 0 228 HOH A O     1 ? 
HETATM 737 O  O     . HOH M 4 .  ? -6.164  14.796  -4.609  1.000 24.714 0 229 HOH A O     1 ? 
HETATM 738 O  O     . HOH M 4 .  ? -9.911  13.306  -13.706 1.000 28.323 0 230 HOH A O     1 ? 
HETATM 739 O  O     . HOH M 4 .  ? 0.212   -7.319  -0.097  1.000 19.838 0 231 HOH A O     1 ? 
HETATM 740 O  O     . HOH M 4 .  ? -3.784  -7.162  -4.971  1.000 16.703 0 232 HOH A O     1 ? 
HETATM 741 O  O     . HOH M 4 .  ? 3.225   5.285   2.247   1.000 34.725 0 233 HOH A O     1 ? 
HETATM 742 O  O     . HOH M 4 .  ? 8.344   -14.069 -8.541  1.000 32.014 0 234 HOH A O     1 ? 
HETATM 743 O  O     . HOH M 4 .  ? 8.177   -14.572 -2.492  1.000 19.423 0 235 HOH A O     1 ? 
HETATM 744 O  O     . HOH M 4 .  ? 2.392   -10.068 -1.838  1.000 15.188 0 236 HOH A O     1 ? 
HETATM 745 O  O     . HOH M 4 .  ? -4.210  0.660   4.586   1.000 15.343 0 237 HOH A O     1 ? 
HETATM 746 O  O     . HOH M 4 .  ? -2.333  -11.701 5.540   1.000 17.075 0 238 HOH A O     1 ? 
HETATM 747 O  O     . HOH M 4 .  ? -1.552  -4.335  1.203   1.000 14.834 0 239 HOH A O     1 ? 
HETATM 748 O  O     . HOH M 4 .  ? -13.124 10.123  -2.321  1.000 24.740 0 240 HOH A O     1 ? 
HETATM 749 O  O     . HOH M 4 .  ? -5.466  -3.684  1.244   1.000 24.626 0 241 HOH A O     1 ? 
HETATM 750 O  O     . HOH M 4 .  ? 3.380   -7.619  0.067   1.000 29.740 0 242 HOH A O     1 ? 
HETATM 751 O  O     . HOH M 4 .  ? 8.423   -16.585 -0.523  1.000 33.260 0 243 HOH A O     1 ? 
HETATM 752 O  O     . HOH M 4 .  ? 4.448   -12.858 -7.161  1.000 17.562 0 244 HOH A O     1 ? 
HETATM 753 O  O     . HOH M 4 .  ? 0.199   -6.978  8.879   1.000 14.294 0 245 HOH A O     1 ? 
HETATM 754 O  O     . HOH M 4 .  ? -0.115  -0.206  3.949   1.000 28.147 0 246 HOH A O     1 ? 
HETATM 755 O  O     . HOH M 4 .  ? 11.365  -16.435 -13.284 1.000 46.182 0 247 HOH A O     1 ? 
HETATM 756 O  O     . HOH M 4 .  ? -2.809  2.732   6.116   1.000 18.287 0 248 HOH A O     1 ? 
HETATM 757 O  O     . HOH M 4 .  ? 6.396   -12.417 -1.676  1.000 22.588 0 249 HOH A O     1 ? 
HETATM 758 O  O     . HOH M 4 .  ? -3.466  -15.159 0.563   1.000 24.891 0 250 HOH A O     1 ? 
HETATM 759 O  O     . HOH M 4 .  ? 1.141   -4.504  -0.054  1.000 20.133 0 251 HOH A O     1 ? 
HETATM 760 O  O     . HOH M 4 .  ? -7.483  7.271   -11.241 1.000 22.522 0 252 HOH A O     1 ? 
HETATM 761 O  O     . HOH M 4 .  ? -2.583  13.703  -4.256  1.000 26.210 0 253 HOH A O     1 ? 
HETATM 762 O  O     . HOH M 4 .  ? 11.547  -16.698 -3.042  1.000 25.403 0 254 HOH A O     1 ? 
HETATM 763 O  O     . HOH M 4 .  ? -1.608  -9.515  -7.115  1.000 32.491 0 255 HOH A O     1 ? 
HETATM 764 O  O     . HOH M 4 .  ? -7.410  -9.172  2.966   0.330 21.739 0 256 HOH A O     1 ? 
HETATM 765 O  O     . HOH M 4 .  ? -5.413  -13.870 3.654   0.330 24.004 0 257 HOH A O     1 ? 
HETATM 766 O  O     . HOH M 4 .  ? -6.535  5.596   -9.074  1.000 26.532 0 258 HOH A O     1 ? 
HETATM 767 O  O     . HOH M 4 .  ? -4.663  1.051   7.482   1.000 17.118 0 259 HOH A O     1 ? 
HETATM 768 O  O     . HOH M 4 .  ? 1.659   -7.609  -1.800  1.000 24.475 0 260 HOH A O     1 ? 
HETATM 769 O  O     . HOH M 4 .  ? 6.110   -11.272 -5.315  1.000 31.253 0 261 HOH A O     1 ? 
HETATM 770 O  O     . HOH M 4 .  ? 9.211   -12.900 -6.237  1.000 34.753 0 262 HOH A O     1 ? 
HETATM 771 O  O     . HOH M 4 .  ? 9.641   -14.840 2.073   1.000 38.405 0 263 HOH A O     1 ? 
HETATM 772 O  O     . HOH M 4 .  ? -9.742  -3.686  2.163   0.330 21.694 0 264 HOH A O     1 ? 
HETATM 773 O  O     . HOH N 4 .  ? -15.788 19.557  4.110   1.000 31.670 0 201 HOH B O     1 ? 
HETATM 774 O  O     . HOH N 4 .  ? -13.541 20.075  -6.065  1.000 39.021 0 202 HOH B O     1 ? 
HETATM 775 O  O     . HOH N 4 .  ? 4.367   -5.443  9.153   1.000 21.346 0 203 HOH B O     1 ? 
HETATM 776 O  O     . HOH N 4 .  ? 4.068   -2.709  -7.084  1.000 38.441 0 204 HOH B O     1 ? 
HETATM 777 O  O     . HOH N 4 .  ? 5.721   -6.041  -0.012  1.000 28.584 0 205 HOH B O     1 ? 
HETATM 778 O  O     . HOH N 4 .  ? -8.093  19.075  -1.595  1.000 33.953 0 206 HOH B O     1 ? 
HETATM 779 O  O     . HOH N 4 .  ? -7.963  19.325  9.032   1.000 27.485 0 207 HOH B O     1 ? 
HETATM 780 O  O     . HOH N 4 .  ? 6.918   -8.338  1.175   1.000 33.772 0 208 HOH B O     1 ? 
HETATM 781 O  O     . HOH N 4 .  ? -12.400 17.259  5.374   1.000 22.960 0 209 HOH B O     1 ? 
HETATM 782 O  O     . HOH N 4 .  ? -6.391  15.727  -1.534  1.000 31.658 0 210 HOH B O     1 ? 
HETATM 783 O  O     . HOH N 4 .  ? 7.107   -14.219 7.656   1.000 31.639 0 211 HOH B O     1 ? 
HETATM 784 O  O     . HOH N 4 .  ? -4.504  3.542   4.094   1.000 17.122 0 212 HOH B O     1 ? 
HETATM 785 O  O     . HOH N 4 .  ? -8.226  16.686  -3.338  1.000 12.865 0 213 HOH B O     1 ? 
HETATM 786 O  O     . HOH N 4 .  ? -2.516  0.033   -1.446  1.000 28.715 0 214 HOH B O     1 ? 
HETATM 787 O  O     . HOH N 4 .  ? -9.686  0.166   3.047   1.000 23.871 0 215 HOH B O     1 ? 
HETATM 788 O  O     . HOH N 4 .  ? -6.764  21.570  0.279   1.000 25.246 0 216 HOH B O     1 ? 
HETATM 789 O  O     . HOH N 4 .  ? -13.432 12.548  1.859   1.000 17.493 0 217 HOH B O     1 ? 
HETATM 790 O  O     . HOH N 4 .  ? 0.739   -1.640  -5.927  1.000 24.407 0 218 HOH B O     1 ? 
HETATM 791 O  O     . HOH N 4 .  ? 5.664   -6.494  11.219  1.000 32.429 0 219 HOH B O     1 ? 
HETATM 792 O  O     . HOH N 4 .  ? -4.639  9.483   5.378   1.000 14.133 0 220 HOH B O     1 ? 
HETATM 793 O  O     . HOH N 4 .  ? -3.491  10.897  -0.032  1.000 27.923 0 221 HOH B O     1 ? 
HETATM 794 O  O     . HOH N 4 .  ? -6.847  1.882   5.385   1.000 9.845  0 222 HOH B O     1 ? 
HETATM 795 O  O     . HOH N 4 .  ? -8.096  -2.484  -0.507  1.000 22.159 0 223 HOH B O     1 ? 
HETATM 796 O  O     . HOH N 4 .  ? 4.740   -1.865  -3.890  1.000 34.874 0 224 HOH B O     1 ? 
HETATM 797 O  O     . HOH N 4 .  ? 7.158   -14.148 4.431   1.000 24.676 0 225 HOH B O     1 ? 
HETATM 798 O  O     . HOH N 4 .  ? -16.691 17.515  -3.140  1.000 25.000 0 226 HOH B O     1 ? 
HETATM 799 O  O     . HOH N 4 .  ? -0.562  17.420  7.063   1.000 30.806 0 227 HOH B O     1 ? 
HETATM 800 O  O     . HOH N 4 .  ? 7.060   -14.150 14.358  1.000 27.121 0 228 HOH B O     1 ? 
HETATM 801 O  O     . HOH N 4 .  ? 4.230   -17.386 13.037  1.000 20.391 0 229 HOH B O     1 ? 
HETATM 802 O  O     . HOH N 4 .  ? -7.449  -3.623  -4.268  1.000 14.119 0 230 HOH B O     1 ? 
HETATM 803 O  O     . HOH N 4 .  ? -14.062 22.750  1.835   1.000 24.888 0 231 HOH B O     1 ? 
HETATM 804 O  O     . HOH N 4 .  ? -4.187  6.155   4.014   1.000 27.452 0 232 HOH B O     1 ? 
HETATM 805 O  O     . HOH N 4 .  ? -4.967  -4.379  -7.859  1.000 19.438 0 233 HOH B O     1 ? 
HETATM 806 O  O     . HOH N 4 .  ? -4.419  9.554   2.336   1.000 14.569 0 234 HOH B O     1 ? 
HETATM 807 O  O     . HOH N 4 .  ? -11.313 6.711   -2.427  1.000 17.266 0 235 HOH B O     1 ? 
HETATM 808 O  O     . HOH N 4 .  ? -4.674  5.847   1.129   1.000 18.740 0 236 HOH B O     1 ? 
HETATM 809 O  O     . HOH N 4 .  ? -5.430  3.850   7.033   1.000 15.869 0 237 HOH B O     1 ? 
HETATM 810 O  O     . HOH N 4 .  ? 9.110   -13.112 7.058   1.000 33.742 0 238 HOH B O     1 ? 
HETATM 811 O  O     . HOH N 4 .  ? -4.438  2.308   0.106   1.000 14.736 0 239 HOH B O     1 ? 
HETATM 812 O  O     . HOH N 4 .  ? -4.080  -3.646  -2.661  1.000 15.227 0 240 HOH B O     1 ? 
HETATM 813 O  O     . HOH N 4 .  ? -3.238  16.809  1.487   1.000 18.455 0 241 HOH B O     1 ? 
HETATM 814 O  O     . HOH N 4 .  ? -2.884  8.153   -0.146  1.000 29.429 0 242 HOH B O     1 ? 
HETATM 815 O  O     . HOH N 4 .  ? -7.755  4.317   -7.205  1.000 13.923 0 243 HOH B O     1 ? 
HETATM 816 O  O     . HOH N 4 .  ? -1.739  -0.257  -3.472  1.000 27.785 0 244 HOH B O     1 ? 
HETATM 817 O  O     . HOH N 4 .  ? -6.532  -0.764  1.421   1.000 21.222 0 245 HOH B O     1 ? 
HETATM 818 O  O     . HOH N 4 .  ? -2.864  13.722  6.799   1.000 17.652 0 246 HOH B O     1 ? 
HETATM 819 O  O     . HOH N 4 .  ? -3.344  13.865  1.060   1.000 22.961 0 247 HOH B O     1 ? 
HETATM 820 O  O     . HOH N 4 .  ? -2.390  -4.499  -4.900  1.000 18.797 0 248 HOH B O     1 ? 
HETATM 821 O  O     . HOH N 4 .  ? -12.507 9.204   3.026   1.000 24.332 0 249 HOH B O     1 ? 
HETATM 822 O  O     . HOH N 4 .  ? 3.835   -8.406  12.074  1.000 23.288 0 250 HOH B O     1 ? 
HETATM 823 O  O     . HOH N 4 .  ? 8.692   -10.902 2.959   1.000 27.809 0 251 HOH B O     1 ? 
HETATM 824 O  O     . HOH N 4 .  ? -2.273  4.338   0.353   1.000 19.601 0 252 HOH B O     1 ? 
HETATM 825 O  O     . HOH N 4 .  ? -4.617  7.288   8.401   1.000 30.349 0 253 HOH B O     1 ? 
HETATM 826 O  O     . HOH N 4 .  ? -12.068 1.786   1.363   0.330 22.836 0 254 HOH B O     1 ? 
HETATM 827 O  O     . HOH N 4 .  ? 2.533   -6.848  10.028  1.000 25.036 0 255 HOH B O     1 ? 
HETATM 828 O  O     . HOH N 4 .  ? -2.442  -2.579  -0.866  1.000 30.640 0 256 HOH B O     1 ? 
HETATM 829 O  O     . HOH N 4 .  ? -3.299  7.276   2.211   1.000 24.246 0 257 HOH B O     1 ? 
HETATM 830 O  O     . HOH N 4 .  ? -5.236  -4.653  -5.269  1.000 16.652 0 258 HOH B O     1 ? 
HETATM 831 O  O     . HOH N 4 .  ? -1.426  13.373  4.636   1.000 31.703 0 259 HOH B O     1 ? 
# 
loop_
_pdbx_poly_seq_scheme.asym_id 
_pdbx_poly_seq_scheme.entity_id 
_pdbx_poly_seq_scheme.seq_id 
_pdbx_poly_seq_scheme.mon_id 
_pdbx_poly_seq_scheme.ndb_seq_num 
_pdbx_poly_seq_scheme.pdb_seq_num 
_pdbx_poly_seq_scheme.auth_seq_num 
_pdbx_poly_seq_scheme.pdb_mon_id 
_pdbx_poly_seq_scheme.auth_mon_id 
_pdbx_poly_seq_scheme.pdb_strand_id 
_pdbx_poly_seq_scheme.pdb_ins_code 
_pdbx_poly_seq_scheme.hetero 
A 1 1  LKC 1  1  1  LKC LCC A . n 
A 1 2  LCC 2  2  2  LCC LCC A . n 
A 1 3  LCC 3  3  3  LCC LCC A . n 
A 1 4  LCG 4  4  4  LCG LCG A . n 
A 1 5  A   5  5  5  A   A   A . n 
A 1 6  C   6  6  6  C   C   A . n 
A 1 7  U   7  7  7  U   U   A . n 
A 1 8  U   8  8  8  U   U   A . n 
A 1 9  A   9  9  9  A   A   A . n 
A 1 10 A   10 10 10 A   A   A . n 
A 1 11 G   11 11 11 G   G   A . n 
A 1 12 U   12 12 12 U   U   A . n 
A 1 13 C   13 13 13 C   C   A . n 
A 1 14 GF2 14 14 14 GF2 F2G A . n 
B 1 1  LKC 1  1  1  LKC LCC B . n 
B 1 2  LCC 2  2  2  LCC LCC B . n 
B 1 3  LCC 3  3  3  LCC LCC B . n 
B 1 4  LCG 4  4  4  LCG LCG B . n 
B 1 5  A   5  5  5  A   A   B . n 
B 1 6  C   6  6  6  C   C   B . n 
B 1 7  U   7  7  7  U   U   B . n 
B 1 8  U   8  8  8  U   U   B . n 
B 1 9  A   9  9  9  A   A   B . n 
B 1 10 A   10 10 10 A   A   B . n 
B 1 11 G   11 11 11 G   G   B . n 
B 1 12 U   12 12 12 U   U   B . n 
B 1 13 C   13 13 13 C   C   B . n 
B 1 14 GF2 14 14 14 GF2 F2G B . n 
# 
loop_
_pdbx_nonpoly_scheme.asym_id 
_pdbx_nonpoly_scheme.entity_id 
_pdbx_nonpoly_scheme.mon_id 
_pdbx_nonpoly_scheme.ndb_seq_num 
_pdbx_nonpoly_scheme.pdb_seq_num 
_pdbx_nonpoly_scheme.auth_seq_num 
_pdbx_nonpoly_scheme.pdb_mon_id 
_pdbx_nonpoly_scheme.auth_mon_id 
_pdbx_nonpoly_scheme.pdb_strand_id 
_pdbx_nonpoly_scheme.pdb_ins_code 
C 2 GP3 1  101 101 GP3 GP3 A . 
D 3 MG  1  102 2   MG  MG  A . 
E 3 MG  1  103 4   MG  MG  A . 
F 3 MG  1  104 9   MG  MG  A . 
G 3 MG  1  105 11  MG  MG  A . 
H 2 GP3 1  101 101 GP3 GP3 B . 
I 3 MG  1  102 1   MG  MG  B . 
J 3 MG  1  103 3   MG  MG  B . 
K 3 MG  1  104 10  MG  MG  B . 
L 3 MG  1  105 12  MG  MG  B . 
M 4 HOH 1  201 91  HOH HOH A . 
M 4 HOH 2  202 48  HOH HOH A . 
M 4 HOH 3  203 119 HOH HOH A . 
M 4 HOH 4  204 34  HOH HOH A . 
M 4 HOH 5  205 59  HOH HOH A . 
M 4 HOH 6  206 84  HOH HOH A . 
M 4 HOH 7  207 96  HOH HOH A . 
M 4 HOH 8  208 93  HOH HOH A . 
M 4 HOH 9  209 94  HOH HOH A . 
M 4 HOH 10 210 85  HOH HOH A . 
M 4 HOH 11 211 11  HOH HOH A . 
M 4 HOH 12 212 121 HOH HOH A . 
M 4 HOH 13 213 68  HOH HOH A . 
M 4 HOH 14 214 25  HOH HOH A . 
M 4 HOH 15 215 92  HOH HOH A . 
M 4 HOH 16 216 30  HOH HOH A . 
M 4 HOH 17 217 64  HOH HOH A . 
M 4 HOH 18 218 26  HOH HOH A . 
M 4 HOH 19 219 120 HOH HOH A . 
M 4 HOH 20 220 124 HOH HOH A . 
M 4 HOH 21 221 37  HOH HOH A . 
M 4 HOH 22 222 9   HOH HOH A . 
M 4 HOH 23 223 116 HOH HOH A . 
M 4 HOH 24 224 98  HOH HOH A . 
M 4 HOH 25 225 47  HOH HOH A . 
M 4 HOH 26 226 50  HOH HOH A . 
M 4 HOH 27 227 73  HOH HOH A . 
M 4 HOH 28 228 77  HOH HOH A . 
M 4 HOH 29 229 53  HOH HOH A . 
M 4 HOH 30 230 97  HOH HOH A . 
M 4 HOH 31 231 76  HOH HOH A . 
M 4 HOH 32 232 12  HOH HOH A . 
M 4 HOH 33 233 33  HOH HOH A . 
M 4 HOH 34 234 105 HOH HOH A . 
M 4 HOH 35 235 29  HOH HOH A . 
M 4 HOH 36 236 15  HOH HOH A . 
M 4 HOH 37 237 1   HOH HOH A . 
M 4 HOH 38 238 32  HOH HOH A . 
M 4 HOH 39 239 13  HOH HOH A . 
M 4 HOH 40 240 111 HOH HOH A . 
M 4 HOH 41 241 67  HOH HOH A . 
M 4 HOH 42 242 75  HOH HOH A . 
M 4 HOH 43 243 117 HOH HOH A . 
M 4 HOH 44 244 27  HOH HOH A . 
M 4 HOH 45 245 55  HOH HOH A . 
M 4 HOH 46 246 69  HOH HOH A . 
M 4 HOH 47 247 115 HOH HOH A . 
M 4 HOH 48 248 3   HOH HOH A . 
M 4 HOH 49 249 28  HOH HOH A . 
M 4 HOH 50 250 31  HOH HOH A . 
M 4 HOH 51 251 14  HOH HOH A . 
M 4 HOH 52 252 49  HOH HOH A . 
M 4 HOH 53 253 36  HOH HOH A . 
M 4 HOH 54 254 106 HOH HOH A . 
M 4 HOH 55 255 86  HOH HOH A . 
M 4 HOH 56 256 103 HOH HOH A . 
M 4 HOH 57 257 104 HOH HOH A . 
M 4 HOH 58 258 90  HOH HOH A . 
M 4 HOH 59 259 6   HOH HOH A . 
M 4 HOH 60 260 87  HOH HOH A . 
M 4 HOH 61 261 113 HOH HOH A . 
M 4 HOH 62 262 118 HOH HOH A . 
M 4 HOH 63 263 126 HOH HOH A . 
M 4 HOH 64 264 101 HOH HOH A . 
N 4 HOH 1  201 80  HOH HOH B . 
N 4 HOH 2  202 19  HOH HOH B . 
N 4 HOH 3  203 95  HOH HOH B . 
N 4 HOH 4  204 44  HOH HOH B . 
N 4 HOH 5  205 45  HOH HOH B . 
N 4 HOH 6  206 54  HOH HOH B . 
N 4 HOH 7  207 82  HOH HOH B . 
N 4 HOH 8  208 74  HOH HOH B . 
N 4 HOH 9  209 79  HOH HOH B . 
N 4 HOH 10 210 78  HOH HOH B . 
N 4 HOH 11 211 108 HOH HOH B . 
N 4 HOH 12 212 2   HOH HOH B . 
N 4 HOH 13 213 123 HOH HOH B . 
N 4 HOH 14 214 109 HOH HOH B . 
N 4 HOH 15 215 56  HOH HOH B . 
N 4 HOH 16 216 99  HOH HOH B . 
N 4 HOH 17 217 40  HOH HOH B . 
N 4 HOH 18 218 42  HOH HOH B . 
N 4 HOH 19 219 71  HOH HOH B . 
N 4 HOH 20 220 122 HOH HOH B . 
N 4 HOH 21 221 60  HOH HOH B . 
N 4 HOH 22 222 5   HOH HOH B . 
N 4 HOH 23 223 65  HOH HOH B . 
N 4 HOH 24 224 41  HOH HOH B . 
N 4 HOH 25 225 83  HOH HOH B . 
N 4 HOH 26 226 18  HOH HOH B . 
N 4 HOH 27 227 100 HOH HOH B . 
N 4 HOH 28 228 51  HOH HOH B . 
N 4 HOH 29 229 46  HOH HOH B . 
N 4 HOH 30 230 24  HOH HOH B . 
N 4 HOH 31 231 81  HOH HOH B . 
N 4 HOH 32 232 88  HOH HOH B . 
N 4 HOH 33 233 125 HOH HOH B . 
N 4 HOH 34 234 17  HOH HOH B . 
N 4 HOH 35 235 38  HOH HOH B . 
N 4 HOH 36 236 62  HOH HOH B . 
N 4 HOH 37 237 4   HOH HOH B . 
N 4 HOH 38 238 127 HOH HOH B . 
N 4 HOH 39 239 23  HOH HOH B . 
N 4 HOH 40 240 8   HOH HOH B . 
N 4 HOH 41 241 20  HOH HOH B . 
N 4 HOH 42 242 61  HOH HOH B . 
N 4 HOH 43 243 16  HOH HOH B . 
N 4 HOH 44 244 110 HOH HOH B . 
N 4 HOH 45 245 57  HOH HOH B . 
N 4 HOH 46 246 21  HOH HOH B . 
N 4 HOH 47 247 35  HOH HOH B . 
N 4 HOH 48 248 10  HOH HOH B . 
N 4 HOH 49 249 39  HOH HOH B . 
N 4 HOH 50 250 52  HOH HOH B . 
N 4 HOH 51 251 72  HOH HOH B . 
N 4 HOH 52 252 22  HOH HOH B . 
N 4 HOH 53 253 89  HOH HOH B . 
N 4 HOH 54 254 102 HOH HOH B . 
N 4 HOH 55 255 70  HOH HOH B . 
N 4 HOH 56 256 112 HOH HOH B . 
N 4 HOH 57 257 63  HOH HOH B . 
N 4 HOH 58 258 7   HOH HOH B . 
N 4 HOH 59 259 58  HOH HOH B . 
# 
_pdbx_struct_assembly.id                   1 
_pdbx_struct_assembly.details              author_and_software_defined_assembly 
_pdbx_struct_assembly.method_details       PISA 
_pdbx_struct_assembly.oligomeric_details   dimeric 
_pdbx_struct_assembly.oligomeric_count     2 
# 
_pdbx_struct_assembly_gen.assembly_id       1 
_pdbx_struct_assembly_gen.oper_expression   1 
_pdbx_struct_assembly_gen.asym_id_list      A,B,C,D,E,F,G,H,I,J,K,L,M,N 
# 
loop_
_pdbx_struct_assembly_prop.biol_id 
_pdbx_struct_assembly_prop.type 
_pdbx_struct_assembly_prop.value 
_pdbx_struct_assembly_prop.details 
1 'ABSA (A^2)' 3070 ? 
1 MORE         -12  ? 
1 'SSA (A^2)'  5240 ? 
# 
_pdbx_struct_oper_list.id                   1 
_pdbx_struct_oper_list.type                 'identity operation' 
_pdbx_struct_oper_list.name                 1_555 
_pdbx_struct_oper_list.symmetry_operation   x,y,z 
_pdbx_struct_oper_list.matrix[1][1]         1.0000000000 
_pdbx_struct_oper_list.matrix[1][2]         0.0000000000 
_pdbx_struct_oper_list.matrix[1][3]         0.0000000000 
_pdbx_struct_oper_list.vector[1]            0.0000000000 
_pdbx_struct_oper_list.matrix[2][1]         0.0000000000 
_pdbx_struct_oper_list.matrix[2][2]         1.0000000000 
_pdbx_struct_oper_list.matrix[2][3]         0.0000000000 
_pdbx_struct_oper_list.vector[2]            0.0000000000 
_pdbx_struct_oper_list.matrix[3][1]         0.0000000000 
_pdbx_struct_oper_list.matrix[3][2]         0.0000000000 
_pdbx_struct_oper_list.matrix[3][3]         1.0000000000 
_pdbx_struct_oper_list.vector[3]            0.0000000000 
# 
loop_
_pdbx_struct_special_symmetry.id 
_pdbx_struct_special_symmetry.PDB_model_num 
_pdbx_struct_special_symmetry.auth_asym_id 
_pdbx_struct_special_symmetry.auth_comp_id 
_pdbx_struct_special_symmetry.auth_seq_id 
_pdbx_struct_special_symmetry.PDB_ins_code 
_pdbx_struct_special_symmetry.label_asym_id 
_pdbx_struct_special_symmetry.label_comp_id 
_pdbx_struct_special_symmetry.label_seq_id 
1 1 A HOH 256 ? M HOH . 
2 1 A HOH 257 ? M HOH . 
3 1 A HOH 264 ? M HOH . 
4 1 B HOH 254 ? N HOH . 
# 
loop_
_pdbx_struct_conn_angle.id 
_pdbx_struct_conn_angle.ptnr1_label_atom_id 
_pdbx_struct_conn_angle.ptnr1_label_alt_id 
_pdbx_struct_conn_angle.ptnr1_label_asym_id 
_pdbx_struct_conn_angle.ptnr1_label_comp_id 
_pdbx_struct_conn_angle.ptnr1_label_seq_id 
_pdbx_struct_conn_angle.ptnr1_auth_atom_id 
_pdbx_struct_conn_angle.ptnr1_auth_asym_id 
_pdbx_struct_conn_angle.ptnr1_auth_comp_id 
_pdbx_struct_conn_angle.ptnr1_auth_seq_id 
_pdbx_struct_conn_angle.ptnr1_PDB_ins_code 
_pdbx_struct_conn_angle.ptnr1_symmetry 
_pdbx_struct_conn_angle.ptnr2_label_atom_id 
_pdbx_struct_conn_angle.ptnr2_label_alt_id 
_pdbx_struct_conn_angle.ptnr2_label_asym_id 
_pdbx_struct_conn_angle.ptnr2_label_comp_id 
_pdbx_struct_conn_angle.ptnr2_label_seq_id 
_pdbx_struct_conn_angle.ptnr2_auth_atom_id 
_pdbx_struct_conn_angle.ptnr2_auth_asym_id 
_pdbx_struct_conn_angle.ptnr2_auth_comp_id 
_pdbx_struct_conn_angle.ptnr2_auth_seq_id 
_pdbx_struct_conn_angle.ptnr2_PDB_ins_code 
_pdbx_struct_conn_angle.ptnr2_symmetry 
_pdbx_struct_conn_angle.ptnr3_label_atom_id 
_pdbx_struct_conn_angle.ptnr3_label_alt_id 
_pdbx_struct_conn_angle.ptnr3_label_asym_id 
_pdbx_struct_conn_angle.ptnr3_label_comp_id 
_pdbx_struct_conn_angle.ptnr3_label_seq_id 
_pdbx_struct_conn_angle.ptnr3_auth_atom_id 
_pdbx_struct_conn_angle.ptnr3_auth_asym_id 
_pdbx_struct_conn_angle.ptnr3_auth_comp_id 
_pdbx_struct_conn_angle.ptnr3_auth_seq_id 
_pdbx_struct_conn_angle.ptnr3_PDB_ins_code 
_pdbx_struct_conn_angle.ptnr3_symmetry 
_pdbx_struct_conn_angle.value 
_pdbx_struct_conn_angle.value_esd 
1  O3D ? C GP3 .  ? A GP3 101 ? 1_555 MG ? I MG . ? B MG 102 ? 1_555 O2D ? C GP3 .  ? A GP3 101 ? 1_555 78.5  ? 
2  O3D ? C GP3 .  ? A GP3 101 ? 1_555 MG ? I MG . ? B MG 102 ? 1_555 O3D ? C GP3 .  ? A GP3 101 ? 1_555 0.0   ? 
3  O2D ? C GP3 .  ? A GP3 101 ? 1_555 MG ? I MG . ? B MG 102 ? 1_555 O3D ? C GP3 .  ? A GP3 101 ? 1_555 78.5  ? 
4  O3D ? C GP3 .  ? A GP3 101 ? 1_555 MG ? I MG . ? B MG 102 ? 1_555 O2D ? C GP3 .  ? A GP3 101 ? 1_555 78.5  ? 
5  O2D ? C GP3 .  ? A GP3 101 ? 1_555 MG ? I MG . ? B MG 102 ? 1_555 O2D ? C GP3 .  ? A GP3 101 ? 1_555 0.0   ? 
6  O3D ? C GP3 .  ? A GP3 101 ? 1_555 MG ? I MG . ? B MG 102 ? 1_555 O2D ? C GP3 .  ? A GP3 101 ? 1_555 78.5  ? 
7  O2A ? C GP3 .  ? A GP3 101 ? 1_555 MG ? K MG . ? B MG 104 ? 1_555 O2G ? C GP3 .  ? A GP3 101 ? 1_555 120.1 ? 
8  O2A ? C GP3 .  ? A GP3 101 ? 1_555 MG ? K MG . ? B MG 104 ? 1_555 O   ? M HOH .  ? A HOH 201 ? 2_785 68.0  ? 
9  O2G ? C GP3 .  ? A GP3 101 ? 1_555 MG ? K MG . ? B MG 104 ? 1_555 O   ? M HOH .  ? A HOH 201 ? 2_785 170.4 ? 
10 O2A ? C GP3 .  ? A GP3 101 ? 1_555 MG ? K MG . ? B MG 104 ? 1_555 O   ? M HOH .  ? A HOH 202 ? 1_555 73.3  ? 
11 O2G ? C GP3 .  ? A GP3 101 ? 1_555 MG ? K MG . ? B MG 104 ? 1_555 O   ? M HOH .  ? A HOH 202 ? 1_555 86.8  ? 
12 O   ? M HOH .  ? A HOH 201 ? 2_785 MG ? K MG . ? B MG 104 ? 1_555 O   ? M HOH .  ? A HOH 202 ? 1_555 101.1 ? 
13 O2A ? C GP3 .  ? A GP3 101 ? 1_555 MG ? K MG . ? B MG 104 ? 1_555 O   ? M HOH .  ? A HOH 225 ? 1_555 109.1 ? 
14 O2G ? C GP3 .  ? A GP3 101 ? 1_555 MG ? K MG . ? B MG 104 ? 1_555 O   ? M HOH .  ? A HOH 225 ? 1_555 87.2  ? 
15 O   ? M HOH .  ? A HOH 201 ? 2_785 MG ? K MG . ? B MG 104 ? 1_555 O   ? M HOH .  ? A HOH 225 ? 1_555 85.1  ? 
16 O   ? M HOH .  ? A HOH 202 ? 1_555 MG ? K MG . ? B MG 104 ? 1_555 O   ? M HOH .  ? A HOH 225 ? 1_555 173.8 ? 
17 O3D ? H GP3 .  ? B GP3 101 ? 1_555 MG ? D MG . ? A MG 102 ? 1_555 O2D ? H GP3 .  ? B GP3 101 ? 1_555 78.1  ? 
18 O3D ? H GP3 .  ? B GP3 101 ? 1_555 MG ? D MG . ? A MG 102 ? 1_555 O3D ? H GP3 .  ? B GP3 101 ? 2_785 104.7 ? 
19 O2D ? H GP3 .  ? B GP3 101 ? 1_555 MG ? D MG . ? A MG 102 ? 1_555 O3D ? H GP3 .  ? B GP3 101 ? 2_785 110.3 ? 
20 O3D ? H GP3 .  ? B GP3 101 ? 1_555 MG ? D MG . ? A MG 102 ? 1_555 O2D ? H GP3 .  ? B GP3 101 ? 3_475 112.7 ? 
21 O2D ? H GP3 .  ? B GP3 101 ? 1_555 MG ? D MG . ? A MG 102 ? 1_555 O2D ? H GP3 .  ? B GP3 101 ? 3_475 93.3  ? 
22 O3D ? H GP3 .  ? B GP3 101 ? 2_785 MG ? D MG . ? A MG 102 ? 1_555 O2D ? H GP3 .  ? B GP3 101 ? 3_475 139.2 ? 
23 O   ? M HOH .  ? A HOH 211 ? 1_555 MG ? E MG . ? A MG 103 ? 1_555 O   ? M HOH .  ? A HOH 222 ? 1_555 92.8  ? 
24 O   ? M HOH .  ? A HOH 211 ? 1_555 MG ? E MG . ? A MG 103 ? 1_555 O   ? M HOH .  ? A HOH 232 ? 1_555 95.3  ? 
25 O   ? M HOH .  ? A HOH 222 ? 1_555 MG ? E MG . ? A MG 103 ? 1_555 O   ? M HOH .  ? A HOH 232 ? 1_555 86.8  ? 
26 O   ? M HOH .  ? A HOH 211 ? 1_555 MG ? E MG . ? A MG 103 ? 1_555 O   ? N HOH .  ? B HOH 240 ? 1_555 84.8  ? 
27 O   ? M HOH .  ? A HOH 222 ? 1_555 MG ? E MG . ? A MG 103 ? 1_555 O   ? N HOH .  ? B HOH 240 ? 1_555 88.6  ? 
28 O   ? M HOH .  ? A HOH 232 ? 1_555 MG ? E MG . ? A MG 103 ? 1_555 O   ? N HOH .  ? B HOH 240 ? 1_555 175.4 ? 
29 O   ? M HOH .  ? A HOH 211 ? 1_555 MG ? E MG . ? A MG 103 ? 1_555 O   ? N HOH .  ? B HOH 248 ? 1_555 82.2  ? 
30 O   ? M HOH .  ? A HOH 222 ? 1_555 MG ? E MG . ? A MG 103 ? 1_555 O   ? N HOH .  ? B HOH 248 ? 1_555 174.7 ? 
31 O   ? M HOH .  ? A HOH 232 ? 1_555 MG ? E MG . ? A MG 103 ? 1_555 O   ? N HOH .  ? B HOH 248 ? 1_555 95.3  ? 
32 O   ? N HOH .  ? B HOH 240 ? 1_555 MG ? E MG . ? A MG 103 ? 1_555 O   ? N HOH .  ? B HOH 248 ? 1_555 89.3  ? 
33 O   ? M HOH .  ? A HOH 211 ? 1_555 MG ? E MG . ? A MG 103 ? 1_555 O   ? N HOH .  ? B HOH 258 ? 1_555 170.6 ? 
34 O   ? M HOH .  ? A HOH 222 ? 1_555 MG ? E MG . ? A MG 103 ? 1_555 O   ? N HOH .  ? B HOH 258 ? 1_555 95.5  ? 
35 O   ? M HOH .  ? A HOH 232 ? 1_555 MG ? E MG . ? A MG 103 ? 1_555 O   ? N HOH .  ? B HOH 258 ? 1_555 89.6  ? 
36 O   ? N HOH .  ? B HOH 240 ? 1_555 MG ? E MG . ? A MG 103 ? 1_555 O   ? N HOH .  ? B HOH 258 ? 1_555 91.0  ? 
37 O   ? N HOH .  ? B HOH 248 ? 1_555 MG ? E MG . ? A MG 103 ? 1_555 O   ? N HOH .  ? B HOH 258 ? 1_555 89.4  ? 
38 O2A ? H GP3 .  ? B GP3 101 ? 1_555 MG ? F MG . ? A MG 104 ? 1_555 O2G ? H GP3 .  ? B GP3 101 ? 1_555 117.0 ? 
39 O2A ? H GP3 .  ? B GP3 101 ? 1_555 MG ? F MG . ? A MG 104 ? 1_555 O   ? N HOH .  ? B HOH 201 ? 3_475 68.0  ? 
40 O2G ? H GP3 .  ? B GP3 101 ? 1_555 MG ? F MG . ? A MG 104 ? 1_555 O   ? N HOH .  ? B HOH 201 ? 3_475 174.8 ? 
41 O2A ? H GP3 .  ? B GP3 101 ? 1_555 MG ? F MG . ? A MG 104 ? 1_555 O   ? N HOH .  ? B HOH 202 ? 1_555 70.8  ? 
42 O2G ? H GP3 .  ? B GP3 101 ? 1_555 MG ? F MG . ? A MG 104 ? 1_555 O   ? N HOH .  ? B HOH 202 ? 1_555 85.5  ? 
43 O   ? N HOH .  ? B HOH 201 ? 3_475 MG ? F MG . ? A MG 104 ? 1_555 O   ? N HOH .  ? B HOH 202 ? 1_555 97.9  ? 
44 O2A ? H GP3 .  ? B GP3 101 ? 1_555 MG ? F MG . ? A MG 104 ? 1_555 O   ? N HOH .  ? B HOH 226 ? 1_555 107.8 ? 
45 O2G ? H GP3 .  ? B GP3 101 ? 1_555 MG ? F MG . ? A MG 104 ? 1_555 O   ? N HOH .  ? B HOH 226 ? 1_555 89.6  ? 
46 O   ? N HOH .  ? B HOH 201 ? 3_475 MG ? F MG . ? A MG 104 ? 1_555 O   ? N HOH .  ? B HOH 226 ? 1_555 87.4  ? 
47 O   ? N HOH .  ? B HOH 202 ? 1_555 MG ? F MG . ? A MG 104 ? 1_555 O   ? N HOH .  ? B HOH 226 ? 1_555 173.4 ? 
48 O   ? M HOH .  ? A HOH 218 ? 1_555 MG ? G MG . ? A MG 105 ? 1_555 O   ? M HOH .  ? A HOH 241 ? 1_555 80.1  ? 
49 O   ? M HOH .  ? A HOH 218 ? 1_555 MG ? G MG . ? A MG 105 ? 1_555 O   ? M HOH .  ? A HOH 264 ? 1_555 98.6  ? 
50 O   ? M HOH .  ? A HOH 241 ? 1_555 MG ? G MG . ? A MG 105 ? 1_555 O   ? M HOH .  ? A HOH 264 ? 1_555 143.0 ? 
51 O   ? M HOH .  ? A HOH 218 ? 1_555 MG ? G MG . ? A MG 105 ? 1_555 O   ? M HOH .  ? A HOH 264 ? 2_785 98.6  ? 
52 O   ? M HOH .  ? A HOH 241 ? 1_555 MG ? G MG . ? A MG 105 ? 1_555 O   ? M HOH .  ? A HOH 264 ? 2_785 143.0 ? 
53 O   ? M HOH .  ? A HOH 264 ? 1_555 MG ? G MG . ? A MG 105 ? 1_555 O   ? M HOH .  ? A HOH 264 ? 2_785 0.0   ? 
54 O   ? M HOH .  ? A HOH 218 ? 1_555 MG ? G MG . ? A MG 105 ? 1_555 O   ? N HOH .  ? B HOH 223 ? 1_555 165.3 ? 
55 O   ? M HOH .  ? A HOH 241 ? 1_555 MG ? G MG . ? A MG 105 ? 1_555 O   ? N HOH .  ? B HOH 223 ? 1_555 90.3  ? 
56 O   ? M HOH .  ? A HOH 264 ? 1_555 MG ? G MG . ? A MG 105 ? 1_555 O   ? N HOH .  ? B HOH 223 ? 1_555 95.8  ? 
57 O   ? M HOH .  ? A HOH 264 ? 2_785 MG ? G MG . ? A MG 105 ? 1_555 O   ? N HOH .  ? B HOH 223 ? 1_555 95.8  ? 
58 O   ? M HOH .  ? A HOH 218 ? 1_555 MG ? G MG . ? A MG 105 ? 1_555 O   ? N HOH .  ? B HOH 245 ? 1_555 90.2  ? 
59 O   ? M HOH .  ? A HOH 241 ? 1_555 MG ? G MG . ? A MG 105 ? 1_555 O   ? N HOH .  ? B HOH 245 ? 1_555 78.1  ? 
60 O   ? M HOH .  ? A HOH 264 ? 1_555 MG ? G MG . ? A MG 105 ? 1_555 O   ? N HOH .  ? B HOH 245 ? 1_555 138.8 ? 
61 O   ? M HOH .  ? A HOH 264 ? 2_785 MG ? G MG . ? A MG 105 ? 1_555 O   ? N HOH .  ? B HOH 245 ? 1_555 138.8 ? 
62 O   ? N HOH .  ? B HOH 223 ? 1_555 MG ? G MG . ? A MG 105 ? 1_555 O   ? N HOH .  ? B HOH 245 ? 1_555 76.8  ? 
63 O   ? M HOH .  ? A HOH 210 ? 1_555 MG ? L MG . ? B MG 105 ? 1_555 O   ? M HOH .  ? A HOH 263 ? 1_555 80.2  ? 
64 O   ? M HOH .  ? A HOH 210 ? 1_555 MG ? L MG . ? B MG 105 ? 1_555 O6  ? B GF2 14 ? B GF2 14  ? 1_555 73.3  ? 
65 O   ? M HOH .  ? A HOH 263 ? 1_555 MG ? L MG . ? B MG 105 ? 1_555 O6  ? B GF2 14 ? B GF2 14  ? 1_555 151.1 ? 
66 O   ? M HOH .  ? A HOH 210 ? 1_555 MG ? L MG . ? B MG 105 ? 1_555 O   ? N HOH .  ? B HOH 225 ? 1_555 92.9  ? 
67 O   ? M HOH .  ? A HOH 263 ? 1_555 MG ? L MG . ? B MG 105 ? 1_555 O   ? N HOH .  ? B HOH 225 ? 1_555 80.5  ? 
68 O6  ? B GF2 14 ? B GF2 14  ? 1_555 MG ? L MG . ? B MG 105 ? 1_555 O   ? N HOH .  ? B HOH 225 ? 1_555 89.5  ? 
69 O   ? M HOH .  ? A HOH 237 ? 1_555 MG ? J MG . ? B MG 103 ? 1_555 O   ? M HOH .  ? A HOH 248 ? 1_555 89.5  ? 
70 O   ? M HOH .  ? A HOH 237 ? 1_555 MG ? J MG . ? B MG 103 ? 1_555 O   ? M HOH .  ? A HOH 259 ? 1_555 89.3  ? 
71 O   ? M HOH .  ? A HOH 248 ? 1_555 MG ? J MG . ? B MG 103 ? 1_555 O   ? M HOH .  ? A HOH 259 ? 1_555 88.0  ? 
72 O   ? M HOH .  ? A HOH 237 ? 1_555 MG ? J MG . ? B MG 103 ? 1_555 O   ? N HOH .  ? B HOH 212 ? 1_555 86.6  ? 
73 O   ? M HOH .  ? A HOH 248 ? 1_555 MG ? J MG . ? B MG 103 ? 1_555 O   ? N HOH .  ? B HOH 212 ? 1_555 82.6  ? 
74 O   ? M HOH .  ? A HOH 259 ? 1_555 MG ? J MG . ? B MG 103 ? 1_555 O   ? N HOH .  ? B HOH 212 ? 1_555 169.7 ? 
75 O   ? M HOH .  ? A HOH 237 ? 1_555 MG ? J MG . ? B MG 103 ? 1_555 O   ? N HOH .  ? B HOH 222 ? 1_555 89.1  ? 
76 O   ? M HOH .  ? A HOH 248 ? 1_555 MG ? J MG . ? B MG 103 ? 1_555 O   ? N HOH .  ? B HOH 222 ? 1_555 176.1 ? 
77 O   ? M HOH .  ? A HOH 259 ? 1_555 MG ? J MG . ? B MG 103 ? 1_555 O   ? N HOH .  ? B HOH 222 ? 1_555 95.6  ? 
78 O   ? N HOH .  ? B HOH 212 ? 1_555 MG ? J MG . ? B MG 103 ? 1_555 O   ? N HOH .  ? B HOH 222 ? 1_555 93.7  ? 
79 O   ? M HOH .  ? A HOH 237 ? 1_555 MG ? J MG . ? B MG 103 ? 1_555 O   ? N HOH .  ? B HOH 237 ? 1_555 176.7 ? 
80 O   ? M HOH .  ? A HOH 248 ? 1_555 MG ? J MG . ? B MG 103 ? 1_555 O   ? N HOH .  ? B HOH 237 ? 1_555 93.8  ? 
81 O   ? M HOH .  ? A HOH 259 ? 1_555 MG ? J MG . ? B MG 103 ? 1_555 O   ? N HOH .  ? B HOH 237 ? 1_555 90.3  ? 
82 O   ? N HOH .  ? B HOH 212 ? 1_555 MG ? J MG . ? B MG 103 ? 1_555 O   ? N HOH .  ? B HOH 237 ? 1_555 94.4  ? 
83 O   ? N HOH .  ? B HOH 222 ? 1_555 MG ? J MG . ? B MG 103 ? 1_555 O   ? N HOH .  ? B HOH 237 ? 1_555 87.7  ? 
# 
loop_
_pdbx_audit_revision_history.ordinal 
_pdbx_audit_revision_history.data_content_type 
_pdbx_audit_revision_history.major_revision 
_pdbx_audit_revision_history.minor_revision 
_pdbx_audit_revision_history.revision_date 
1 'Structure model' 1 0 2021-09-08 
2 'Structure model' 1 1 2021-10-20 
3 'Structure model' 1 2 2022-03-23 
4 'Structure model' 1 3 2023-10-18 
# 
_pdbx_audit_revision_details.ordinal             1 
_pdbx_audit_revision_details.revision_ordinal    1 
_pdbx_audit_revision_details.data_content_type   'Structure model' 
_pdbx_audit_revision_details.provider            repository 
_pdbx_audit_revision_details.type                'Initial release' 
_pdbx_audit_revision_details.description         ? 
_pdbx_audit_revision_details.details             ? 
# 
loop_
_pdbx_audit_revision_group.ordinal 
_pdbx_audit_revision_group.revision_ordinal 
_pdbx_audit_revision_group.data_content_type 
_pdbx_audit_revision_group.group 
1 2 'Structure model' 'Database references'    
2 3 'Structure model' 'Database references'    
3 4 'Structure model' 'Data collection'        
4 4 'Structure model' 'Refinement description' 
# 
loop_
_pdbx_audit_revision_category.ordinal 
_pdbx_audit_revision_category.revision_ordinal 
_pdbx_audit_revision_category.data_content_type 
_pdbx_audit_revision_category.category 
1 2 'Structure model' citation                      
2 3 'Structure model' citation_author               
3 4 'Structure model' chem_comp_atom                
4 4 'Structure model' chem_comp_bond                
5 4 'Structure model' pdbx_initial_refinement_model 
# 
loop_
_pdbx_audit_revision_item.ordinal 
_pdbx_audit_revision_item.revision_ordinal 
_pdbx_audit_revision_item.data_content_type 
_pdbx_audit_revision_item.item 
1 2 'Structure model' '_citation.journal_volume'          
2 2 'Structure model' '_citation.page_first'              
3 2 'Structure model' '_citation.page_last'               
4 2 'Structure model' '_citation.title'                   
5 3 'Structure model' '_citation_author.identifier_ORCID' 
# 
loop_
_software.citation_id 
_software.classification 
_software.compiler_name 
_software.compiler_version 
_software.contact_author 
_software.contact_author_email 
_software.date 
_software.description 
_software.dependencies 
_software.hardware 
_software.language 
_software.location 
_software.mods 
_software.name 
_software.os 
_software.os_version 
_software.type 
_software.version 
_software.pdbx_ordinal 
? refinement       ? ? ? ? ? ? ? ? ? ? ? REFMAC   ? ? ? 5.8.0267 1 
? 'data reduction' ? ? ? ? ? ? ? ? ? ? ? HKL-2000 ? ? ? .        2 
? 'data scaling'   ? ? ? ? ? ? ? ? ? ? ? HKL-2000 ? ? ? .        3 
? phasing          ? ? ? ? ? ? ? ? ? ? ? PHASER   ? ? ? .        4 
# 
_pdbx_entry_details.entry_id                 7KUN 
_pdbx_entry_details.has_ligand_of_interest   Y 
_pdbx_entry_details.compound_details         ? 
_pdbx_entry_details.source_details           ? 
_pdbx_entry_details.nonpolymer_details       ? 
_pdbx_entry_details.sequence_details         ? 
# 
loop_
_pdbx_validate_close_contact.id 
_pdbx_validate_close_contact.PDB_model_num 
_pdbx_validate_close_contact.auth_atom_id_1 
_pdbx_validate_close_contact.auth_asym_id_1 
_pdbx_validate_close_contact.auth_comp_id_1 
_pdbx_validate_close_contact.auth_seq_id_1 
_pdbx_validate_close_contact.PDB_ins_code_1 
_pdbx_validate_close_contact.label_alt_id_1 
_pdbx_validate_close_contact.auth_atom_id_2 
_pdbx_validate_close_contact.auth_asym_id_2 
_pdbx_validate_close_contact.auth_comp_id_2 
_pdbx_validate_close_contact.auth_seq_id_2 
_pdbx_validate_close_contact.PDB_ins_code_2 
_pdbx_validate_close_contact.label_alt_id_2 
_pdbx_validate_close_contact.dist 
1 1 O   A HOH 224 ? ? O B HOH 210 ? ? 1.91 
2 1 O3E B GP3 101 ? ? O B HOH 201 ? ? 2.12 
3 1 O3E A GP3 101 ? ? O A HOH 201 ? ? 2.13 
4 1 O2B A GP3 101 ? ? O A HOH 202 ? ? 2.16 
5 1 O   A HOH 213 ? ? O A HOH 246 ? ? 2.17 
6 1 O   B HOH 214 ? ? O B HOH 244 ? ? 2.19 
# 
loop_
_pdbx_validate_rmsd_angle.id 
_pdbx_validate_rmsd_angle.PDB_model_num 
_pdbx_validate_rmsd_angle.auth_atom_id_1 
_pdbx_validate_rmsd_angle.auth_asym_id_1 
_pdbx_validate_rmsd_angle.auth_comp_id_1 
_pdbx_validate_rmsd_angle.auth_seq_id_1 
_pdbx_validate_rmsd_angle.PDB_ins_code_1 
_pdbx_validate_rmsd_angle.label_alt_id_1 
_pdbx_validate_rmsd_angle.auth_atom_id_2 
_pdbx_validate_rmsd_angle.auth_asym_id_2 
_pdbx_validate_rmsd_angle.auth_comp_id_2 
_pdbx_validate_rmsd_angle.auth_seq_id_2 
_pdbx_validate_rmsd_angle.PDB_ins_code_2 
_pdbx_validate_rmsd_angle.label_alt_id_2 
_pdbx_validate_rmsd_angle.auth_atom_id_3 
_pdbx_validate_rmsd_angle.auth_asym_id_3 
_pdbx_validate_rmsd_angle.auth_comp_id_3 
_pdbx_validate_rmsd_angle.auth_seq_id_3 
_pdbx_validate_rmsd_angle.PDB_ins_code_3 
_pdbx_validate_rmsd_angle.label_alt_id_3 
_pdbx_validate_rmsd_angle.angle_value 
_pdbx_validate_rmsd_angle.angle_target_value 
_pdbx_validate_rmsd_angle.angle_deviation 
_pdbx_validate_rmsd_angle.angle_standard_deviation 
_pdbx_validate_rmsd_angle.linker_flag 
1 1 "O5'" A U 7 ? ? P A U 7 ? ? OP2 A U 7 ? ? 99.22 105.70 -6.48 0.90 N 
2 1 "O5'" B U 7 ? ? P B U 7 ? ? OP2 B U 7 ? ? 99.50 105.70 -6.20 0.90 N 
3 1 "O5'" B U 8 ? ? P B U 8 ? ? OP2 B U 8 ? ? 99.98 105.70 -5.72 0.90 N 
# 
loop_
_chem_comp_atom.comp_id 
_chem_comp_atom.atom_id 
_chem_comp_atom.type_symbol 
_chem_comp_atom.pdbx_aromatic_flag 
_chem_comp_atom.pdbx_stereo_config 
_chem_comp_atom.pdbx_ordinal 
A   OP3    O  N N 1   
A   P      P  N N 2   
A   OP1    O  N N 3   
A   OP2    O  N N 4   
A   "O5'"  O  N N 5   
A   "C5'"  C  N N 6   
A   "C4'"  C  N R 7   
A   "O4'"  O  N N 8   
A   "C3'"  C  N S 9   
A   "O3'"  O  N N 10  
A   "C2'"  C  N R 11  
A   "O2'"  O  N N 12  
A   "C1'"  C  N R 13  
A   N9     N  Y N 14  
A   C8     C  Y N 15  
A   N7     N  Y N 16  
A   C5     C  Y N 17  
A   C6     C  Y N 18  
A   N6     N  N N 19  
A   N1     N  Y N 20  
A   C2     C  Y N 21  
A   N3     N  Y N 22  
A   C4     C  Y N 23  
A   HOP3   H  N N 24  
A   HOP2   H  N N 25  
A   "H5'"  H  N N 26  
A   "H5''" H  N N 27  
A   "H4'"  H  N N 28  
A   "H3'"  H  N N 29  
A   "HO3'" H  N N 30  
A   "H2'"  H  N N 31  
A   "HO2'" H  N N 32  
A   "H1'"  H  N N 33  
A   H8     H  N N 34  
A   H61    H  N N 35  
A   H62    H  N N 36  
A   H2     H  N N 37  
C   OP3    O  N N 38  
C   P      P  N N 39  
C   OP1    O  N N 40  
C   OP2    O  N N 41  
C   "O5'"  O  N N 42  
C   "C5'"  C  N N 43  
C   "C4'"  C  N R 44  
C   "O4'"  O  N N 45  
C   "C3'"  C  N S 46  
C   "O3'"  O  N N 47  
C   "C2'"  C  N R 48  
C   "O2'"  O  N N 49  
C   "C1'"  C  N R 50  
C   N1     N  N N 51  
C   C2     C  N N 52  
C   O2     O  N N 53  
C   N3     N  N N 54  
C   C4     C  N N 55  
C   N4     N  N N 56  
C   C5     C  N N 57  
C   C6     C  N N 58  
C   HOP3   H  N N 59  
C   HOP2   H  N N 60  
C   "H5'"  H  N N 61  
C   "H5''" H  N N 62  
C   "H4'"  H  N N 63  
C   "H3'"  H  N N 64  
C   "HO3'" H  N N 65  
C   "H2'"  H  N N 66  
C   "HO2'" H  N N 67  
C   "H1'"  H  N N 68  
C   H41    H  N N 69  
C   H42    H  N N 70  
C   H5     H  N N 71  
C   H6     H  N N 72  
G   OP3    O  N N 73  
G   P      P  N N 74  
G   OP1    O  N N 75  
G   OP2    O  N N 76  
G   "O5'"  O  N N 77  
G   "C5'"  C  N N 78  
G   "C4'"  C  N R 79  
G   "O4'"  O  N N 80  
G   "C3'"  C  N S 81  
G   "O3'"  O  N N 82  
G   "C2'"  C  N R 83  
G   "O2'"  O  N N 84  
G   "C1'"  C  N R 85  
G   N9     N  Y N 86  
G   C8     C  Y N 87  
G   N7     N  Y N 88  
G   C5     C  Y N 89  
G   C6     C  N N 90  
G   O6     O  N N 91  
G   N1     N  N N 92  
G   C2     C  N N 93  
G   N2     N  N N 94  
G   N3     N  N N 95  
G   C4     C  Y N 96  
G   HOP3   H  N N 97  
G   HOP2   H  N N 98  
G   "H5'"  H  N N 99  
G   "H5''" H  N N 100 
G   "H4'"  H  N N 101 
G   "H3'"  H  N N 102 
G   "HO3'" H  N N 103 
G   "H2'"  H  N N 104 
G   "HO2'" H  N N 105 
G   "H1'"  H  N N 106 
G   H8     H  N N 107 
G   H1     H  N N 108 
G   H21    H  N N 109 
G   H22    H  N N 110 
GF2 F      F  N N 111 
GF2 P      P  N N 112 
GF2 N1     N  N N 113 
GF2 C2     C  N N 114 
GF2 N2     N  N N 115 
GF2 N3     N  N N 116 
GF2 C4     C  Y N 117 
GF2 C5     C  Y N 118 
GF2 C6     C  N N 119 
GF2 O6     O  N N 120 
GF2 N7     N  Y N 121 
GF2 C8     C  Y N 122 
GF2 N9     N  Y N 123 
GF2 "C1'"  C  N R 124 
GF2 OP2    O  N N 125 
GF2 "C2'"  C  N R 126 
GF2 OP1    O  N N 127 
GF2 "C3'"  C  N R 128 
GF2 "O3'"  O  N N 129 
GF2 "C4'"  C  N R 130 
GF2 "O4'"  O  N N 131 
GF2 "C5'"  C  N N 132 
GF2 "O5'"  O  N N 133 
GF2 OP3    O  N N 134 
GF2 HN1    H  N N 135 
GF2 HN2    H  N N 136 
GF2 HN2A   H  N N 137 
GF2 H8     H  N N 138 
GF2 "H1'"  H  N N 139 
GF2 HOP2   H  N N 140 
GF2 "H2'"  H  N N 141 
GF2 "H3'"  H  N N 142 
GF2 "HO3'" H  N N 143 
GF2 "H4'"  H  N N 144 
GF2 "H5'"  H  N N 145 
GF2 "H5'A" H  N N 146 
GF2 HOP3   H  N N 147 
GP3 N9A    N  Y N 148 
GP3 C8A    C  Y N 149 
GP3 N7A    N  Y N 150 
GP3 C5A    C  Y N 151 
GP3 C6A    C  N N 152 
GP3 O6A    O  N N 153 
GP3 N1A    N  N N 154 
GP3 C2A    C  N N 155 
GP3 N2A    N  N N 156 
GP3 N3A    N  N N 157 
GP3 C4A    C  Y N 158 
GP3 O5D    O  N N 159 
GP3 C5D    C  N N 160 
GP3 C4D    C  N R 161 
GP3 O4D    O  N N 162 
GP3 C3D    C  N S 163 
GP3 O3D    O  N N 164 
GP3 C2D    C  N R 165 
GP3 O2D    O  N N 166 
GP3 C1D    C  N R 167 
GP3 PA     P  N R 168 
GP3 O1A    O  N N 169 
GP3 O2A    O  N N 170 
GP3 O3A    O  N N 171 
GP3 PB     P  N N 172 
GP3 O1B    O  N N 173 
GP3 O2B    O  N N 174 
GP3 O3B    O  N N 175 
GP3 PG     P  N R 176 
GP3 O1G    O  N N 177 
GP3 O2G    O  N N 178 
GP3 O5E    O  N N 179 
GP3 C5E    C  N N 180 
GP3 C4E    C  N R 181 
GP3 O4E    O  N N 182 
GP3 C3E    C  N S 183 
GP3 O3E    O  N N 184 
GP3 C2E    C  N R 185 
GP3 O2E    O  N N 186 
GP3 C1E    C  N R 187 
GP3 N9B    N  Y N 188 
GP3 C8B    C  Y N 189 
GP3 N7B    N  Y N 190 
GP3 C5B    C  Y N 191 
GP3 C6B    C  N N 192 
GP3 O6B    O  N N 193 
GP3 N1B    N  N N 194 
GP3 C2B    C  N N 195 
GP3 N2B    N  N N 196 
GP3 N3B    N  N N 197 
GP3 C4B    C  Y N 198 
GP3 H8A    H  N N 199 
GP3 H1A    H  N N 200 
GP3 H21A   H  N N 201 
GP3 H22A   H  N N 202 
GP3 H51A   H  N N 203 
GP3 H52A   H  N N 204 
GP3 H4D    H  N N 205 
GP3 H3D    H  N N 206 
GP3 HO3A   H  N N 207 
GP3 H2D    H  N N 208 
GP3 HO2A   H  N N 209 
GP3 H1D    H  N N 210 
GP3 HOA2   H  N N 211 
GP3 HOB2   H  N N 212 
GP3 HOG2   H  N N 213 
GP3 H51B   H  N N 214 
GP3 H52B   H  N N 215 
GP3 H4E    H  N N 216 
GP3 H3E    H  N N 217 
GP3 HO3B   H  N N 218 
GP3 H2E    H  N N 219 
GP3 HO2B   H  N N 220 
GP3 H1E    H  N N 221 
GP3 H8B    H  N N 222 
GP3 H1B    H  N N 223 
GP3 H21B   H  N N 224 
GP3 H22B   H  N N 225 
HOH O      O  N N 226 
HOH H1     H  N N 227 
HOH H2     H  N N 228 
LCC "O5'"  O  N N 229 
LCC "C5'"  C  N N 230 
LCC "C4'"  C  N R 231 
LCC "O4'"  O  N N 232 
LCC "C1'"  C  N R 233 
LCC N1     N  N N 234 
LCC C6     C  N N 235 
LCC C5     C  N N 236 
LCC C5M    C  N N 237 
LCC C4     C  N N 238 
LCC N4     N  N N 239 
LCC N3     N  N N 240 
LCC C2     C  N N 241 
LCC O2     O  N N 242 
LCC "C3'"  C  N S 243 
LCC "C2'"  C  N R 244 
LCC "O2'"  O  N N 245 
LCC "O3'"  O  N N 246 
LCC "C6'"  C  N N 247 
LCC P      P  N N 248 
LCC O1P    O  N N 249 
LCC O2P    O  N N 250 
LCC OXT    O  N N 251 
LCC "H5'1" H  N N 252 
LCC "H5'2" H  N N 253 
LCC "H1'"  H  N N 254 
LCC H6     H  N N 255 
LCC H5M1   H  N N 256 
LCC H5M2   H  N N 257 
LCC H5M3   H  N N 258 
LCC H41    H  N N 259 
LCC H42    H  N N 260 
LCC "H3'"  H  N N 261 
LCC "H2'1" H  N N 262 
LCC H3T    H  N N 263 
LCC "H6'1" H  N N 264 
LCC "H6'2" H  N N 265 
LCC H1P    H  N N 266 
LCC HXT    H  N N 267 
LCG P      P  N N 268 
LCG OP1    O  N N 269 
LCG "O5'"  O  N N 270 
LCG "C5'"  C  N N 271 
LCG "C3'"  C  N S 272 
LCG "C6'"  C  N N 273 
LCG N9     N  Y N 274 
LCG C8     C  Y N 275 
LCG C4     C  Y N 276 
LCG N7     N  Y N 277 
LCG C5     C  Y N 278 
LCG C6     C  N N 279 
LCG "C2'"  C  N R 280 
LCG O6     O  N N 281 
LCG "C4'"  C  N R 282 
LCG "C1'"  C  N R 283 
LCG C2     C  N N 284 
LCG N1     N  N N 285 
LCG "O4'"  O  N N 286 
LCG OP2    O  N N 287 
LCG N2     N  N N 288 
LCG N3     N  N N 289 
LCG "O2'"  O  N N 290 
LCG "O3'"  O  N N 291 
LCG OP3    O  N N 292 
LCG "H5'"  H  N N 293 
LCG "H5''" H  N N 294 
LCG "H3'"  H  N N 295 
LCG "H6'1" H  N N 296 
LCG "H6'2" H  N N 297 
LCG H8     H  N N 298 
LCG "H2'"  H  N N 299 
LCG "H1'"  H  N N 300 
LCG H1     H  N N 301 
LCG HOP2   H  N N 302 
LCG H21    H  N N 303 
LCG H22    H  N N 304 
LCG "HO3'" H  N N 305 
LCG HOP3   H  N N 306 
LKC N1     N  N N 307 
LKC C2     C  N N 308 
LKC N3     N  N N 309 
LKC C4     C  N N 310 
LKC C5     C  N N 311 
LKC C6     C  N N 312 
LKC O2     O  N N 313 
LKC N4     N  N N 314 
LKC "C1'"  C  N R 315 
LKC "C2'"  C  N R 316 
LKC "C3'"  C  N S 317 
LKC "C4'"  C  N S 318 
LKC "O4'"  O  N N 319 
LKC "O3'"  O  N N 320 
LKC "C5'"  C  N N 321 
LKC "O5'"  O  N N 322 
LKC C5A    C  N N 323 
LKC "O2'"  O  N N 324 
LKC "C6'"  C  N N 325 
LKC H6     H  N N 326 
LKC H41    H  N N 327 
LKC H42    H  N N 328 
LKC "H1'"  H  N N 329 
LKC "H2'1" H  N N 330 
LKC "H3'"  H  N N 331 
LKC H3T    H  N N 332 
LKC "H5'1" H  N N 333 
LKC "H5'2" H  N N 334 
LKC H5T    H  N N 335 
LKC H5M1   H  N N 336 
LKC H5M2   H  N N 337 
LKC H5M3   H  N N 338 
LKC "H6'1" H  N N 339 
LKC "H6'2" H  N N 340 
MG  MG     MG N N 341 
U   OP3    O  N N 342 
U   P      P  N N 343 
U   OP1    O  N N 344 
U   OP2    O  N N 345 
U   "O5'"  O  N N 346 
U   "C5'"  C  N N 347 
U   "C4'"  C  N R 348 
U   "O4'"  O  N N 349 
U   "C3'"  C  N S 350 
U   "O3'"  O  N N 351 
U   "C2'"  C  N R 352 
U   "O2'"  O  N N 353 
U   "C1'"  C  N R 354 
U   N1     N  N N 355 
U   C2     C  N N 356 
U   O2     O  N N 357 
U   N3     N  N N 358 
U   C4     C  N N 359 
U   O4     O  N N 360 
U   C5     C  N N 361 
U   C6     C  N N 362 
U   HOP3   H  N N 363 
U   HOP2   H  N N 364 
U   "H5'"  H  N N 365 
U   "H5''" H  N N 366 
U   "H4'"  H  N N 367 
U   "H3'"  H  N N 368 
U   "HO3'" H  N N 369 
U   "H2'"  H  N N 370 
U   "HO2'" H  N N 371 
U   "H1'"  H  N N 372 
U   H3     H  N N 373 
U   H5     H  N N 374 
U   H6     H  N N 375 
# 
loop_
_chem_comp_bond.comp_id 
_chem_comp_bond.atom_id_1 
_chem_comp_bond.atom_id_2 
_chem_comp_bond.value_order 
_chem_comp_bond.pdbx_aromatic_flag 
_chem_comp_bond.pdbx_stereo_config 
_chem_comp_bond.pdbx_ordinal 
A   OP3   P      sing N N 1   
A   OP3   HOP3   sing N N 2   
A   P     OP1    doub N N 3   
A   P     OP2    sing N N 4   
A   P     "O5'"  sing N N 5   
A   OP2   HOP2   sing N N 6   
A   "O5'" "C5'"  sing N N 7   
A   "C5'" "C4'"  sing N N 8   
A   "C5'" "H5'"  sing N N 9   
A   "C5'" "H5''" sing N N 10  
A   "C4'" "O4'"  sing N N 11  
A   "C4'" "C3'"  sing N N 12  
A   "C4'" "H4'"  sing N N 13  
A   "O4'" "C1'"  sing N N 14  
A   "C3'" "O3'"  sing N N 15  
A   "C3'" "C2'"  sing N N 16  
A   "C3'" "H3'"  sing N N 17  
A   "O3'" "HO3'" sing N N 18  
A   "C2'" "O2'"  sing N N 19  
A   "C2'" "C1'"  sing N N 20  
A   "C2'" "H2'"  sing N N 21  
A   "O2'" "HO2'" sing N N 22  
A   "C1'" N9     sing N N 23  
A   "C1'" "H1'"  sing N N 24  
A   N9    C8     sing Y N 25  
A   N9    C4     sing Y N 26  
A   C8    N7     doub Y N 27  
A   C8    H8     sing N N 28  
A   N7    C5     sing Y N 29  
A   C5    C6     sing Y N 30  
A   C5    C4     doub Y N 31  
A   C6    N6     sing N N 32  
A   C6    N1     doub Y N 33  
A   N6    H61    sing N N 34  
A   N6    H62    sing N N 35  
A   N1    C2     sing Y N 36  
A   C2    N3     doub Y N 37  
A   C2    H2     sing N N 38  
A   N3    C4     sing Y N 39  
C   OP3   P      sing N N 40  
C   OP3   HOP3   sing N N 41  
C   P     OP1    doub N N 42  
C   P     OP2    sing N N 43  
C   P     "O5'"  sing N N 44  
C   OP2   HOP2   sing N N 45  
C   "O5'" "C5'"  sing N N 46  
C   "C5'" "C4'"  sing N N 47  
C   "C5'" "H5'"  sing N N 48  
C   "C5'" "H5''" sing N N 49  
C   "C4'" "O4'"  sing N N 50  
C   "C4'" "C3'"  sing N N 51  
C   "C4'" "H4'"  sing N N 52  
C   "O4'" "C1'"  sing N N 53  
C   "C3'" "O3'"  sing N N 54  
C   "C3'" "C2'"  sing N N 55  
C   "C3'" "H3'"  sing N N 56  
C   "O3'" "HO3'" sing N N 57  
C   "C2'" "O2'"  sing N N 58  
C   "C2'" "C1'"  sing N N 59  
C   "C2'" "H2'"  sing N N 60  
C   "O2'" "HO2'" sing N N 61  
C   "C1'" N1     sing N N 62  
C   "C1'" "H1'"  sing N N 63  
C   N1    C2     sing N N 64  
C   N1    C6     sing N N 65  
C   C2    O2     doub N N 66  
C   C2    N3     sing N N 67  
C   N3    C4     doub N N 68  
C   C4    N4     sing N N 69  
C   C4    C5     sing N N 70  
C   N4    H41    sing N N 71  
C   N4    H42    sing N N 72  
C   C5    C6     doub N N 73  
C   C5    H5     sing N N 74  
C   C6    H6     sing N N 75  
G   OP3   P      sing N N 76  
G   OP3   HOP3   sing N N 77  
G   P     OP1    doub N N 78  
G   P     OP2    sing N N 79  
G   P     "O5'"  sing N N 80  
G   OP2   HOP2   sing N N 81  
G   "O5'" "C5'"  sing N N 82  
G   "C5'" "C4'"  sing N N 83  
G   "C5'" "H5'"  sing N N 84  
G   "C5'" "H5''" sing N N 85  
G   "C4'" "O4'"  sing N N 86  
G   "C4'" "C3'"  sing N N 87  
G   "C4'" "H4'"  sing N N 88  
G   "O4'" "C1'"  sing N N 89  
G   "C3'" "O3'"  sing N N 90  
G   "C3'" "C2'"  sing N N 91  
G   "C3'" "H3'"  sing N N 92  
G   "O3'" "HO3'" sing N N 93  
G   "C2'" "O2'"  sing N N 94  
G   "C2'" "C1'"  sing N N 95  
G   "C2'" "H2'"  sing N N 96  
G   "O2'" "HO2'" sing N N 97  
G   "C1'" N9     sing N N 98  
G   "C1'" "H1'"  sing N N 99  
G   N9    C8     sing Y N 100 
G   N9    C4     sing Y N 101 
G   C8    N7     doub Y N 102 
G   C8    H8     sing N N 103 
G   N7    C5     sing Y N 104 
G   C5    C6     sing N N 105 
G   C5    C4     doub Y N 106 
G   C6    O6     doub N N 107 
G   C6    N1     sing N N 108 
G   N1    C2     sing N N 109 
G   N1    H1     sing N N 110 
G   C2    N2     sing N N 111 
G   C2    N3     doub N N 112 
G   N2    H21    sing N N 113 
G   N2    H22    sing N N 114 
G   N3    C4     sing N N 115 
GF2 P     "O5'"  sing N N 116 
GF2 N1    C2     sing N N 117 
GF2 C2    N3     doub N N 118 
GF2 C2    N2     sing N N 119 
GF2 C4    N3     sing N N 120 
GF2 C5    C4     doub Y N 121 
GF2 C6    N1     sing N N 122 
GF2 C6    C5     sing N N 123 
GF2 O6    C6     doub N N 124 
GF2 N7    C5     sing Y N 125 
GF2 N7    C8     doub Y N 126 
GF2 C8    N9     sing Y N 127 
GF2 N9    C4     sing Y N 128 
GF2 N9    "C1'"  sing N N 129 
GF2 "C1'" "O4'"  sing N N 130 
GF2 OP2   P      sing N N 131 
GF2 "C2'" F      sing N N 132 
GF2 "C2'" "C1'"  sing N N 133 
GF2 OP1   P      doub N N 134 
GF2 "C3'" "C2'"  sing N N 135 
GF2 "C3'" "C4'"  sing N N 136 
GF2 "O3'" "C3'"  sing N N 137 
GF2 "C4'" "O4'"  sing N N 138 
GF2 "C5'" "C4'"  sing N N 139 
GF2 "O5'" "C5'"  sing N N 140 
GF2 P     OP3    sing N N 141 
GF2 N1    HN1    sing N N 142 
GF2 N2    HN2    sing N N 143 
GF2 N2    HN2A   sing N N 144 
GF2 C8    H8     sing N N 145 
GF2 "C1'" "H1'"  sing N N 146 
GF2 OP2   HOP2   sing N N 147 
GF2 "C2'" "H2'"  sing N N 148 
GF2 "C3'" "H3'"  sing N N 149 
GF2 "O3'" "HO3'" sing N N 150 
GF2 "C4'" "H4'"  sing N N 151 
GF2 "C5'" "H5'"  sing N N 152 
GF2 "C5'" "H5'A" sing N N 153 
GF2 OP3   HOP3   sing N N 154 
GP3 N9A   C8A    sing Y N 155 
GP3 N9A   C4A    sing Y N 156 
GP3 N9A   C1D    sing N N 157 
GP3 C8A   N7A    doub Y N 158 
GP3 C8A   H8A    sing N N 159 
GP3 N7A   C5A    sing Y N 160 
GP3 C5A   C6A    sing N N 161 
GP3 C5A   C4A    doub Y N 162 
GP3 C6A   O6A    doub N N 163 
GP3 C6A   N1A    sing N N 164 
GP3 N1A   C2A    sing N N 165 
GP3 N1A   H1A    sing N N 166 
GP3 C2A   N2A    sing N N 167 
GP3 C2A   N3A    doub N N 168 
GP3 N2A   H21A   sing N N 169 
GP3 N2A   H22A   sing N N 170 
GP3 N3A   C4A    sing N N 171 
GP3 O5D   C5D    sing N N 172 
GP3 O5D   PA     sing N N 173 
GP3 C5D   C4D    sing N N 174 
GP3 C5D   H51A   sing N N 175 
GP3 C5D   H52A   sing N N 176 
GP3 C4D   O4D    sing N N 177 
GP3 C4D   C3D    sing N N 178 
GP3 C4D   H4D    sing N N 179 
GP3 O4D   C1D    sing N N 180 
GP3 C3D   O3D    sing N N 181 
GP3 C3D   C2D    sing N N 182 
GP3 C3D   H3D    sing N N 183 
GP3 O3D   HO3A   sing N N 184 
GP3 C2D   O2D    sing N N 185 
GP3 C2D   C1D    sing N N 186 
GP3 C2D   H2D    sing N N 187 
GP3 O2D   HO2A   sing N N 188 
GP3 C1D   H1D    sing N N 189 
GP3 PA    O1A    doub N N 190 
GP3 PA    O2A    sing N N 191 
GP3 PA    O3A    sing N N 192 
GP3 O2A   HOA2   sing N N 193 
GP3 O3A   PB     sing N N 194 
GP3 PB    O1B    doub N N 195 
GP3 PB    O2B    sing N N 196 
GP3 PB    O3B    sing N N 197 
GP3 O2B   HOB2   sing N N 198 
GP3 O3B   PG     sing N N 199 
GP3 PG    O1G    doub N N 200 
GP3 PG    O2G    sing N N 201 
GP3 PG    O5E    sing N N 202 
GP3 O2G   HOG2   sing N N 203 
GP3 O5E   C5E    sing N N 204 
GP3 C5E   C4E    sing N N 205 
GP3 C5E   H51B   sing N N 206 
GP3 C5E   H52B   sing N N 207 
GP3 C4E   O4E    sing N N 208 
GP3 C4E   C3E    sing N N 209 
GP3 C4E   H4E    sing N N 210 
GP3 O4E   C1E    sing N N 211 
GP3 C3E   O3E    sing N N 212 
GP3 C3E   C2E    sing N N 213 
GP3 C3E   H3E    sing N N 214 
GP3 O3E   HO3B   sing N N 215 
GP3 C2E   O2E    sing N N 216 
GP3 C2E   C1E    sing N N 217 
GP3 C2E   H2E    sing N N 218 
GP3 O2E   HO2B   sing N N 219 
GP3 C1E   N9B    sing N N 220 
GP3 C1E   H1E    sing N N 221 
GP3 N9B   C8B    sing Y N 222 
GP3 N9B   C4B    sing Y N 223 
GP3 C8B   N7B    doub Y N 224 
GP3 C8B   H8B    sing N N 225 
GP3 N7B   C5B    sing Y N 226 
GP3 C5B   C6B    sing N N 227 
GP3 C5B   C4B    doub Y N 228 
GP3 C6B   O6B    doub N N 229 
GP3 C6B   N1B    sing N N 230 
GP3 N1B   C2B    sing N N 231 
GP3 N1B   H1B    sing N N 232 
GP3 C2B   N2B    sing N N 233 
GP3 C2B   N3B    doub N N 234 
GP3 N2B   H21B   sing N N 235 
GP3 N2B   H22B   sing N N 236 
GP3 N3B   C4B    sing N N 237 
HOH O     H1     sing N N 238 
HOH O     H2     sing N N 239 
LCC "O5'" "C5'"  sing N N 240 
LCC "O5'" P      sing N N 241 
LCC "C5'" "C4'"  sing N N 242 
LCC "C5'" "H5'1" sing N N 243 
LCC "C5'" "H5'2" sing N N 244 
LCC "C4'" "O4'"  sing N N 245 
LCC "C4'" "C3'"  sing N N 246 
LCC "C4'" "C6'"  sing N N 247 
LCC "O4'" "C1'"  sing N N 248 
LCC "C1'" N1     sing N N 249 
LCC "C1'" "C2'"  sing N N 250 
LCC "C1'" "H1'"  sing N N 251 
LCC N1    C6     sing N N 252 
LCC N1    C2     sing N N 253 
LCC C6    C5     doub N N 254 
LCC C6    H6     sing N N 255 
LCC C5    C5M    sing N N 256 
LCC C5    C4     sing N N 257 
LCC C5M   H5M1   sing N N 258 
LCC C5M   H5M2   sing N N 259 
LCC C5M   H5M3   sing N N 260 
LCC C4    N4     sing N N 261 
LCC C4    N3     doub N N 262 
LCC N4    H41    sing N N 263 
LCC N4    H42    sing N N 264 
LCC N3    C2     sing N N 265 
LCC C2    O2     doub N N 266 
LCC "C3'" "C2'"  sing N N 267 
LCC "C3'" "O3'"  sing N N 268 
LCC "C3'" "H3'"  sing N N 269 
LCC "C2'" "O2'"  sing N N 270 
LCC "C2'" "H2'1" sing N N 271 
LCC "O2'" "C6'"  sing N N 272 
LCC "O3'" H3T    sing N N 273 
LCC "C6'" "H6'1" sing N N 274 
LCC "C6'" "H6'2" sing N N 275 
LCC P     O1P    sing N N 276 
LCC P     O2P    doub N N 277 
LCC P     OXT    sing N N 278 
LCC O1P   H1P    sing N N 279 
LCC OXT   HXT    sing N N 280 
LCG P     OP1    doub N N 281 
LCG P     "O5'"  sing N N 282 
LCG P     OP2    sing N N 283 
LCG P     OP3    sing N N 284 
LCG "O5'" "C5'"  sing N N 285 
LCG "C5'" "C4'"  sing N N 286 
LCG "C5'" "H5'"  sing N N 287 
LCG "C5'" "H5''" sing N N 288 
LCG "C3'" "C2'"  sing N N 289 
LCG "C3'" "C4'"  sing N N 290 
LCG "C3'" "O3'"  sing N N 291 
LCG "C3'" "H3'"  sing N N 292 
LCG "C6'" "C4'"  sing N N 293 
LCG "C6'" "O2'"  sing N N 294 
LCG "C6'" "H6'1" sing N N 295 
LCG "C6'" "H6'2" sing N N 296 
LCG N9    C8     sing Y N 297 
LCG N9    C4     sing Y N 298 
LCG N9    "C1'"  sing N N 299 
LCG C8    N7     doub Y N 300 
LCG C8    H8     sing N N 301 
LCG C4    C5     doub Y N 302 
LCG C4    N3     sing N N 303 
LCG N7    C5     sing Y N 304 
LCG C5    C6     sing N N 305 
LCG C6    O6     doub N N 306 
LCG C6    N1     sing N N 307 
LCG "C2'" "C1'"  sing N N 308 
LCG "C2'" "O2'"  sing N N 309 
LCG "C2'" "H2'"  sing N N 310 
LCG "C4'" "O4'"  sing N N 311 
LCG "C1'" "O4'"  sing N N 312 
LCG "C1'" "H1'"  sing N N 313 
LCG C2    N1     sing N N 314 
LCG C2    N2     sing N N 315 
LCG C2    N3     doub N N 316 
LCG N1    H1     sing N N 317 
LCG OP2   HOP2   sing N N 318 
LCG N2    H21    sing N N 319 
LCG N2    H22    sing N N 320 
LCG "O3'" "HO3'" sing N N 321 
LCG OP3   HOP3   sing N N 322 
LKC N1    C2     sing N N 323 
LKC N1    C6     sing N N 324 
LKC N1    "C1'"  sing N N 325 
LKC C2    N3     sing N N 326 
LKC C2    O2     doub N N 327 
LKC N3    C4     doub N N 328 
LKC C4    C5     sing N N 329 
LKC C4    N4     sing N N 330 
LKC C5    C6     doub N N 331 
LKC C5    C5A    sing N N 332 
LKC C6    H6     sing N N 333 
LKC N4    H41    sing N N 334 
LKC N4    H42    sing N N 335 
LKC "C1'" "C2'"  sing N N 336 
LKC "C1'" "O4'"  sing N N 337 
LKC "C1'" "H1'"  sing N N 338 
LKC "C2'" "C3'"  sing N N 339 
LKC "C2'" "O2'"  sing N N 340 
LKC "C2'" "H2'1" sing N N 341 
LKC "C3'" "C4'"  sing N N 342 
LKC "C3'" "O3'"  sing N N 343 
LKC "C3'" "H3'"  sing N N 344 
LKC "C4'" "O4'"  sing N N 345 
LKC "C4'" "C5'"  sing N N 346 
LKC "C4'" "C6'"  sing N N 347 
LKC "O3'" H3T    sing N N 348 
LKC "C5'" "O5'"  sing N N 349 
LKC "C5'" "H5'1" sing N N 350 
LKC "C5'" "H5'2" sing N N 351 
LKC "O5'" H5T    sing N N 352 
LKC C5A   H5M1   sing N N 353 
LKC C5A   H5M2   sing N N 354 
LKC C5A   H5M3   sing N N 355 
LKC "O2'" "C6'"  sing N N 356 
LKC "C6'" "H6'1" sing N N 357 
LKC "C6'" "H6'2" sing N N 358 
U   OP3   P      sing N N 359 
U   OP3   HOP3   sing N N 360 
U   P     OP1    doub N N 361 
U   P     OP2    sing N N 362 
U   P     "O5'"  sing N N 363 
U   OP2   HOP2   sing N N 364 
U   "O5'" "C5'"  sing N N 365 
U   "C5'" "C4'"  sing N N 366 
U   "C5'" "H5'"  sing N N 367 
U   "C5'" "H5''" sing N N 368 
U   "C4'" "O4'"  sing N N 369 
U   "C4'" "C3'"  sing N N 370 
U   "C4'" "H4'"  sing N N 371 
U   "O4'" "C1'"  sing N N 372 
U   "C3'" "O3'"  sing N N 373 
U   "C3'" "C2'"  sing N N 374 
U   "C3'" "H3'"  sing N N 375 
U   "O3'" "HO3'" sing N N 376 
U   "C2'" "O2'"  sing N N 377 
U   "C2'" "C1'"  sing N N 378 
U   "C2'" "H2'"  sing N N 379 
U   "O2'" "HO2'" sing N N 380 
U   "C1'" N1     sing N N 381 
U   "C1'" "H1'"  sing N N 382 
U   N1    C2     sing N N 383 
U   N1    C6     sing N N 384 
U   C2    O2     doub N N 385 
U   C2    N3     sing N N 386 
U   N3    C4     sing N N 387 
U   N3    H3     sing N N 388 
U   C4    O4     doub N N 389 
U   C4    C5     sing N N 390 
U   C5    C6     doub N N 391 
U   C5    H5     sing N N 392 
U   C6    H6     sing N N 393 
# 
_ndb_struct_conf_na.entry_id   7KUN 
_ndb_struct_conf_na.feature    'a-form double helix' 
# 
loop_
_ndb_struct_na_base_pair.model_number 
_ndb_struct_na_base_pair.i_label_asym_id 
_ndb_struct_na_base_pair.i_label_comp_id 
_ndb_struct_na_base_pair.i_label_seq_id 
_ndb_struct_na_base_pair.i_symmetry 
_ndb_struct_na_base_pair.j_label_asym_id 
_ndb_struct_na_base_pair.j_label_comp_id 
_ndb_struct_na_base_pair.j_label_seq_id 
_ndb_struct_na_base_pair.j_symmetry 
_ndb_struct_na_base_pair.shear 
_ndb_struct_na_base_pair.stretch 
_ndb_struct_na_base_pair.stagger 
_ndb_struct_na_base_pair.buckle 
_ndb_struct_na_base_pair.propeller 
_ndb_struct_na_base_pair.opening 
_ndb_struct_na_base_pair.pair_number 
_ndb_struct_na_base_pair.pair_name 
_ndb_struct_na_base_pair.i_auth_asym_id 
_ndb_struct_na_base_pair.i_auth_seq_id 
_ndb_struct_na_base_pair.i_PDB_ins_code 
_ndb_struct_na_base_pair.j_auth_asym_id 
_ndb_struct_na_base_pair.j_auth_seq_id 
_ndb_struct_na_base_pair.j_PDB_ins_code 
_ndb_struct_na_base_pair.hbond_type_28 
_ndb_struct_na_base_pair.hbond_type_12 
1 A LCG 4  1_555 B C   13 1_555 -0.264 -0.214 0.030  -0.033 -10.496 -1.399 1  A_LCG4:C13_B A 4  ? B 13 ? 19 1 
1 A A   5  1_555 B U   12 1_555 0.120  -0.143 -0.057 4.887  -11.007 -4.564 2  A_A5:U12_B   A 5  ? B 12 ? 20 1 
1 A C   6  1_555 B G   11 1_555 0.111  -0.163 -0.032 7.997  -17.744 -1.295 3  A_C6:G11_B   A 6  ? B 11 ? 19 1 
1 A U   7  1_555 B A   10 1_555 -0.178 -0.076 0.053  -0.006 -13.567 0.044  4  A_U7:A10_B   A 7  ? B 10 ? 20 1 
1 A U   8  1_555 B A   9  1_555 0.069  -0.108 0.044  1.069  -13.713 5.007  5  A_U8:A9_B    A 8  ? B 9  ? 20 1 
1 A A   9  1_555 B U   8  1_555 -0.078 -0.161 0.101  -1.460 -13.690 3.999  6  A_A9:U8_B    A 9  ? B 8  ? 20 1 
1 A A   10 1_555 B U   7  1_555 0.142  -0.086 0.044  -0.165 -14.366 -0.303 7  A_A10:U7_B   A 10 ? B 7  ? 20 1 
1 A G   11 1_555 B C   6  1_555 -0.098 -0.164 -0.018 -7.736 -17.826 -1.136 8  A_G11:C6_B   A 11 ? B 6  ? 19 1 
1 A U   12 1_555 B A   5  1_555 -0.125 -0.123 0.011  -5.562 -10.483 -4.414 9  A_U12:A5_B   A 12 ? B 5  ? 20 1 
1 A C   13 1_555 B LCG 4  1_555 0.246  -0.196 0.051  -0.030 -11.165 -1.301 10 A_C13:LCG4_B A 13 ? B 4  ? 19 1 
# 
loop_
_ndb_struct_na_base_pair_step.model_number 
_ndb_struct_na_base_pair_step.i_label_asym_id_1 
_ndb_struct_na_base_pair_step.i_label_comp_id_1 
_ndb_struct_na_base_pair_step.i_label_seq_id_1 
_ndb_struct_na_base_pair_step.i_symmetry_1 
_ndb_struct_na_base_pair_step.j_label_asym_id_1 
_ndb_struct_na_base_pair_step.j_label_comp_id_1 
_ndb_struct_na_base_pair_step.j_label_seq_id_1 
_ndb_struct_na_base_pair_step.j_symmetry_1 
_ndb_struct_na_base_pair_step.i_label_asym_id_2 
_ndb_struct_na_base_pair_step.i_label_comp_id_2 
_ndb_struct_na_base_pair_step.i_label_seq_id_2 
_ndb_struct_na_base_pair_step.i_symmetry_2 
_ndb_struct_na_base_pair_step.j_label_asym_id_2 
_ndb_struct_na_base_pair_step.j_label_comp_id_2 
_ndb_struct_na_base_pair_step.j_label_seq_id_2 
_ndb_struct_na_base_pair_step.j_symmetry_2 
_ndb_struct_na_base_pair_step.shift 
_ndb_struct_na_base_pair_step.slide 
_ndb_struct_na_base_pair_step.rise 
_ndb_struct_na_base_pair_step.tilt 
_ndb_struct_na_base_pair_step.roll 
_ndb_struct_na_base_pair_step.twist 
_ndb_struct_na_base_pair_step.x_displacement 
_ndb_struct_na_base_pair_step.y_displacement 
_ndb_struct_na_base_pair_step.helical_rise 
_ndb_struct_na_base_pair_step.inclination 
_ndb_struct_na_base_pair_step.tip 
_ndb_struct_na_base_pair_step.helical_twist 
_ndb_struct_na_base_pair_step.step_number 
_ndb_struct_na_base_pair_step.step_name 
_ndb_struct_na_base_pair_step.i_auth_asym_id_1 
_ndb_struct_na_base_pair_step.i_auth_seq_id_1 
_ndb_struct_na_base_pair_step.i_PDB_ins_code_1 
_ndb_struct_na_base_pair_step.j_auth_asym_id_1 
_ndb_struct_na_base_pair_step.j_auth_seq_id_1 
_ndb_struct_na_base_pair_step.j_PDB_ins_code_1 
_ndb_struct_na_base_pair_step.i_auth_asym_id_2 
_ndb_struct_na_base_pair_step.i_auth_seq_id_2 
_ndb_struct_na_base_pair_step.i_PDB_ins_code_2 
_ndb_struct_na_base_pair_step.j_auth_asym_id_2 
_ndb_struct_na_base_pair_step.j_auth_seq_id_2 
_ndb_struct_na_base_pair_step.j_PDB_ins_code_2 
1 A LCG 4  1_555 B C 13 1_555 A A 5  1_555 B U   12 1_555 -0.750 -1.514 3.139 -1.764 6.007  31.491 -3.735 1.064  2.846 10.932 
3.210  32.092 1 AA_LCG4A5:U12C13_BB A 4  ? B 13 ? A 5  ? B 12 ? 
1 A A   5  1_555 B U 12 1_555 A C 6  1_555 B G   11 1_555 0.441  -1.580 3.208 -0.708 2.377  31.889 -3.281 -0.923 3.075 4.318  
1.285  31.983 2 AA_A5C6:G11U12_BB   A 5  ? B 12 ? A 6  ? B 11 ? 
1 A C   6  1_555 B G 11 1_555 A U 7  1_555 B A   10 1_555 -0.369 -1.789 3.427 -2.937 11.043 30.893 -4.977 0.167  2.671 19.898 
5.293  32.891 3 AA_C6U7:A10G11_BB   A 6  ? B 11 ? A 7  ? B 10 ? 
1 A U   7  1_555 B A 10 1_555 A U 8  1_555 B A   9  1_555 0.052  -1.112 3.244 -0.720 8.634  31.130 -3.453 -0.214 2.839 15.711 
1.311  32.284 4 AA_U7U8:A9A10_BB    A 7  ? B 10 ? A 8  ? B 9  ? 
1 A U   8  1_555 B A 9  1_555 A A 9  1_555 B U   8  1_555 -0.018 -1.335 3.215 -0.455 14.706 31.279 -4.301 -0.033 2.369 25.578 
0.791  34.488 5 AA_U8A9:U8A9_BB     A 8  ? B 9  ? A 9  ? B 8  ? 
1 A A   9  1_555 B U 8  1_555 A A 10 1_555 B U   7  1_555 -0.035 -1.136 3.235 1.276  8.731  31.307 -3.473 0.273  2.820 15.790 
-2.308 32.497 6 AA_A9A10:U7U8_BB    A 9  ? B 8  ? A 10 ? B 7  ? 
1 A A   10 1_555 B U 7  1_555 A G 11 1_555 B C   6  1_555 0.397  -1.792 3.427 2.807  11.027 30.781 -5.004 -0.238 2.669 19.939 
-5.076 32.769 7 AA_A10G11:C6U7_BB   A 10 ? B 7  ? A 11 ? B 6  ? 
1 A G   11 1_555 B C 6  1_555 A U 12 1_555 B A   5  1_555 -0.458 -1.593 3.211 -0.161 2.689  32.190 -3.321 0.796  3.074 4.838  
0.289  32.300 8 AA_G11U12:A5C6_BB   A 11 ? B 6  ? A 12 ? B 5  ? 
1 A U   12 1_555 B A 5  1_555 A C 13 1_555 B LCG 4  1_555 0.754  -1.550 3.125 2.328  5.169  31.324 -3.702 -0.981 2.886 9.477  
-4.268 31.820 9 AA_U12C13:LCG4A5_BB A 12 ? B 5  ? A 13 ? B 4  ? 
# 
loop_
_pdbx_audit_support.funding_organization 
_pdbx_audit_support.country 
_pdbx_audit_support.grant_number 
_pdbx_audit_support.ordinal 
'National Science Foundation (NSF, United States)' 'United States' 1607034 1 
'Howard Hughes Medical Institute (HHMI)'           'United States' ?       2 
# 
loop_
_pdbx_entity_instance_feature.ordinal 
_pdbx_entity_instance_feature.comp_id 
_pdbx_entity_instance_feature.asym_id 
_pdbx_entity_instance_feature.seq_num 
_pdbx_entity_instance_feature.auth_comp_id 
_pdbx_entity_instance_feature.auth_asym_id 
_pdbx_entity_instance_feature.auth_seq_num 
_pdbx_entity_instance_feature.feature_type 
_pdbx_entity_instance_feature.details 
1 GF2 ? ? GF2 ? ? 'SUBJECT OF INVESTIGATION' ? 
2 GP3 ? ? GP3 ? ? 'SUBJECT OF INVESTIGATION' ? 
# 
loop_
_pdbx_entity_nonpoly.entity_id 
_pdbx_entity_nonpoly.name 
_pdbx_entity_nonpoly.comp_id 
2 "DIGUANOSINE-5'-TRIPHOSPHATE" GP3 
3 'MAGNESIUM ION'               MG  
4 water                         HOH 
# 
_pdbx_initial_refinement_model.id               1 
_pdbx_initial_refinement_model.entity_id_list   ? 
_pdbx_initial_refinement_model.type             'experimental model' 
_pdbx_initial_refinement_model.source_name      PDB 
_pdbx_initial_refinement_model.accession_code   5UEE 
_pdbx_initial_refinement_model.details          ? 
# 
